data_7OPL
#
_entry.id   7OPL
#
_cell.length_a   1.00
_cell.length_b   1.00
_cell.length_c   1.00
_cell.angle_alpha   90.00
_cell.angle_beta   90.00
_cell.angle_gamma   90.00
#
_symmetry.space_group_name_H-M   'P 1'
#
loop_
_entity.id
_entity.type
_entity.pdbx_description
1 polymer 'DNA polymerase alpha catalytic subunit'
2 polymer 'DNA polymerase alpha subunit B'
3 polymer 'DNA primase small subunit'
4 polymer 'DNA primase large subunit'
5 polymer 'Non-structural protein 1'
6 non-polymer 'ZINC ION'
7 non-polymer 'IRON/SULFUR CLUSTER'
#
loop_
_entity_poly.entity_id
_entity_poly.type
_entity_poly.pdbx_seq_one_letter_code
_entity_poly.pdbx_strand_id
1 'polypeptide(L)'
;MSAWSHPQFEKGGGSGGGSGGGSWSHPQFEKLEVLFQGPEFGADEEQVFHFYWLDAYEDQYNQPGVVFLFGKVWIESAET
HVSCCVMVKNIERTLYFLPREMKIDLNTGKETGTPISMKDVYEEFDEKIATKYKIMKFKSKPVEKNYAFEIPDVPEKSEY
LEVKYSAEMPQLPQDLKGETFSHVFGTNTSSLELFLMNRKIKGPCWLEVKSPQLLNQPVSWCKVEAMALKPDLVNVIKDV
SPPPLVVMAFSMKTMQNAKNHQNEIIAMAALVHHSFALDKAAPKPPFQSHFCVVSKPKDCIFPYAFKEVIEKKNVKVEVA
ATERTLLGFFLAKVHKIDPDIIVGHNIYGFELEVLLQRINVCKAPHWSKIGRLKRSNMPKLGGRSGFGERNATCGRMICD
VEISAKELIRCKSYHLSELVQQILKTERVVIPMENIQNMYSESSQLLYLLEHTWKDAKFILQIMCELNVLPLALQITNIA
GNIMSRTLMGGRSERNEFLLLHAFYENNYIVPDKQIFRKPQQKLGDEDEEIDGDTNKYKKGRKKAAYAGGLVLDPKVGFY
DKFILLLDFNSLYPSIIQEFNICFTTVQRVASEAQKVTEDGEQEQIPELPDPSLEMGILPREIRKLVERRKQVKQLMKQQ
DLNPDLILQYDIRQKALKLTANSMYGCLGFSYSRFYAKPLAALVTYKGREILMHTKEMVQKMNLEVIYGDTDSIMINTNS
TNLEEVFKLGNKVKSEVNKLYKLLEIDIDGVFKSLLLLKKKKYAALVVEPTSDGNYVTKQELKGLDIVRRDWCDLAKDTG
NFVIGQILSDQSRDTIVENIQKRLIEIGENVLNGSVPVSQFEINKALTKDPQDYPDKKSLPHVHVALWINSQGGRKVKAG
DTVSYVICQDGSNLTASQRAYAPEQLQKQDNLTIDTQYYLAQQIHPVVARICEPIDGIDAVLIATWLGLDPTQFRVHHYH
KDEENDALLGGPAQLTDEEKYRDCERFKCPCPTCGTENIYDNVFDGSGTDMEPSLYRCSNIDCKASPLTFTVQLSNKLIM
DIRRFIKKYYDGWLICEEPTCRNRTRHLPLQFSRTGPLCPACMKATLQPEYSDKSLYTQLCFYRYIFDAECALEKLTTDH
EKDKLKKQFFTPKVLQDYRKLKNTAEQFLSRSGYSEVNLSKLFAGCAVKS
;
A
2 'polypeptide(L)'
;MGSSFSPSATPSQKYNSRSNRGEVVTSFGLAQGVSWSGRGGAGNISLKVLGCPEALTGSYKSMFQKLPDIREVLTCKIEE
LGSELKEHYKIEAFTPLLAPAQEPVTLLGQIGCDSNGKLNNKSVILEGDREHSSGAQIPVDLSELKEYSLFPGQVVIMEG
INTTGRKLVATKLYEGVPLPFYQPTEEDADFEQSMVLVACGPYTTSDSITYDPLLDLIAVINHDRPDVCILFGPFLDAKH
EQVENCLLTSPFEDIFKQCLRTIIEGTRSSGSHLVFVPSLRDVHHEPVYPQPPFSYSDLSREDKKQVQFVSEPCSLSING
VIFGLTSTDLLFHLGAEEISSSSGTSDRFSRILKHILTQRSYYPLYPPQEDMAIDYESFYVYAQLPVTPDVLIIPSELRY
FVKDVLGCVCVNPGRLTKGQVGGTFARLYLRRPAADGAERQSPCIAVQVVRI
;
B
3 'polypeptide(L)'
;MHHHHHHHHHHGENLYFQGTSMETFDPTELPELLKLYYRRLFPYSQYYRWLNYGGVIKNYFQHREFSFTLKDDIYIRYQS
FNNQSDLEKEMQKMNPYKIDIGAVYSHRPNQHNTVKLGAFQAQEKELVFDIDMTDYDDVRRCCSSADICPKCWTLMTMAI
RIIDRALKEDFGFKHRLWVYSGRRGVHCWVCDESVRKLSSAVRSGIVEYLSLVKGGQDVKKKVHLSEKIHPFIRKSINII
KKYFEEYALVNQDILENKESWDKILALVPETIHDELQQSFQKSHNSLQRWEHLKKVASRYQNNIKNDKYGPWLEWEIMLQ
YCFPRLDINVSKGINHLLKSPFSVHPKTGRISVPIDLQKVDQFDPFTVPTISFICRELDAISTNEEEKEENEAESDVKHR
TRDYKKTSLAPYVKVFEHFLENLDKSRKGELLKKSDLQKDF
;
C
4 'polypeptide(L)'
;MEFSGRKWRKLRLAGDQRNASYPHCLQFYLQPPSENISLIEFENLAIDRVKLLKSVENLGVSYVKGTEQYQSKLESELRK
LKFSYRENLEDEYEPRRRDHISHFILRLAYCQSEELRRWFIQQEMDLLRFRFSILPKDKIQDFLKDSQLQFEAISDEEKT
LREQEIVASSPSLSGLKLGFESIYKIPFADALDLFRGRKVYLEDGFAYVPLKDIVAIILNEFRAKLSKALALTARSLPAV
QSDERLQPLLNHLSHSYTGQDYSTQGNVGKISLDQIDLLSTKSFPPCMRQLHKALRENHHLRHGGRMQYGLFLKGIGLTL
EQALQFWKQEFIKGKMDPDKFDKGYSYNIRHSFGKEGKRTDYTPFSCLKIILSNPPSQGDYHGCPFRHSDPELLKQKLQS
YKISPGGISQILDLVKGTHYQVACQKYFEMIHNVDDCGFSLNHPNQFFCESQRILNGGKDIKKEPIQPETPQPKPSVQKT
KDASSALASLNSSLEMDMEGLEDYFSEDS
;
D
5 'polypeptide(L)'
;GSMGHVQLSLPVLQVRDVLVRGFGDSVEEALSEAREHLKNGTCGLVELEKGVLPQLEQPYVFIKRSDALSTNHGHKVVEL
VAEMDGIQYGRSGITLGVLVPHVGETPIAYRNVLLRKNG
;
E
#
loop_
_chem_comp.id
_chem_comp.type
_chem_comp.name
_chem_comp.formula
SF4 non-polymer 'IRON/SULFUR CLUSTER' 'Fe4 S4'
ZN non-polymer 'ZINC ION' 'Zn 2'
#
# COMPACT_ATOMS: atom_id res chain seq x y z
N GLU A 46 -31.88 -53.46 -4.80
CA GLU A 46 -30.59 -53.03 -4.26
C GLU A 46 -30.79 -51.93 -3.23
N GLN A 47 -30.24 -52.13 -2.03
CA GLN A 47 -30.43 -51.17 -0.95
C GLN A 47 -29.59 -49.92 -1.17
N VAL A 48 -30.23 -48.76 -1.05
CA VAL A 48 -29.56 -47.48 -1.13
C VAL A 48 -30.09 -46.57 -0.01
N PHE A 49 -29.28 -45.61 0.39
CA PHE A 49 -29.69 -44.66 1.40
C PHE A 49 -29.00 -43.32 1.12
N HIS A 50 -29.52 -42.26 1.74
CA HIS A 50 -29.05 -40.91 1.51
C HIS A 50 -28.93 -40.17 2.84
N PHE A 51 -28.04 -39.17 2.87
CA PHE A 51 -27.76 -38.40 4.06
C PHE A 51 -27.38 -36.99 3.67
N TYR A 52 -27.41 -36.10 4.66
CA TYR A 52 -26.94 -34.72 4.50
C TYR A 52 -25.54 -34.64 5.11
N TRP A 53 -24.55 -34.34 4.27
CA TRP A 53 -23.17 -34.36 4.73
C TRP A 53 -22.75 -32.98 5.24
N LEU A 54 -22.17 -32.96 6.44
CA LEU A 54 -21.76 -31.74 7.10
C LEU A 54 -20.25 -31.57 7.14
N ASP A 55 -19.50 -32.66 7.30
CA ASP A 55 -18.07 -32.61 7.58
C ASP A 55 -17.30 -33.48 6.60
N ALA A 56 -16.02 -33.15 6.42
CA ALA A 56 -15.16 -33.87 5.49
C ALA A 56 -13.73 -33.78 6.03
N TYR A 57 -13.16 -34.92 6.41
CA TYR A 57 -11.84 -34.98 7.03
C TYR A 57 -10.88 -35.77 6.15
N GLU A 58 -9.65 -35.27 6.01
CA GLU A 58 -8.61 -35.96 5.26
C GLU A 58 -7.36 -36.06 6.12
N ASP A 59 -6.63 -37.16 5.96
CA ASP A 59 -5.36 -37.37 6.63
C ASP A 59 -4.36 -37.92 5.61
N GLN A 60 -3.14 -37.41 5.65
CA GLN A 60 -2.15 -37.80 4.66
C GLN A 60 -1.28 -38.98 5.10
N TYR A 61 -1.33 -39.35 6.37
CA TYR A 61 -0.44 -40.39 6.88
C TYR A 61 -1.16 -41.49 7.64
N ASN A 62 -2.17 -41.16 8.43
CA ASN A 62 -2.90 -42.20 9.15
C ASN A 62 -3.59 -43.16 8.19
N GLN A 63 -4.53 -42.66 7.40
CA GLN A 63 -5.20 -43.43 6.36
C GLN A 63 -5.13 -42.63 5.06
N PRO A 64 -3.96 -42.58 4.43
CA PRO A 64 -3.80 -41.75 3.24
C PRO A 64 -4.69 -42.22 2.10
N GLY A 65 -5.20 -41.25 1.33
CA GLY A 65 -6.08 -41.54 0.22
C GLY A 65 -7.50 -41.87 0.59
N VAL A 66 -7.87 -41.74 1.87
CA VAL A 66 -9.21 -42.07 2.34
C VAL A 66 -9.76 -40.84 3.06
N VAL A 67 -10.78 -40.21 2.48
CA VAL A 67 -11.41 -39.04 3.06
C VAL A 67 -12.65 -39.50 3.80
N PHE A 68 -12.67 -39.28 5.11
CA PHE A 68 -13.80 -39.68 5.94
C PHE A 68 -14.87 -38.59 5.88
N LEU A 69 -15.81 -38.73 4.96
CA LEU A 69 -16.92 -37.81 4.85
C LEU A 69 -17.89 -38.05 6.00
N PHE A 70 -18.38 -36.97 6.59
CA PHE A 70 -19.25 -37.08 7.76
C PHE A 70 -20.54 -36.33 7.45
N GLY A 71 -21.64 -36.79 8.06
CA GLY A 71 -22.91 -36.22 7.69
C GLY A 71 -24.03 -36.66 8.62
N LYS A 72 -25.24 -36.42 8.14
CA LYS A 72 -26.44 -36.44 8.97
C LYS A 72 -27.48 -37.24 8.19
N VAL A 73 -27.87 -38.41 8.72
CA VAL A 73 -28.66 -39.37 7.93
C VAL A 73 -30.05 -39.51 8.54
N TRP A 74 -31.03 -39.76 7.68
CA TRP A 74 -32.37 -40.12 8.11
C TRP A 74 -32.47 -41.62 8.38
N ILE A 75 -33.13 -41.98 9.46
CA ILE A 75 -33.36 -43.37 9.84
C ILE A 75 -34.87 -43.59 9.94
N GLU A 76 -35.35 -44.67 9.29
CA GLU A 76 -36.77 -44.98 9.31
C GLU A 76 -37.18 -45.64 10.63
N SER A 77 -36.30 -46.44 11.22
CA SER A 77 -36.65 -47.15 12.45
C SER A 77 -36.97 -46.18 13.58
N ALA A 78 -36.18 -45.12 13.71
CA ALA A 78 -36.45 -44.08 14.69
C ALA A 78 -37.19 -42.90 14.10
N GLU A 79 -37.65 -43.01 12.85
CA GLU A 79 -38.42 -41.97 12.14
C GLU A 79 -37.86 -40.57 12.38
N THR A 80 -36.52 -40.45 12.33
CA THR A 80 -35.86 -39.18 12.55
C THR A 80 -34.51 -39.20 11.85
N HIS A 81 -33.67 -38.20 12.13
CA HIS A 81 -32.30 -38.14 11.63
C HIS A 81 -31.33 -38.38 12.77
N VAL A 82 -30.27 -39.13 12.48
CA VAL A 82 -29.25 -39.43 13.48
C VAL A 82 -27.88 -39.42 12.79
N SER A 83 -26.83 -39.34 13.61
CA SER A 83 -25.48 -39.18 13.10
C SER A 83 -25.01 -40.40 12.31
N CYS A 84 -24.32 -40.15 11.19
CA CYS A 84 -23.80 -41.22 10.34
C CYS A 84 -22.36 -40.93 9.96
N CYS A 85 -21.59 -42.00 9.74
CA CYS A 85 -20.25 -41.92 9.17
C CYS A 85 -20.22 -42.61 7.81
N VAL A 86 -19.48 -42.03 6.87
CA VAL A 86 -19.26 -42.63 5.55
C VAL A 86 -17.81 -42.42 5.17
N MET A 87 -17.20 -43.41 4.54
CA MET A 87 -15.84 -43.27 4.06
C MET A 87 -15.71 -43.89 2.67
N VAL A 88 -14.78 -43.35 1.90
CA VAL A 88 -14.52 -43.81 0.53
C VAL A 88 -13.02 -44.04 0.37
N LYS A 89 -12.67 -45.18 -0.21
CA LYS A 89 -11.28 -45.54 -0.46
C LYS A 89 -10.95 -45.40 -1.94
N ASN A 90 -9.68 -45.68 -2.25
CA ASN A 90 -9.15 -45.66 -3.61
C ASN A 90 -9.35 -44.28 -4.25
N ILE A 91 -9.14 -43.23 -3.46
CA ILE A 91 -9.12 -41.87 -3.99
C ILE A 91 -7.73 -41.69 -4.58
N GLU A 92 -7.60 -42.04 -5.86
CA GLU A 92 -6.30 -42.03 -6.51
C GLU A 92 -5.76 -40.61 -6.61
N ARG A 93 -4.47 -40.47 -6.35
CA ARG A 93 -3.80 -39.20 -6.63
C ARG A 93 -3.78 -38.96 -8.13
N THR A 94 -3.97 -37.71 -8.53
CA THR A 94 -4.02 -37.36 -9.94
C THR A 94 -2.91 -36.39 -10.25
N LEU A 95 -2.25 -36.63 -11.39
CA LEU A 95 -1.15 -35.78 -11.83
C LEU A 95 -1.41 -35.34 -13.25
N TYR A 96 -0.72 -34.29 -13.67
CA TYR A 96 -0.86 -33.74 -15.02
C TYR A 96 0.53 -33.35 -15.51
N PHE A 97 1.15 -34.26 -16.26
CA PHE A 97 2.48 -34.01 -16.79
C PHE A 97 2.41 -33.06 -17.98
N LEU A 98 3.36 -32.13 -18.05
CA LEU A 98 3.47 -31.21 -19.16
C LEU A 98 4.57 -31.66 -20.11
N PRO A 99 4.22 -32.34 -21.21
CA PRO A 99 5.25 -32.69 -22.20
C PRO A 99 5.86 -31.44 -22.82
N ARG A 100 7.17 -31.50 -23.08
CA ARG A 100 7.85 -30.41 -23.74
C ARG A 100 7.60 -30.48 -25.24
N GLU A 101 8.32 -29.66 -26.00
CA GLU A 101 8.20 -29.62 -27.44
C GLU A 101 9.44 -30.10 -28.17
N MET A 102 10.59 -30.17 -27.51
CA MET A 102 11.85 -30.45 -28.19
C MET A 102 12.79 -30.96 -27.10
N LYS A 103 13.11 -32.26 -27.13
CA LYS A 103 13.72 -32.89 -25.96
C LYS A 103 15.09 -32.33 -25.62
N ILE A 104 15.21 -31.75 -24.43
CA ILE A 104 16.46 -31.16 -23.97
C ILE A 104 17.14 -32.11 -23.00
N ASP A 105 18.47 -32.00 -22.91
CA ASP A 105 19.26 -32.83 -22.02
C ASP A 105 18.98 -32.44 -20.58
N LEU A 106 18.64 -33.42 -19.74
CA LEU A 106 18.25 -33.10 -18.37
C LEU A 106 19.41 -32.55 -17.56
N ASN A 107 20.65 -32.90 -17.92
CA ASN A 107 21.80 -32.46 -17.14
C ASN A 107 22.09 -30.98 -17.36
N THR A 108 21.97 -30.50 -18.61
CA THR A 108 22.34 -29.15 -18.96
C THR A 108 21.22 -28.32 -19.57
N GLY A 109 20.11 -28.94 -19.96
CA GLY A 109 19.04 -28.21 -20.60
C GLY A 109 19.21 -27.96 -22.08
N LYS A 110 20.30 -28.43 -22.68
CA LYS A 110 20.53 -28.23 -24.11
C LYS A 110 19.77 -29.27 -24.93
N GLU A 111 19.39 -28.88 -26.14
CA GLU A 111 18.55 -29.73 -26.97
C GLU A 111 19.28 -31.00 -27.39
N THR A 112 18.54 -32.12 -27.40
CA THR A 112 19.06 -33.40 -27.84
C THR A 112 18.79 -33.70 -29.31
N GLY A 113 18.08 -32.81 -30.01
CA GLY A 113 17.87 -32.95 -31.43
C GLY A 113 16.70 -33.80 -31.88
N THR A 114 15.80 -34.18 -30.98
CA THR A 114 14.62 -34.93 -31.36
C THR A 114 13.37 -34.33 -30.73
N PRO A 115 12.23 -34.39 -31.42
CA PRO A 115 10.99 -33.84 -30.86
C PRO A 115 10.45 -34.66 -29.69
N ILE A 116 9.36 -34.19 -29.10
CA ILE A 116 8.75 -34.84 -27.94
C ILE A 116 7.27 -35.04 -28.21
N SER A 117 6.78 -36.24 -27.90
CA SER A 117 5.36 -36.56 -28.03
C SER A 117 4.82 -37.02 -26.68
N MET A 118 3.49 -37.00 -26.57
CA MET A 118 2.83 -37.52 -25.39
C MET A 118 3.18 -38.98 -25.16
N LYS A 119 3.27 -39.77 -26.25
CA LYS A 119 3.72 -41.14 -26.13
C LYS A 119 5.14 -41.21 -25.58
N ASP A 120 6.01 -40.30 -26.05
CA ASP A 120 7.39 -40.24 -25.59
C ASP A 120 7.46 -40.01 -24.09
N VAL A 121 6.78 -38.98 -23.60
CA VAL A 121 6.78 -38.72 -22.16
C VAL A 121 6.13 -39.89 -21.42
N TYR A 122 5.19 -40.57 -22.07
CA TYR A 122 4.54 -41.71 -21.44
C TYR A 122 5.53 -42.82 -21.13
N GLU A 123 6.33 -43.24 -22.14
CA GLU A 123 7.32 -44.26 -21.84
C GLU A 123 8.36 -43.73 -20.85
N GLU A 124 8.85 -42.51 -21.05
CA GLU A 124 9.85 -41.97 -20.14
C GLU A 124 9.40 -42.13 -18.70
N PHE A 125 8.17 -41.69 -18.40
CA PHE A 125 7.58 -41.92 -17.10
C PHE A 125 7.59 -43.41 -16.75
N ASP A 126 6.85 -44.21 -17.53
CA ASP A 126 6.50 -45.55 -17.09
C ASP A 126 7.70 -46.44 -16.85
N GLU A 127 8.82 -46.24 -17.56
CA GLU A 127 10.02 -46.94 -17.08
C GLU A 127 10.71 -46.17 -15.96
N LYS A 128 11.27 -44.99 -16.24
CA LYS A 128 12.30 -44.54 -15.31
C LYS A 128 11.69 -43.92 -14.05
N ILE A 129 10.65 -43.10 -14.21
CA ILE A 129 10.09 -42.45 -13.03
C ILE A 129 9.35 -43.47 -12.18
N ALA A 130 8.63 -44.39 -12.82
CA ALA A 130 7.93 -45.43 -12.08
C ALA A 130 8.90 -46.32 -11.31
N THR A 131 10.02 -46.70 -11.94
CA THR A 131 10.99 -47.52 -11.21
C THR A 131 11.64 -46.74 -10.07
N LYS A 132 11.99 -45.47 -10.30
CA LYS A 132 12.67 -44.71 -9.25
C LYS A 132 11.76 -44.47 -8.05
N TYR A 133 10.49 -44.14 -8.29
CA TYR A 133 9.59 -43.80 -7.19
C TYR A 133 8.57 -44.88 -6.88
N LYS A 134 8.83 -46.13 -7.30
CA LYS A 134 8.08 -47.30 -6.87
C LYS A 134 6.60 -47.20 -7.26
N ILE A 135 6.38 -47.14 -8.58
CA ILE A 135 5.05 -47.17 -9.15
C ILE A 135 4.92 -48.45 -9.98
N MET A 136 3.83 -49.18 -9.79
CA MET A 136 3.57 -50.38 -10.56
C MET A 136 2.28 -50.34 -11.38
N LYS A 137 1.35 -49.44 -11.08
CA LYS A 137 0.09 -49.38 -11.80
C LYS A 137 -0.39 -47.94 -11.89
N PHE A 138 -0.86 -47.55 -13.07
CA PHE A 138 -1.48 -46.25 -13.28
C PHE A 138 -2.27 -46.31 -14.59
N LYS A 139 -3.12 -45.31 -14.80
CA LYS A 139 -4.00 -45.24 -15.96
C LYS A 139 -3.72 -43.95 -16.71
N SER A 140 -2.75 -44.00 -17.62
CA SER A 140 -2.46 -42.85 -18.48
C SER A 140 -3.56 -42.70 -19.53
N LYS A 141 -4.04 -41.47 -19.71
CA LYS A 141 -5.13 -41.19 -20.63
C LYS A 141 -4.84 -39.92 -21.40
N PRO A 142 -5.39 -39.77 -22.61
CA PRO A 142 -5.29 -38.50 -23.34
C PRO A 142 -6.36 -37.52 -22.86
N VAL A 143 -5.92 -36.47 -22.19
CA VAL A 143 -6.81 -35.46 -21.63
C VAL A 143 -6.28 -34.08 -21.98
N GLU A 144 -7.16 -33.21 -22.46
CA GLU A 144 -6.83 -31.82 -22.75
C GLU A 144 -7.38 -30.93 -21.64
N LYS A 145 -6.50 -30.15 -21.02
CA LYS A 145 -6.92 -29.24 -19.96
C LYS A 145 -6.33 -27.85 -20.19
N ASN A 146 -6.76 -26.87 -19.41
CA ASN A 146 -6.31 -25.50 -19.57
C ASN A 146 -5.63 -25.02 -18.30
N TYR A 147 -4.65 -24.14 -18.46
CA TYR A 147 -3.97 -23.48 -17.35
C TYR A 147 -3.90 -21.98 -17.64
N ALA A 148 -4.32 -21.17 -16.67
CA ALA A 148 -4.34 -19.72 -16.82
C ALA A 148 -3.88 -19.04 -15.54
N PHE A 149 -2.78 -19.50 -14.97
CA PHE A 149 -2.29 -18.97 -13.70
C PHE A 149 -0.83 -18.57 -13.85
N GLU A 150 -0.18 -18.27 -12.72
CA GLU A 150 1.11 -17.60 -12.72
C GLU A 150 2.31 -18.54 -12.69
N ILE A 151 2.12 -19.84 -12.83
CA ILE A 151 3.31 -20.70 -12.97
C ILE A 151 3.96 -20.42 -14.31
N PRO A 152 5.22 -19.97 -14.34
CA PRO A 152 5.80 -19.45 -15.59
C PRO A 152 6.05 -20.52 -16.62
N ASP A 153 6.09 -20.09 -17.88
CA ASP A 153 6.42 -20.94 -19.02
C ASP A 153 5.49 -22.15 -19.10
N VAL A 154 4.20 -21.87 -19.16
CA VAL A 154 3.20 -22.93 -19.21
C VAL A 154 2.23 -22.67 -20.37
N PRO A 155 2.10 -23.62 -21.30
CA PRO A 155 1.10 -23.47 -22.37
C PRO A 155 -0.30 -23.42 -21.81
N GLU A 156 -1.16 -22.62 -22.44
CA GLU A 156 -2.51 -22.40 -21.91
C GLU A 156 -3.39 -23.62 -22.12
N LYS A 157 -3.35 -24.23 -23.30
CA LYS A 157 -4.27 -25.31 -23.66
C LYS A 157 -3.51 -26.48 -24.30
N SER A 158 -2.43 -26.92 -23.66
CA SER A 158 -1.67 -28.04 -24.18
C SER A 158 -2.36 -29.35 -23.81
N GLU A 159 -1.67 -30.47 -24.06
CA GLU A 159 -2.19 -31.80 -23.74
C GLU A 159 -1.52 -32.30 -22.47
N TYR A 160 -2.33 -32.87 -21.58
CA TYR A 160 -1.87 -33.31 -20.26
C TYR A 160 -1.99 -34.82 -20.14
N LEU A 161 -0.94 -35.45 -19.64
CA LEU A 161 -0.95 -36.88 -19.34
C LEU A 161 -1.57 -37.08 -17.97
N GLU A 162 -2.86 -37.39 -17.93
CA GLU A 162 -3.56 -37.57 -16.67
C GLU A 162 -3.14 -38.90 -16.05
N VAL A 163 -2.12 -38.86 -15.20
CA VAL A 163 -1.59 -40.06 -14.56
C VAL A 163 -2.39 -40.29 -13.29
N LYS A 164 -3.24 -41.31 -13.29
CA LYS A 164 -4.12 -41.63 -12.17
C LYS A 164 -3.66 -42.96 -11.55
N TYR A 165 -2.99 -42.86 -10.40
CA TYR A 165 -2.53 -44.03 -9.68
C TYR A 165 -3.03 -43.96 -8.24
N SER A 166 -3.26 -45.14 -7.64
CA SER A 166 -3.82 -45.19 -6.30
C SER A 166 -2.86 -44.57 -5.29
N ALA A 167 -3.43 -43.90 -4.29
CA ALA A 167 -2.66 -43.03 -3.40
C ALA A 167 -1.67 -43.77 -2.51
N GLU A 168 -1.75 -45.10 -2.42
CA GLU A 168 -0.85 -45.82 -1.52
C GLU A 168 0.60 -45.63 -1.91
N MET A 169 0.89 -45.59 -3.22
CA MET A 169 2.26 -45.34 -3.65
C MET A 169 2.70 -43.94 -3.24
N PRO A 170 3.99 -43.75 -2.96
CA PRO A 170 4.45 -42.47 -2.42
C PRO A 170 4.18 -41.32 -3.36
N GLN A 171 3.91 -40.15 -2.78
CA GLN A 171 3.67 -38.95 -3.58
C GLN A 171 4.97 -38.44 -4.19
N LEU A 172 4.88 -37.97 -5.43
CA LEU A 172 6.04 -37.51 -6.16
C LEU A 172 6.47 -36.13 -5.66
N PRO A 173 7.76 -35.80 -5.79
CA PRO A 173 8.21 -34.46 -5.39
C PRO A 173 7.62 -33.38 -6.30
N GLN A 174 7.33 -32.23 -5.71
CA GLN A 174 6.69 -31.15 -6.46
C GLN A 174 7.59 -30.58 -7.55
N ASP A 175 8.91 -30.54 -7.32
CA ASP A 175 9.86 -30.02 -8.28
C ASP A 175 10.43 -31.12 -9.18
N LEU A 176 9.65 -32.18 -9.40
CA LEU A 176 10.09 -33.25 -10.29
C LEU A 176 10.27 -32.71 -11.70
N LYS A 177 11.39 -33.08 -12.33
CA LYS A 177 11.66 -32.73 -13.71
C LYS A 177 12.03 -33.98 -14.49
N GLY A 178 11.64 -34.01 -15.75
CA GLY A 178 11.89 -35.15 -16.62
C GLY A 178 12.66 -34.75 -17.86
N GLU A 179 13.40 -35.71 -18.42
CA GLU A 179 14.11 -35.48 -19.67
C GLU A 179 13.15 -35.08 -20.79
N THR A 180 11.90 -35.54 -20.72
CA THR A 180 10.91 -35.28 -21.75
C THR A 180 9.84 -34.28 -21.33
N PHE A 181 9.38 -34.33 -20.08
CA PHE A 181 8.35 -33.42 -19.61
C PHE A 181 8.97 -32.31 -18.76
N SER A 182 8.46 -31.09 -18.95
CA SER A 182 9.00 -29.95 -18.21
C SER A 182 8.62 -30.00 -16.74
N HIS A 183 7.35 -30.24 -16.45
CA HIS A 183 6.87 -30.25 -15.07
C HIS A 183 5.54 -30.97 -15.02
N VAL A 184 5.15 -31.37 -13.81
CA VAL A 184 3.89 -32.06 -13.57
C VAL A 184 3.17 -31.35 -12.43
N PHE A 185 1.86 -31.16 -12.59
CA PHE A 185 1.03 -30.53 -11.59
C PHE A 185 0.33 -31.60 -10.74
N GLY A 186 -0.37 -31.16 -9.71
CA GLY A 186 -1.13 -32.07 -8.88
C GLY A 186 -0.30 -33.04 -8.08
N THR A 187 0.91 -32.64 -7.68
CA THR A 187 1.76 -33.55 -6.92
C THR A 187 1.17 -33.85 -5.54
N ASN A 188 0.97 -32.81 -4.73
CA ASN A 188 0.41 -32.97 -3.39
C ASN A 188 -1.04 -32.53 -3.30
N THR A 189 -1.72 -32.40 -4.44
CA THR A 189 -3.10 -31.95 -4.44
C THR A 189 -3.98 -32.96 -3.69
N SER A 190 -4.82 -32.45 -2.80
CA SER A 190 -5.36 -33.27 -1.71
C SER A 190 -6.51 -34.17 -2.17
N SER A 191 -6.60 -35.33 -1.52
CA SER A 191 -7.68 -36.27 -1.82
C SER A 191 -9.04 -35.67 -1.52
N LEU A 192 -9.13 -34.89 -0.44
CA LEU A 192 -10.38 -34.20 -0.12
C LEU A 192 -10.84 -33.31 -1.26
N GLU A 193 -9.94 -32.46 -1.77
CA GLU A 193 -10.33 -31.54 -2.83
C GLU A 193 -10.60 -32.28 -4.14
N LEU A 194 -9.86 -33.35 -4.44
CA LEU A 194 -10.23 -34.16 -5.60
C LEU A 194 -11.62 -34.76 -5.46
N PHE A 195 -11.97 -35.28 -4.29
CA PHE A 195 -13.30 -35.82 -4.10
C PHE A 195 -14.36 -34.74 -4.32
N LEU A 196 -14.21 -33.60 -3.62
CA LEU A 196 -15.17 -32.51 -3.73
C LEU A 196 -15.27 -31.98 -5.17
N MET A 197 -14.16 -32.07 -5.91
CA MET A 197 -14.05 -31.36 -7.18
C MET A 197 -14.49 -32.24 -8.35
N ASN A 198 -14.15 -33.53 -8.31
CA ASN A 198 -14.57 -34.53 -9.29
C ASN A 198 -15.93 -35.12 -9.00
N ARG A 199 -16.52 -34.99 -7.81
CA ARG A 199 -17.85 -35.53 -7.57
C ARG A 199 -18.94 -34.48 -7.67
N LYS A 200 -18.62 -33.27 -8.11
CA LYS A 200 -19.60 -32.21 -8.35
C LYS A 200 -20.44 -31.91 -7.11
N ILE A 201 -19.89 -32.18 -5.93
CA ILE A 201 -20.60 -31.95 -4.68
C ILE A 201 -20.43 -30.48 -4.31
N LYS A 202 -21.39 -29.65 -4.72
CA LYS A 202 -21.31 -28.21 -4.50
C LYS A 202 -21.85 -27.89 -3.11
N GLY A 203 -20.94 -27.60 -2.18
CA GLY A 203 -21.32 -27.29 -0.82
C GLY A 203 -22.01 -28.45 -0.13
N PRO A 204 -22.67 -28.18 0.99
CA PRO A 204 -23.41 -29.23 1.70
C PRO A 204 -24.72 -29.53 1.00
N CYS A 205 -24.80 -30.69 0.34
CA CYS A 205 -26.01 -31.14 -0.33
C CYS A 205 -26.22 -32.61 0.00
N TRP A 206 -27.48 -33.05 -0.08
CA TRP A 206 -27.80 -34.43 0.20
C TRP A 206 -27.00 -35.36 -0.68
N LEU A 207 -26.36 -36.36 -0.07
CA LEU A 207 -25.48 -37.28 -0.76
C LEU A 207 -26.18 -38.62 -0.94
N GLU A 208 -26.26 -39.07 -2.19
CA GLU A 208 -26.81 -40.39 -2.48
C GLU A 208 -25.66 -41.39 -2.63
N VAL A 209 -25.74 -42.48 -1.88
CA VAL A 209 -24.72 -43.51 -1.88
C VAL A 209 -25.39 -44.84 -2.21
N LYS A 210 -24.78 -45.60 -3.12
CA LYS A 210 -25.29 -46.91 -3.51
C LYS A 210 -24.29 -48.00 -3.12
N SER A 211 -24.83 -49.20 -2.87
CA SER A 211 -24.06 -50.36 -2.42
C SER A 211 -23.29 -50.02 -1.15
N PRO A 212 -23.97 -49.82 -0.02
CA PRO A 212 -23.24 -49.44 1.20
C PRO A 212 -22.53 -50.62 1.84
N GLN A 213 -21.20 -50.62 1.77
CA GLN A 213 -20.38 -51.67 2.36
C GLN A 213 -20.19 -51.37 3.85
N LEU A 214 -20.30 -52.41 4.68
CA LEU A 214 -20.18 -52.29 6.12
C LEU A 214 -18.95 -53.03 6.61
N LEU A 215 -18.03 -52.30 7.22
CA LEU A 215 -16.84 -52.91 7.82
C LEU A 215 -17.20 -53.53 9.17
N ASN A 216 -16.33 -54.43 9.64
CA ASN A 216 -16.63 -55.19 10.84
C ASN A 216 -16.58 -54.32 12.10
N GLN A 217 -15.69 -53.34 12.15
CA GLN A 217 -15.54 -52.58 13.38
C GLN A 217 -16.02 -51.14 13.20
N PRO A 218 -16.53 -50.52 14.27
CA PRO A 218 -16.86 -49.09 14.21
C PRO A 218 -15.62 -48.24 14.05
N VAL A 219 -15.48 -47.56 12.91
CA VAL A 219 -14.33 -46.70 12.69
C VAL A 219 -14.58 -45.29 13.22
N SER A 220 -15.82 -44.98 13.58
CA SER A 220 -16.14 -43.70 14.19
C SER A 220 -17.07 -43.95 15.38
N TRP A 221 -17.49 -42.86 16.01
CA TRP A 221 -18.50 -42.94 17.07
C TRP A 221 -19.90 -42.63 16.56
N CYS A 222 -20.09 -42.47 15.25
CA CYS A 222 -21.42 -42.28 14.69
C CYS A 222 -22.19 -43.59 14.73
N LYS A 223 -23.51 -43.48 14.53
CA LYS A 223 -24.37 -44.66 14.59
C LYS A 223 -24.15 -45.57 13.39
N VAL A 224 -24.08 -45.01 12.19
CA VAL A 224 -24.02 -45.78 10.96
C VAL A 224 -22.69 -45.55 10.25
N GLU A 225 -22.24 -46.58 9.54
CA GLU A 225 -21.00 -46.51 8.77
C GLU A 225 -21.28 -46.96 7.34
N ALA A 226 -20.49 -46.43 6.41
CA ALA A 226 -20.62 -46.79 5.00
C ALA A 226 -19.24 -46.78 4.35
N MET A 227 -19.03 -47.74 3.46
CA MET A 227 -17.73 -47.96 2.83
C MET A 227 -17.92 -47.97 1.32
N ALA A 228 -17.02 -47.30 0.61
CA ALA A 228 -17.11 -47.17 -0.84
C ALA A 228 -15.76 -47.48 -1.48
N LEU A 229 -15.80 -48.30 -2.53
CA LEU A 229 -14.56 -48.65 -3.23
C LEU A 229 -14.04 -47.53 -4.11
N LYS A 230 -14.92 -46.81 -4.81
CA LYS A 230 -14.48 -45.79 -5.74
C LYS A 230 -15.27 -44.52 -5.51
N PRO A 231 -14.69 -43.34 -5.78
CA PRO A 231 -15.47 -42.09 -5.62
C PRO A 231 -16.68 -42.01 -6.53
N ASP A 232 -16.63 -42.60 -7.72
CA ASP A 232 -17.73 -42.44 -8.67
C ASP A 232 -18.97 -43.21 -8.24
N LEU A 233 -18.84 -44.09 -7.25
CA LEU A 233 -20.00 -44.83 -6.77
C LEU A 233 -21.00 -43.93 -6.06
N VAL A 234 -20.59 -42.76 -5.60
CA VAL A 234 -21.48 -41.82 -4.92
C VAL A 234 -21.75 -40.65 -5.85
N ASN A 235 -22.94 -40.07 -5.70
CA ASN A 235 -23.38 -39.00 -6.58
C ASN A 235 -24.21 -38.01 -5.76
N VAL A 236 -24.85 -37.07 -6.45
CA VAL A 236 -25.48 -35.91 -5.81
C VAL A 236 -26.97 -35.93 -6.07
N ILE A 237 -27.75 -35.61 -5.03
CA ILE A 237 -29.17 -35.32 -5.15
C ILE A 237 -29.42 -34.00 -4.44
N LYS A 238 -30.22 -33.13 -5.06
CA LYS A 238 -30.28 -31.73 -4.65
C LYS A 238 -31.62 -31.29 -4.11
N ASP A 239 -32.73 -31.87 -4.58
CA ASP A 239 -34.07 -31.34 -4.27
C ASP A 239 -34.59 -31.85 -2.93
N VAL A 240 -33.82 -31.59 -1.88
CA VAL A 240 -34.20 -31.91 -0.51
C VAL A 240 -33.83 -30.74 0.39
N SER A 241 -34.70 -30.43 1.34
CA SER A 241 -34.42 -29.36 2.28
C SER A 241 -33.56 -29.88 3.43
N PRO A 242 -32.60 -29.10 3.93
CA PRO A 242 -31.73 -29.59 5.00
C PRO A 242 -32.54 -30.01 6.20
N PRO A 243 -32.21 -31.16 6.79
CA PRO A 243 -32.76 -31.53 8.09
C PRO A 243 -32.36 -30.52 9.17
N PRO A 244 -33.17 -30.35 10.20
CA PRO A 244 -32.68 -29.73 11.43
C PRO A 244 -31.72 -30.67 12.14
N LEU A 245 -30.82 -30.07 12.92
CA LEU A 245 -29.81 -30.86 13.63
C LEU A 245 -29.70 -30.46 15.09
N VAL A 246 -28.70 -30.99 15.78
CA VAL A 246 -28.51 -30.78 17.21
C VAL A 246 -27.48 -29.68 17.40
N VAL A 247 -27.88 -28.61 18.07
CA VAL A 247 -26.97 -27.53 18.42
C VAL A 247 -26.63 -27.66 19.89
N MET A 248 -25.46 -27.17 20.28
CA MET A 248 -25.00 -27.22 21.66
C MET A 248 -24.21 -25.97 21.98
N ALA A 249 -24.45 -25.39 23.14
CA ALA A 249 -23.59 -24.38 23.72
C ALA A 249 -22.79 -25.02 24.85
N PHE A 250 -21.59 -24.51 25.10
CA PHE A 250 -20.79 -25.01 26.21
C PHE A 250 -19.97 -23.87 26.80
N SER A 251 -19.74 -23.96 28.10
CA SER A 251 -18.98 -22.95 28.82
C SER A 251 -18.09 -23.64 29.84
N MET A 252 -16.85 -23.19 29.95
CA MET A 252 -15.91 -23.73 30.91
C MET A 252 -15.00 -22.62 31.44
N LYS A 253 -14.67 -22.72 32.72
CA LYS A 253 -13.86 -21.70 33.39
C LYS A 253 -12.52 -22.31 33.74
N THR A 254 -11.45 -21.69 33.25
CA THR A 254 -10.10 -22.02 33.69
C THR A 254 -9.65 -21.00 34.74
N MET A 255 -8.52 -21.29 35.38
CA MET A 255 -8.02 -20.42 36.43
C MET A 255 -6.53 -20.68 36.60
N GLN A 256 -5.72 -19.65 36.35
CA GLN A 256 -4.28 -19.76 36.48
C GLN A 256 -3.92 -20.35 37.85
N ASN A 257 -3.32 -21.53 37.83
CA ASN A 257 -3.20 -22.35 39.03
C ASN A 257 -2.51 -21.60 40.17
N ALA A 258 -2.82 -22.02 41.39
CA ALA A 258 -2.37 -21.29 42.57
C ALA A 258 -0.85 -21.26 42.67
N LYS A 259 -0.18 -22.39 42.39
CA LYS A 259 1.25 -22.45 42.63
C LYS A 259 2.05 -21.70 41.57
N ASN A 260 2.02 -22.17 40.32
CA ASN A 260 2.86 -21.54 39.29
C ASN A 260 2.30 -21.85 37.90
N HIS A 261 1.62 -20.87 37.32
CA HIS A 261 1.37 -20.75 35.87
C HIS A 261 0.96 -22.07 35.22
N GLN A 262 -0.22 -22.56 35.60
CA GLN A 262 -0.91 -23.61 34.85
C GLN A 262 -2.40 -23.30 34.81
N ASN A 263 -3.05 -23.71 33.72
CA ASN A 263 -4.48 -23.54 33.57
C ASN A 263 -5.23 -24.67 34.28
N GLU A 264 -6.30 -24.32 34.98
CA GLU A 264 -7.12 -25.28 35.71
C GLU A 264 -8.57 -25.14 35.25
N ILE A 265 -8.94 -25.93 34.24
CA ILE A 265 -10.33 -25.98 33.80
C ILE A 265 -11.14 -26.72 34.87
N ILE A 266 -11.92 -25.97 35.63
CA ILE A 266 -12.58 -26.49 36.82
C ILE A 266 -14.11 -26.40 36.72
N ALA A 267 -14.64 -25.71 35.72
CA ALA A 267 -16.08 -25.50 35.64
C ALA A 267 -16.60 -25.96 34.29
N MET A 268 -17.79 -26.55 34.30
CA MET A 268 -18.46 -27.03 33.09
C MET A 268 -19.86 -26.44 33.05
N ALA A 269 -20.32 -26.13 31.84
CA ALA A 269 -21.69 -25.68 31.62
C ALA A 269 -22.00 -25.81 30.14
N ALA A 270 -23.22 -26.28 29.84
CA ALA A 270 -23.59 -26.52 28.46
C ALA A 270 -25.10 -26.38 28.29
N LEU A 271 -25.50 -25.82 27.15
CA LEU A 271 -26.89 -25.69 26.76
C LEU A 271 -27.15 -26.55 25.52
N VAL A 272 -28.27 -27.27 25.51
CA VAL A 272 -28.58 -28.22 24.45
C VAL A 272 -29.99 -27.94 23.93
N HIS A 273 -30.13 -27.92 22.61
CA HIS A 273 -31.43 -27.94 21.94
C HIS A 273 -31.38 -29.04 20.89
N HIS A 274 -32.13 -30.12 21.13
CA HIS A 274 -31.99 -31.32 20.31
C HIS A 274 -32.40 -31.07 18.85
N SER A 275 -33.59 -30.53 18.64
CA SER A 275 -34.08 -30.21 17.30
C SER A 275 -33.89 -28.72 17.06
N PHE A 276 -32.81 -28.36 16.37
CA PHE A 276 -32.50 -26.97 16.07
C PHE A 276 -32.65 -26.72 14.58
N ALA A 277 -33.49 -25.74 14.24
CA ALA A 277 -33.72 -25.41 12.85
C ALA A 277 -32.50 -24.72 12.25
N LEU A 278 -32.35 -24.88 10.93
CA LEU A 278 -31.27 -24.25 10.21
C LEU A 278 -31.73 -23.38 9.05
N ASP A 279 -33.00 -23.41 8.67
CA ASP A 279 -33.54 -22.50 7.67
C ASP A 279 -34.70 -21.67 8.19
N LYS A 280 -35.22 -21.98 9.37
CA LYS A 280 -36.35 -21.28 9.96
C LYS A 280 -35.85 -20.32 11.03
N ALA A 281 -36.79 -19.73 11.77
CA ALA A 281 -36.44 -18.83 12.86
C ALA A 281 -35.74 -19.58 13.97
N ALA A 282 -34.88 -18.86 14.70
CA ALA A 282 -34.16 -19.47 15.80
C ALA A 282 -35.14 -19.88 16.90
N PRO A 283 -35.09 -21.12 17.38
CA PRO A 283 -36.03 -21.55 18.43
C PRO A 283 -35.93 -20.69 19.68
N LYS A 284 -37.09 -20.41 20.27
CA LYS A 284 -37.19 -19.58 21.47
C LYS A 284 -38.02 -20.33 22.51
N PRO A 285 -37.42 -20.78 23.62
CA PRO A 285 -36.00 -20.65 23.98
C PRO A 285 -35.09 -21.56 23.15
N PRO A 286 -33.81 -21.21 23.07
CA PRO A 286 -32.88 -22.00 22.26
C PRO A 286 -32.34 -23.23 22.99
N PHE A 287 -33.00 -23.64 24.07
CA PHE A 287 -32.56 -24.79 24.83
C PHE A 287 -33.75 -25.38 25.59
N GLN A 288 -33.57 -26.61 26.07
CA GLN A 288 -34.53 -27.24 26.97
C GLN A 288 -33.89 -27.87 28.19
N SER A 289 -32.58 -28.06 28.20
CA SER A 289 -31.90 -28.69 29.32
C SER A 289 -30.48 -28.19 29.41
N HIS A 290 -29.88 -28.36 30.58
CA HIS A 290 -28.48 -28.01 30.80
C HIS A 290 -27.92 -28.87 31.92
N PHE A 291 -26.62 -28.69 32.17
CA PHE A 291 -25.94 -29.42 33.23
C PHE A 291 -24.62 -28.72 33.52
N CYS A 292 -24.18 -28.83 34.77
CA CYS A 292 -22.92 -28.22 35.20
C CYS A 292 -22.22 -29.17 36.15
N VAL A 293 -20.90 -29.28 36.00
CA VAL A 293 -20.05 -30.02 36.93
C VAL A 293 -18.81 -29.20 37.22
N VAL A 294 -18.41 -29.19 38.49
CA VAL A 294 -17.24 -28.43 38.95
C VAL A 294 -16.37 -29.34 39.80
N SER A 295 -15.20 -28.83 40.17
CA SER A 295 -14.25 -29.63 40.95
C SER A 295 -13.26 -28.71 41.65
N LYS A 296 -12.63 -29.24 42.70
CA LYS A 296 -11.49 -28.60 43.33
C LYS A 296 -10.22 -28.97 42.58
N PRO A 297 -9.50 -28.02 41.97
CA PRO A 297 -8.32 -28.39 41.18
C PRO A 297 -7.25 -29.11 41.98
N LYS A 298 -6.66 -28.43 42.97
CA LYS A 298 -5.72 -29.09 43.88
C LYS A 298 -5.93 -28.74 45.35
N ASP A 299 -6.34 -27.51 45.69
CA ASP A 299 -6.49 -27.11 47.08
C ASP A 299 -7.72 -26.28 47.36
N CYS A 300 -8.48 -25.86 46.36
CA CYS A 300 -9.62 -24.97 46.54
C CYS A 300 -10.76 -25.76 47.18
N ILE A 301 -10.67 -25.90 48.51
CA ILE A 301 -11.61 -26.75 49.23
C ILE A 301 -13.04 -26.27 49.03
N PHE A 302 -13.94 -27.22 48.78
CA PHE A 302 -15.33 -26.89 48.57
C PHE A 302 -15.97 -26.40 49.86
N PRO A 303 -16.96 -25.52 49.78
CA PRO A 303 -17.60 -25.01 51.00
C PRO A 303 -18.42 -26.08 51.68
N TYR A 304 -18.68 -25.86 52.97
CA TYR A 304 -19.46 -26.81 53.76
C TYR A 304 -20.85 -26.99 53.17
N ALA A 305 -21.27 -28.25 53.03
CA ALA A 305 -22.59 -28.61 52.53
C ALA A 305 -22.85 -28.00 51.15
N PHE A 306 -21.80 -27.95 50.32
CA PHE A 306 -21.95 -27.41 48.98
C PHE A 306 -22.94 -28.21 48.15
N LYS A 307 -22.74 -29.53 48.07
CA LYS A 307 -23.68 -30.37 47.34
C LYS A 307 -25.03 -30.43 48.03
N GLU A 308 -25.06 -30.26 49.36
CA GLU A 308 -26.34 -30.21 50.07
C GLU A 308 -27.17 -29.01 49.64
N VAL A 309 -26.54 -27.84 49.54
CA VAL A 309 -27.25 -26.66 49.03
C VAL A 309 -27.63 -26.86 47.57
N ILE A 310 -26.74 -27.51 46.80
CA ILE A 310 -27.04 -27.79 45.40
C ILE A 310 -28.32 -28.59 45.27
N GLU A 311 -28.43 -29.67 46.03
CA GLU A 311 -29.62 -30.51 45.97
C GLU A 311 -30.82 -29.87 46.66
N LYS A 312 -30.59 -28.92 47.57
CA LYS A 312 -31.70 -28.16 48.13
C LYS A 312 -32.35 -27.29 47.07
N LYS A 313 -31.55 -26.52 46.33
CA LYS A 313 -32.06 -25.78 45.18
C LYS A 313 -32.31 -26.68 43.98
N ASN A 314 -31.63 -27.82 43.91
CA ASN A 314 -31.87 -28.89 42.92
C ASN A 314 -32.08 -28.34 41.51
N VAL A 315 -31.33 -27.29 41.17
CA VAL A 315 -31.29 -26.84 39.79
C VAL A 315 -30.29 -27.75 39.09
N LYS A 316 -30.31 -27.77 37.77
CA LYS A 316 -29.59 -28.77 37.01
C LYS A 316 -28.08 -28.55 37.06
N VAL A 317 -27.44 -29.13 38.07
CA VAL A 317 -25.99 -29.00 38.30
C VAL A 317 -25.53 -30.22 39.10
N GLU A 318 -24.33 -30.69 38.81
CA GLU A 318 -23.73 -31.84 39.48
C GLU A 318 -22.31 -31.48 39.89
N VAL A 319 -21.74 -32.23 40.84
CA VAL A 319 -20.39 -31.98 41.33
C VAL A 319 -19.49 -33.13 40.88
N ALA A 320 -18.20 -32.82 40.69
CA ALA A 320 -17.17 -33.80 40.42
C ALA A 320 -16.00 -33.58 41.37
N ALA A 321 -15.35 -34.67 41.78
CA ALA A 321 -14.32 -34.56 42.80
C ALA A 321 -13.06 -33.87 42.27
N THR A 322 -12.58 -34.30 41.09
CA THR A 322 -11.32 -33.82 40.57
C THR A 322 -11.41 -33.60 39.06
N GLU A 323 -10.29 -33.13 38.49
CA GLU A 323 -10.27 -32.71 37.10
C GLU A 323 -10.45 -33.89 36.15
N ARG A 324 -9.85 -35.04 36.47
CA ARG A 324 -9.97 -36.20 35.59
C ARG A 324 -11.42 -36.65 35.50
N THR A 325 -12.10 -36.75 36.64
CA THR A 325 -13.53 -37.08 36.62
C THR A 325 -14.33 -36.00 35.90
N LEU A 326 -13.97 -34.74 36.11
CA LEU A 326 -14.68 -33.64 35.46
C LEU A 326 -14.64 -33.78 33.94
N LEU A 327 -13.45 -33.94 33.38
CA LEU A 327 -13.32 -34.01 31.93
C LEU A 327 -13.81 -35.35 31.38
N GLY A 328 -13.73 -36.43 32.16
CA GLY A 328 -14.35 -37.67 31.72
C GLY A 328 -15.85 -37.55 31.59
N PHE A 329 -16.50 -36.92 32.57
CA PHE A 329 -17.92 -36.65 32.47
C PHE A 329 -18.22 -35.75 31.27
N PHE A 330 -17.43 -34.70 31.08
CA PHE A 330 -17.63 -33.81 29.94
C PHE A 330 -17.56 -34.58 28.63
N LEU A 331 -16.56 -35.45 28.49
CA LEU A 331 -16.35 -36.15 27.23
C LEU A 331 -17.43 -37.19 26.97
N ALA A 332 -17.84 -37.93 28.00
CA ALA A 332 -18.91 -38.90 27.79
C ALA A 332 -20.23 -38.21 27.50
N LYS A 333 -20.47 -37.05 28.15
CA LYS A 333 -21.69 -36.30 27.87
C LYS A 333 -21.71 -35.78 26.45
N VAL A 334 -20.60 -35.20 25.99
CA VAL A 334 -20.57 -34.70 24.61
C VAL A 334 -20.65 -35.86 23.63
N HIS A 335 -20.17 -37.05 24.01
CA HIS A 335 -20.36 -38.22 23.17
C HIS A 335 -21.83 -38.58 23.02
N LYS A 336 -22.53 -38.69 24.16
CA LYS A 336 -23.94 -39.08 24.09
C LYS A 336 -24.80 -37.98 23.49
N ILE A 337 -24.30 -36.74 23.47
CA ILE A 337 -25.07 -35.66 22.85
C ILE A 337 -24.74 -35.58 21.36
N ASP A 338 -23.57 -36.09 20.97
CA ASP A 338 -23.05 -36.01 19.60
C ASP A 338 -23.46 -34.75 18.84
N PRO A 339 -23.19 -33.56 19.38
CA PRO A 339 -23.68 -32.34 18.76
C PRO A 339 -23.08 -32.12 17.38
N ASP A 340 -23.84 -31.43 16.54
CA ASP A 340 -23.41 -31.15 15.18
C ASP A 340 -23.01 -29.68 15.02
N ILE A 341 -23.50 -28.82 15.92
CA ILE A 341 -23.04 -27.44 16.05
C ILE A 341 -22.84 -27.14 17.53
N ILE A 342 -21.59 -27.24 17.99
CA ILE A 342 -21.23 -26.83 19.34
C ILE A 342 -20.67 -25.42 19.26
N VAL A 343 -21.02 -24.57 20.23
CA VAL A 343 -20.67 -23.16 20.20
C VAL A 343 -20.09 -22.75 21.56
N GLY A 344 -18.98 -22.02 21.52
CA GLY A 344 -18.38 -21.43 22.70
C GLY A 344 -17.66 -20.17 22.29
N HIS A 345 -17.29 -19.37 23.29
CA HIS A 345 -16.57 -18.13 23.04
C HIS A 345 -15.06 -18.36 23.12
N ASN A 346 -14.34 -17.77 22.17
CA ASN A 346 -12.88 -17.85 22.11
C ASN A 346 -12.42 -19.31 22.04
N ILE A 347 -12.81 -19.99 20.98
CA ILE A 347 -12.38 -21.37 20.78
C ILE A 347 -11.25 -21.46 19.76
N TYR A 348 -10.96 -20.37 19.05
CA TYR A 348 -9.87 -20.39 18.09
C TYR A 348 -8.52 -20.53 18.78
N GLY A 349 -8.26 -19.69 19.77
CA GLY A 349 -6.91 -19.57 20.30
C GLY A 349 -6.70 -19.98 21.74
N PHE A 350 -7.74 -19.89 22.57
CA PHE A 350 -7.57 -20.09 24.00
C PHE A 350 -8.29 -21.34 24.50
N GLU A 351 -9.61 -21.45 24.31
CA GLU A 351 -10.36 -22.49 25.01
C GLU A 351 -10.12 -23.86 24.40
N LEU A 352 -10.06 -23.97 23.07
CA LEU A 352 -9.82 -25.28 22.48
C LEU A 352 -8.42 -25.79 22.80
N GLU A 353 -7.42 -24.89 22.74
CA GLU A 353 -6.05 -25.29 23.06
C GLU A 353 -5.91 -25.69 24.51
N VAL A 354 -6.52 -24.92 25.43
CA VAL A 354 -6.45 -25.29 26.84
C VAL A 354 -7.22 -26.59 27.09
N LEU A 355 -8.30 -26.81 26.34
CA LEU A 355 -9.04 -28.06 26.43
C LEU A 355 -8.16 -29.25 26.05
N LEU A 356 -7.46 -29.15 24.92
CA LEU A 356 -6.62 -30.26 24.49
C LEU A 356 -5.45 -30.46 25.45
N GLN A 357 -4.87 -29.37 25.96
CA GLN A 357 -3.77 -29.51 26.91
C GLN A 357 -4.23 -30.13 28.22
N ARG A 358 -5.45 -29.80 28.67
CA ARG A 358 -5.93 -30.35 29.93
C ARG A 358 -6.34 -31.82 29.77
N ILE A 359 -6.94 -32.18 28.63
CA ILE A 359 -7.20 -33.60 28.42
C ILE A 359 -5.89 -34.36 28.24
N ASN A 360 -4.83 -33.67 27.81
CA ASN A 360 -3.52 -34.30 27.76
C ASN A 360 -2.99 -34.58 29.16
N VAL A 361 -2.95 -33.54 30.01
CA VAL A 361 -2.36 -33.69 31.33
C VAL A 361 -3.18 -34.66 32.17
N CYS A 362 -4.50 -34.66 31.99
CA CYS A 362 -5.35 -35.61 32.69
C CYS A 362 -5.38 -36.97 32.01
N LYS A 363 -4.87 -37.07 30.78
CA LYS A 363 -4.96 -38.28 29.96
C LYS A 363 -6.38 -38.81 29.93
N ALA A 364 -7.25 -37.98 29.36
CA ALA A 364 -8.68 -38.25 29.31
C ALA A 364 -8.94 -39.54 28.53
N PRO A 365 -9.64 -40.52 29.11
CA PRO A 365 -9.92 -41.75 28.36
C PRO A 365 -10.79 -41.48 27.14
N HIS A 366 -10.49 -42.20 26.06
CA HIS A 366 -11.17 -42.02 24.77
C HIS A 366 -11.14 -40.56 24.35
N TRP A 367 -9.95 -39.95 24.46
CA TRP A 367 -9.81 -38.51 24.23
C TRP A 367 -10.37 -38.06 22.90
N SER A 368 -10.28 -38.90 21.87
CA SER A 368 -10.73 -38.52 20.53
C SER A 368 -12.25 -38.42 20.43
N LYS A 369 -12.98 -38.74 21.50
CA LYS A 369 -14.43 -38.70 21.46
C LYS A 369 -14.96 -37.29 21.28
N ILE A 370 -14.11 -36.27 21.44
CA ILE A 370 -14.54 -34.89 21.17
C ILE A 370 -15.05 -34.77 19.74
N GLY A 371 -14.30 -35.30 18.78
CA GLY A 371 -14.82 -35.50 17.45
C GLY A 371 -15.58 -36.81 17.34
N ARG A 372 -16.28 -36.98 16.22
CA ARG A 372 -17.04 -38.20 16.01
C ARG A 372 -16.19 -39.36 15.52
N LEU A 373 -14.92 -39.11 15.20
CA LEU A 373 -13.98 -40.15 14.79
C LEU A 373 -13.16 -40.60 15.98
N LYS A 374 -12.38 -41.67 15.79
CA LYS A 374 -11.51 -42.20 16.81
C LYS A 374 -10.06 -42.15 16.33
N ARG A 375 -9.19 -41.58 17.16
CA ARG A 375 -7.75 -41.58 16.91
C ARG A 375 -7.03 -41.82 18.23
N SER A 376 -6.11 -42.78 18.22
CA SER A 376 -5.42 -43.16 19.45
C SER A 376 -4.38 -42.11 19.86
N ASN A 377 -3.65 -41.57 18.89
CA ASN A 377 -2.55 -40.66 19.17
C ASN A 377 -3.00 -39.22 19.04
N MET A 378 -2.61 -38.39 20.00
CA MET A 378 -3.00 -36.99 20.00
C MET A 378 -2.24 -36.22 18.92
N PRO A 379 -2.91 -35.35 18.18
CA PRO A 379 -2.27 -34.70 17.03
C PRO A 379 -1.48 -33.46 17.43
N LYS A 380 -0.65 -33.01 16.50
CA LYS A 380 0.09 -31.78 16.64
C LYS A 380 0.67 -31.34 15.29
N GLY A 388 -2.02 -29.37 13.45
CA GLY A 388 -3.02 -29.44 14.48
C GLY A 388 -4.02 -28.30 14.44
N GLU A 389 -4.25 -27.77 13.23
CA GLU A 389 -5.21 -26.68 13.07
C GLU A 389 -6.64 -27.16 13.32
N ARG A 390 -6.99 -28.32 12.78
CA ARG A 390 -8.34 -28.84 12.84
C ARG A 390 -8.40 -30.30 13.27
N ASN A 391 -7.26 -30.97 13.39
CA ASN A 391 -7.20 -32.41 13.65
C ASN A 391 -7.89 -32.81 14.95
N ALA A 392 -8.28 -31.85 15.79
CA ALA A 392 -8.80 -32.16 17.12
C ALA A 392 -10.19 -32.78 17.10
N THR A 393 -11.16 -32.10 16.50
CA THR A 393 -12.56 -32.46 16.69
C THR A 393 -13.14 -32.95 15.36
N CYS A 394 -12.41 -33.84 14.69
CA CYS A 394 -12.89 -34.46 13.47
C CYS A 394 -14.22 -35.18 13.71
N GLY A 395 -15.29 -34.63 13.14
CA GLY A 395 -16.61 -35.19 13.32
C GLY A 395 -17.64 -34.20 13.81
N ARG A 396 -17.25 -33.35 14.75
CA ARG A 396 -18.14 -32.33 15.28
C ARG A 396 -17.67 -30.95 14.84
N MET A 397 -18.51 -29.96 15.10
CA MET A 397 -18.36 -28.63 14.52
C MET A 397 -18.29 -27.57 15.60
N ILE A 398 -17.21 -26.80 15.58
CA ILE A 398 -17.00 -25.75 16.57
C ILE A 398 -17.50 -24.43 16.01
N CYS A 399 -18.11 -23.63 16.87
CA CYS A 399 -18.66 -22.33 16.49
C CYS A 399 -18.14 -21.28 17.45
N ASP A 400 -17.34 -20.34 16.94
CA ASP A 400 -16.85 -19.21 17.71
C ASP A 400 -17.67 -17.99 17.30
N VAL A 401 -18.41 -17.42 18.26
CA VAL A 401 -19.30 -16.31 17.95
C VAL A 401 -18.52 -15.05 17.62
N GLU A 402 -17.40 -14.80 18.30
CA GLU A 402 -16.71 -13.53 18.18
C GLU A 402 -16.20 -13.29 16.77
N ILE A 403 -15.63 -14.31 16.13
CA ILE A 403 -15.13 -14.12 14.77
C ILE A 403 -16.28 -13.86 13.79
N SER A 404 -17.39 -14.59 13.95
CA SER A 404 -18.53 -14.37 13.08
C SER A 404 -19.08 -12.95 13.23
N ALA A 405 -19.16 -12.47 14.48
CA ALA A 405 -19.56 -11.08 14.68
C ALA A 405 -18.55 -10.12 14.07
N LYS A 406 -17.26 -10.42 14.18
CA LYS A 406 -16.23 -9.60 13.56
C LYS A 406 -16.41 -9.53 12.06
N GLU A 407 -16.97 -10.58 11.46
CA GLU A 407 -17.23 -10.55 10.02
C GLU A 407 -18.48 -9.71 9.70
N LEU A 408 -19.43 -9.64 10.63
CA LEU A 408 -20.72 -9.02 10.32
C LEU A 408 -20.77 -7.56 10.78
N ILE A 409 -20.51 -7.32 12.06
CA ILE A 409 -20.80 -6.03 12.68
C ILE A 409 -19.52 -5.29 13.05
N ARG A 410 -19.67 -4.06 13.53
CA ARG A 410 -18.56 -3.24 13.99
C ARG A 410 -18.71 -3.00 15.48
N CYS A 411 -17.67 -3.32 16.24
CA CYS A 411 -17.68 -3.17 17.69
C CYS A 411 -16.36 -2.63 18.17
N LYS A 412 -16.38 -2.00 19.35
CA LYS A 412 -15.16 -1.48 19.94
C LYS A 412 -14.15 -2.58 20.21
N SER A 413 -14.58 -3.63 20.93
CA SER A 413 -13.75 -4.79 21.20
C SER A 413 -14.62 -6.03 21.15
N TYR A 414 -14.13 -7.07 20.48
CA TYR A 414 -14.91 -8.28 20.27
C TYR A 414 -14.94 -9.20 21.46
N HIS A 415 -14.56 -8.72 22.65
CA HIS A 415 -14.75 -9.51 23.86
C HIS A 415 -16.23 -9.73 24.12
N LEU A 416 -16.52 -10.82 24.84
CA LEU A 416 -17.90 -11.23 25.06
C LEU A 416 -18.70 -10.14 25.74
N SER A 417 -18.13 -9.49 26.75
CA SER A 417 -18.83 -8.43 27.47
C SER A 417 -19.28 -7.33 26.52
N GLU A 418 -18.34 -6.69 25.84
CA GLU A 418 -18.67 -5.57 24.96
C GLU A 418 -19.60 -6.02 23.83
N LEU A 419 -19.43 -7.23 23.32
CA LEU A 419 -20.37 -7.74 22.32
C LEU A 419 -21.79 -7.79 22.86
N VAL A 420 -21.94 -8.28 24.09
CA VAL A 420 -23.28 -8.38 24.69
C VAL A 420 -23.87 -6.98 24.91
N GLN A 421 -23.08 -6.05 25.43
CA GLN A 421 -23.63 -4.71 25.65
C GLN A 421 -23.96 -3.99 24.35
N GLN A 422 -23.18 -4.20 23.29
CA GLN A 422 -23.48 -3.52 22.03
C GLN A 422 -24.67 -4.13 21.32
N ILE A 423 -24.80 -5.46 21.33
CA ILE A 423 -25.87 -6.10 20.58
C ILE A 423 -27.04 -6.45 21.49
N LEU A 424 -26.80 -7.29 22.49
CA LEU A 424 -27.89 -7.68 23.39
C LEU A 424 -28.28 -6.56 24.34
N LYS A 425 -27.46 -5.51 24.44
CA LYS A 425 -27.73 -4.36 25.30
C LYS A 425 -27.96 -4.79 26.75
N THR A 426 -27.13 -5.71 27.22
CA THR A 426 -27.17 -6.19 28.59
C THR A 426 -25.76 -6.30 29.13
N GLU A 427 -25.60 -6.05 30.43
CA GLU A 427 -24.28 -6.13 31.03
C GLU A 427 -24.02 -7.54 31.55
N ARG A 428 -22.75 -7.93 31.50
CA ARG A 428 -22.27 -9.14 32.17
C ARG A 428 -21.10 -8.75 33.07
N VAL A 429 -21.15 -9.20 34.32
CA VAL A 429 -20.12 -8.86 35.30
C VAL A 429 -18.88 -9.69 35.00
N VAL A 430 -17.73 -9.01 34.90
CA VAL A 430 -16.44 -9.69 34.75
C VAL A 430 -15.96 -10.08 36.14
N ILE A 431 -15.64 -11.35 36.32
CA ILE A 431 -15.18 -11.87 37.60
C ILE A 431 -13.69 -12.16 37.49
N PRO A 432 -12.85 -11.39 38.19
CA PRO A 432 -11.41 -11.65 38.14
C PRO A 432 -11.05 -12.97 38.81
N MET A 433 -10.04 -13.62 38.25
CA MET A 433 -9.54 -14.86 38.84
C MET A 433 -8.74 -14.61 40.10
N GLU A 434 -8.25 -13.37 40.29
CA GLU A 434 -7.45 -13.05 41.46
C GLU A 434 -8.27 -13.02 42.74
N ASN A 435 -9.60 -13.01 42.64
CA ASN A 435 -10.47 -12.97 43.80
C ASN A 435 -11.10 -14.31 44.14
N ILE A 436 -11.18 -15.24 43.18
CA ILE A 436 -12.04 -16.41 43.37
C ILE A 436 -11.42 -17.47 44.27
N GLN A 437 -10.15 -17.32 44.66
CA GLN A 437 -9.50 -18.33 45.49
C GLN A 437 -10.19 -18.49 46.84
N ASN A 438 -10.49 -17.38 47.51
CA ASN A 438 -11.31 -17.47 48.72
C ASN A 438 -12.77 -17.75 48.37
N MET A 439 -13.18 -17.37 47.16
CA MET A 439 -14.54 -17.60 46.70
C MET A 439 -14.89 -19.07 46.60
N TYR A 440 -13.91 -19.96 46.40
CA TYR A 440 -14.24 -21.38 46.46
C TYR A 440 -14.64 -21.85 47.86
N SER A 441 -14.48 -21.02 48.89
CA SER A 441 -14.82 -21.43 50.25
C SER A 441 -16.24 -21.07 50.65
N GLU A 442 -17.01 -20.40 49.79
CA GLU A 442 -18.36 -19.96 50.12
C GLU A 442 -19.34 -20.49 49.10
N SER A 443 -20.34 -21.25 49.57
CA SER A 443 -21.28 -21.94 48.68
C SER A 443 -22.09 -20.95 47.86
N SER A 444 -22.62 -19.91 48.50
CA SER A 444 -23.49 -18.98 47.79
C SER A 444 -22.74 -18.26 46.67
N GLN A 445 -21.52 -17.80 46.95
CA GLN A 445 -20.77 -17.09 45.91
C GLN A 445 -20.29 -18.05 44.82
N LEU A 446 -19.91 -19.27 45.18
CA LEU A 446 -19.49 -20.21 44.14
C LEU A 446 -20.65 -20.57 43.23
N LEU A 447 -21.84 -20.77 43.81
CA LEU A 447 -23.03 -21.01 43.01
C LEU A 447 -23.41 -19.77 42.20
N TYR A 448 -23.11 -18.58 42.71
CA TYR A 448 -23.28 -17.37 41.92
C TYR A 448 -22.37 -17.40 40.70
N LEU A 449 -21.13 -17.83 40.85
CA LEU A 449 -20.25 -17.95 39.70
C LEU A 449 -20.76 -19.00 38.71
N LEU A 450 -21.26 -20.12 39.24
CA LEU A 450 -21.77 -21.18 38.38
C LEU A 450 -22.97 -20.70 37.57
N GLU A 451 -23.92 -20.01 38.23
CA GLU A 451 -25.04 -19.46 37.49
C GLU A 451 -24.62 -18.32 36.59
N HIS A 452 -23.53 -17.62 36.92
CA HIS A 452 -22.95 -16.65 36.00
C HIS A 452 -22.47 -17.32 34.73
N THR A 453 -21.84 -18.49 34.87
CA THR A 453 -21.43 -19.25 33.70
C THR A 453 -22.63 -19.74 32.91
N TRP A 454 -23.71 -20.09 33.60
CA TRP A 454 -24.94 -20.47 32.90
C TRP A 454 -25.51 -19.29 32.11
N LYS A 455 -25.53 -18.10 32.71
CA LYS A 455 -25.96 -16.91 31.98
C LYS A 455 -24.99 -16.56 30.86
N ASP A 456 -23.72 -16.89 31.03
CA ASP A 456 -22.75 -16.73 29.95
C ASP A 456 -23.13 -17.59 28.75
N ALA A 457 -23.40 -18.88 29.01
CA ALA A 457 -23.87 -19.76 27.94
C ALA A 457 -25.15 -19.23 27.33
N LYS A 458 -26.08 -18.75 28.16
CA LYS A 458 -27.33 -18.21 27.64
C LYS A 458 -27.10 -17.00 26.75
N PHE A 459 -26.22 -16.10 27.15
CA PHE A 459 -25.94 -14.91 26.35
C PHE A 459 -25.29 -15.29 25.02
N ILE A 460 -24.32 -16.20 25.04
CA ILE A 460 -23.69 -16.63 23.80
C ILE A 460 -24.73 -17.25 22.87
N LEU A 461 -25.59 -18.12 23.42
CA LEU A 461 -26.61 -18.76 22.62
C LEU A 461 -27.59 -17.75 22.06
N GLN A 462 -27.98 -16.75 22.87
CA GLN A 462 -28.88 -15.71 22.39
C GLN A 462 -28.25 -14.91 21.26
N ILE A 463 -26.98 -14.53 21.41
CA ILE A 463 -26.31 -13.79 20.36
C ILE A 463 -26.29 -14.59 19.06
N MET A 464 -25.85 -15.85 19.14
CA MET A 464 -25.71 -16.63 17.92
C MET A 464 -27.07 -16.91 17.28
N CYS A 465 -28.08 -17.24 18.09
CA CYS A 465 -29.41 -17.50 17.55
C CYS A 465 -30.00 -16.26 16.90
N GLU A 466 -29.92 -15.11 17.59
CA GLU A 466 -30.49 -13.88 17.06
C GLU A 466 -29.79 -13.47 15.77
N LEU A 467 -28.46 -13.56 15.74
CA LEU A 467 -27.70 -13.18 14.56
C LEU A 467 -27.69 -14.27 13.49
N ASN A 468 -28.30 -15.42 13.77
CA ASN A 468 -28.48 -16.52 12.82
C ASN A 468 -27.23 -16.74 11.96
N VAL A 469 -26.09 -16.85 12.65
CA VAL A 469 -24.83 -17.13 11.97
C VAL A 469 -24.85 -18.48 11.29
N LEU A 470 -25.67 -19.41 11.78
CA LEU A 470 -25.71 -20.75 11.19
C LEU A 470 -26.34 -20.75 9.79
N PRO A 471 -27.57 -20.24 9.57
CA PRO A 471 -28.08 -20.20 8.19
C PRO A 471 -27.23 -19.35 7.28
N LEU A 472 -26.63 -18.28 7.80
CA LEU A 472 -25.68 -17.50 7.01
C LEU A 472 -24.54 -18.39 6.51
N ALA A 473 -23.95 -19.16 7.43
CA ALA A 473 -22.88 -20.08 7.05
C ALA A 473 -23.36 -21.12 6.06
N LEU A 474 -24.58 -21.62 6.24
CA LEU A 474 -25.14 -22.60 5.31
C LEU A 474 -25.20 -22.04 3.90
N GLN A 475 -25.76 -20.83 3.76
CA GLN A 475 -25.90 -20.24 2.43
C GLN A 475 -24.53 -19.93 1.84
N ILE A 476 -23.59 -19.44 2.65
CA ILE A 476 -22.25 -19.17 2.16
C ILE A 476 -21.59 -20.44 1.66
N THR A 477 -21.74 -21.54 2.41
CA THR A 477 -21.16 -22.81 2.02
C THR A 477 -21.79 -23.33 0.75
N ASN A 478 -23.11 -23.24 0.63
CA ASN A 478 -23.78 -23.69 -0.58
C ASN A 478 -23.37 -22.86 -1.79
N ILE A 479 -23.09 -21.57 -1.61
CA ILE A 479 -22.59 -20.75 -2.70
C ILE A 479 -21.18 -21.18 -3.08
N ALA A 480 -20.30 -21.31 -2.09
CA ALA A 480 -18.87 -21.43 -2.34
C ALA A 480 -18.38 -22.86 -2.54
N GLY A 481 -19.21 -23.87 -2.27
CA GLY A 481 -18.79 -25.24 -2.44
C GLY A 481 -17.71 -25.69 -1.47
N ASN A 482 -17.51 -24.95 -0.38
CA ASN A 482 -16.41 -25.19 0.54
C ASN A 482 -16.81 -26.22 1.60
N ILE A 483 -15.99 -26.32 2.64
CA ILE A 483 -16.31 -27.12 3.82
C ILE A 483 -16.76 -26.16 4.92
N MET A 484 -17.92 -26.45 5.51
CA MET A 484 -18.46 -25.56 6.52
C MET A 484 -17.56 -25.51 7.76
N SER A 485 -16.73 -26.52 7.98
CA SER A 485 -15.80 -26.47 9.10
C SER A 485 -14.80 -25.33 8.91
N ARG A 486 -14.18 -25.27 7.73
CA ARG A 486 -13.30 -24.15 7.41
C ARG A 486 -14.06 -22.84 7.37
N THR A 487 -15.30 -22.86 6.86
CA THR A 487 -16.11 -21.66 6.82
C THR A 487 -16.31 -21.06 8.21
N LEU A 488 -16.69 -21.89 9.17
CA LEU A 488 -16.93 -21.41 10.53
C LEU A 488 -15.63 -21.11 11.25
N MET A 489 -14.55 -21.82 10.92
CA MET A 489 -13.25 -21.50 11.49
C MET A 489 -12.81 -20.10 11.07
N GLY A 490 -13.06 -19.72 9.82
CA GLY A 490 -12.84 -18.37 9.38
C GLY A 490 -11.94 -18.30 8.16
N GLY A 491 -11.93 -17.13 7.55
CA GLY A 491 -11.14 -16.89 6.36
C GLY A 491 -11.97 -16.90 5.10
N ARG A 492 -12.28 -15.70 4.58
CA ARG A 492 -12.99 -15.60 3.31
C ARG A 492 -12.16 -16.17 2.17
N SER A 493 -10.84 -16.20 2.34
CA SER A 493 -9.97 -16.73 1.32
C SER A 493 -10.30 -18.19 1.02
N GLU A 494 -10.55 -18.99 2.07
CA GLU A 494 -10.80 -20.41 1.85
C GLU A 494 -12.15 -20.65 1.18
N ARG A 495 -13.19 -19.93 1.61
CA ARG A 495 -14.50 -20.13 0.99
C ARG A 495 -14.48 -19.75 -0.48
N ASN A 496 -13.93 -18.57 -0.80
CA ASN A 496 -13.89 -18.20 -2.21
C ASN A 496 -12.83 -19.00 -2.97
N GLU A 497 -11.87 -19.57 -2.24
CA GLU A 497 -10.95 -20.55 -2.79
C GLU A 497 -11.70 -21.74 -3.35
N PHE A 498 -12.58 -22.33 -2.54
CA PHE A 498 -13.33 -23.49 -3.00
C PHE A 498 -14.30 -23.10 -4.11
N LEU A 499 -14.88 -21.90 -4.01
CA LEU A 499 -15.71 -21.39 -5.09
C LEU A 499 -14.96 -21.39 -6.41
N LEU A 500 -13.78 -20.79 -6.42
CA LEU A 500 -13.02 -20.69 -7.67
C LEU A 500 -12.52 -22.06 -8.12
N LEU A 501 -12.20 -22.94 -7.18
CA LEU A 501 -11.82 -24.31 -7.57
C LEU A 501 -12.96 -24.97 -8.33
N HIS A 502 -14.19 -24.86 -7.80
CA HIS A 502 -15.35 -25.37 -8.50
C HIS A 502 -15.49 -24.74 -9.88
N ALA A 503 -15.31 -23.43 -9.95
CA ALA A 503 -15.50 -22.73 -11.23
C ALA A 503 -14.49 -23.17 -12.27
N PHE A 504 -13.20 -23.19 -11.91
CA PHE A 504 -12.16 -23.58 -12.87
C PHE A 504 -12.30 -25.04 -13.27
N TYR A 505 -12.76 -25.91 -12.36
CA TYR A 505 -12.96 -27.29 -12.78
C TYR A 505 -14.17 -27.48 -13.67
N GLU A 506 -15.29 -26.81 -13.37
CA GLU A 506 -16.44 -26.91 -14.26
C GLU A 506 -16.19 -26.28 -15.62
N ASN A 507 -15.29 -25.29 -15.69
CA ASN A 507 -14.79 -24.81 -16.97
C ASN A 507 -13.56 -25.56 -17.44
N ASN A 508 -13.19 -26.65 -16.75
CA ASN A 508 -12.13 -27.57 -17.18
C ASN A 508 -10.78 -26.84 -17.29
N TYR A 509 -10.33 -26.33 -16.16
CA TYR A 509 -9.03 -25.71 -16.05
C TYR A 509 -8.16 -26.52 -15.07
N ILE A 510 -6.90 -26.12 -14.92
CA ILE A 510 -5.98 -26.71 -13.96
C ILE A 510 -5.72 -25.70 -12.86
N VAL A 511 -6.03 -26.08 -11.62
CA VAL A 511 -5.83 -25.22 -10.47
C VAL A 511 -4.44 -25.45 -9.90
N PRO A 512 -3.70 -24.40 -9.54
CA PRO A 512 -2.37 -24.61 -8.94
C PRO A 512 -2.47 -25.34 -7.60
N ASP A 513 -1.39 -26.06 -7.28
CA ASP A 513 -1.32 -26.81 -6.04
C ASP A 513 -1.44 -25.89 -4.84
N LYS A 514 -2.05 -26.42 -3.78
CA LYS A 514 -2.10 -25.71 -2.51
C LYS A 514 -0.69 -25.37 -2.05
N GLN A 515 -0.48 -24.12 -1.64
CA GLN A 515 0.86 -23.63 -1.36
C GLN A 515 1.43 -24.39 -0.16
N ILE A 516 2.67 -24.88 -0.31
CA ILE A 516 3.17 -25.91 0.58
C ILE A 516 3.41 -25.40 2.00
N PHE A 517 3.89 -24.16 2.14
CA PHE A 517 4.26 -23.66 3.47
C PHE A 517 3.04 -23.60 4.39
N ARG A 518 1.90 -23.14 3.87
CA ARG A 518 0.67 -23.01 4.64
C ARG A 518 0.89 -22.18 5.89
N LYS A 519 0.68 -22.79 7.06
CA LYS A 519 0.92 -22.25 8.40
C LYS A 519 0.56 -20.77 8.56
N PRO A 520 -0.71 -20.40 8.46
CA PRO A 520 -1.11 -19.08 8.96
C PRO A 520 -1.20 -19.08 10.47
N GLN A 521 -0.91 -17.93 11.07
CA GLN A 521 -0.82 -17.84 12.53
C GLN A 521 -1.83 -16.87 13.12
N GLN A 522 -2.78 -16.39 12.33
CA GLN A 522 -3.79 -15.45 12.83
C GLN A 522 -5.19 -15.87 12.41
N GLY A 550 -5.18 0.82 -0.26
CA GLY A 550 -6.01 1.67 -1.08
C GLY A 550 -5.76 3.16 -0.85
N LEU A 551 -6.79 3.97 -1.09
CA LEU A 551 -6.70 5.41 -0.93
C LEU A 551 -7.60 5.84 0.24
N VAL A 552 -7.01 6.53 1.20
CA VAL A 552 -7.72 7.05 2.36
C VAL A 552 -7.61 8.57 2.34
N LEU A 553 -8.75 9.25 2.34
CA LEU A 553 -8.76 10.71 2.28
C LEU A 553 -8.44 11.30 3.64
N ASP A 554 -7.68 12.38 3.64
CA ASP A 554 -7.39 13.10 4.88
C ASP A 554 -8.68 13.73 5.41
N PRO A 555 -9.04 13.48 6.67
CA PRO A 555 -10.34 13.96 7.16
C PRO A 555 -10.33 15.46 7.41
N LYS A 556 -11.40 16.12 6.96
CA LYS A 556 -11.61 17.52 7.30
C LYS A 556 -12.13 17.61 8.72
N VAL A 557 -11.24 17.40 9.70
CA VAL A 557 -11.66 17.27 11.08
C VAL A 557 -12.31 18.55 11.57
N GLY A 558 -13.35 18.41 12.38
CA GLY A 558 -14.04 19.57 12.90
C GLY A 558 -15.43 19.18 13.39
N PHE A 559 -16.25 20.20 13.64
CA PHE A 559 -17.63 20.01 14.07
C PHE A 559 -18.57 20.37 12.94
N TYR A 560 -19.40 19.41 12.55
CA TYR A 560 -20.32 19.59 11.43
C TYR A 560 -21.74 19.52 11.96
N ASP A 561 -22.42 20.68 12.01
CA ASP A 561 -23.78 20.75 12.53
C ASP A 561 -24.83 20.34 11.52
N LYS A 562 -24.52 20.38 10.23
CA LYS A 562 -25.50 20.02 9.21
C LYS A 562 -25.62 18.50 9.09
N PHE A 563 -26.56 18.08 8.25
CA PHE A 563 -26.81 16.66 8.07
C PHE A 563 -25.60 15.97 7.46
N ILE A 564 -25.39 14.71 7.88
CA ILE A 564 -24.29 13.89 7.39
C ILE A 564 -24.87 12.55 6.94
N LEU A 565 -24.62 12.19 5.68
CA LEU A 565 -25.07 10.90 5.16
C LEU A 565 -23.87 10.16 4.59
N LEU A 566 -23.92 8.84 4.67
CA LEU A 566 -22.84 7.99 4.23
C LEU A 566 -23.13 7.45 2.84
N LEU A 567 -22.10 6.84 2.24
CA LEU A 567 -22.22 6.21 0.92
C LEU A 567 -21.38 4.94 0.98
N ASP A 568 -22.04 3.81 1.26
CA ASP A 568 -21.35 2.55 1.47
C ASP A 568 -20.73 2.07 0.16
N PHE A 569 -19.41 2.05 0.11
CA PHE A 569 -18.70 1.59 -1.09
C PHE A 569 -18.39 0.10 -1.01
N ASN A 570 -19.42 -0.69 -0.75
CA ASN A 570 -19.28 -2.13 -0.72
C ASN A 570 -19.50 -2.70 -2.12
N SER A 571 -18.96 -3.90 -2.34
CA SER A 571 -18.99 -4.57 -3.65
C SER A 571 -18.30 -3.72 -4.71
N LEU A 572 -17.45 -2.78 -4.28
CA LEU A 572 -16.69 -1.96 -5.20
C LEU A 572 -15.78 -2.81 -6.07
N TYR A 573 -14.97 -3.67 -5.44
CA TYR A 573 -14.06 -4.52 -6.21
C TYR A 573 -14.80 -5.51 -7.10
N PRO A 574 -15.85 -6.21 -6.64
CA PRO A 574 -16.64 -7.04 -7.57
C PRO A 574 -17.22 -6.24 -8.72
N SER A 575 -17.70 -5.03 -8.46
CA SER A 575 -18.25 -4.20 -9.53
C SER A 575 -17.17 -3.86 -10.55
N ILE A 576 -15.96 -3.56 -10.08
CA ILE A 576 -14.86 -3.29 -11.00
C ILE A 576 -14.53 -4.52 -11.82
N ILE A 577 -14.46 -5.69 -11.17
CA ILE A 577 -14.10 -6.91 -11.88
C ILE A 577 -15.16 -7.23 -12.94
N GLN A 578 -16.42 -6.96 -12.64
CA GLN A 578 -17.47 -7.04 -13.66
C GLN A 578 -17.21 -6.05 -14.79
N GLU A 579 -16.95 -4.78 -14.43
CA GLU A 579 -16.94 -3.70 -15.41
C GLU A 579 -15.79 -3.85 -16.42
N PHE A 580 -14.56 -4.03 -15.92
CA PHE A 580 -13.38 -4.01 -16.77
C PHE A 580 -12.90 -5.40 -17.12
N ASN A 581 -13.66 -6.44 -16.78
CA ASN A 581 -13.36 -7.83 -17.16
C ASN A 581 -11.97 -8.25 -16.65
N ILE A 582 -11.82 -8.22 -15.34
CA ILE A 582 -10.60 -8.66 -14.69
C ILE A 582 -10.70 -10.15 -14.40
N CYS A 583 -9.74 -10.92 -14.91
CA CYS A 583 -9.74 -12.36 -14.71
C CYS A 583 -8.34 -12.90 -14.97
N PHE A 584 -8.09 -14.09 -14.46
CA PHE A 584 -6.81 -14.76 -14.70
C PHE A 584 -6.68 -15.15 -16.17
N THR A 585 -7.79 -15.53 -16.81
CA THR A 585 -7.76 -15.89 -18.21
C THR A 585 -7.75 -14.67 -19.13
N THR A 586 -7.93 -13.47 -18.58
CA THR A 586 -8.14 -12.27 -19.38
C THR A 586 -6.94 -11.33 -19.37
N VAL A 587 -6.36 -11.06 -18.21
CA VAL A 587 -5.25 -10.11 -18.12
C VAL A 587 -3.99 -10.74 -18.71
N GLN A 588 -3.20 -9.94 -19.42
CA GLN A 588 -1.91 -10.37 -19.96
C GLN A 588 -0.77 -9.94 -19.03
N ARG A 589 -0.72 -10.54 -17.84
CA ARG A 589 0.35 -10.23 -16.91
C ARG A 589 1.66 -10.84 -17.40
N VAL A 590 2.76 -10.26 -16.95
CA VAL A 590 4.09 -10.75 -17.32
C VAL A 590 4.98 -10.86 -16.08
N ILE A 606 3.87 -4.27 -13.56
CA ILE A 606 2.61 -3.52 -13.59
C ILE A 606 1.79 -3.92 -14.80
N PRO A 607 0.60 -4.47 -14.56
CA PRO A 607 -0.22 -4.98 -15.67
C PRO A 607 -0.91 -3.88 -16.44
N GLU A 608 -1.76 -4.27 -17.38
CA GLU A 608 -2.49 -3.33 -18.24
C GLU A 608 -3.95 -3.76 -18.34
N LEU A 609 -4.80 -2.79 -18.65
CA LEU A 609 -6.23 -3.06 -18.72
C LEU A 609 -6.52 -4.00 -19.89
N PRO A 610 -7.35 -5.03 -19.69
CA PRO A 610 -7.69 -5.93 -20.80
C PRO A 610 -8.61 -5.27 -21.81
N ASP A 611 -8.74 -5.93 -22.95
CA ASP A 611 -9.53 -5.38 -24.06
C ASP A 611 -11.01 -5.37 -23.70
N PRO A 612 -11.72 -4.27 -23.94
CA PRO A 612 -13.16 -4.26 -23.61
C PRO A 612 -13.99 -5.13 -24.54
N SER A 613 -13.70 -5.12 -25.85
CA SER A 613 -14.46 -5.93 -26.80
C SER A 613 -14.22 -7.42 -26.58
N LEU A 614 -13.20 -7.79 -25.80
CA LEU A 614 -12.94 -9.19 -25.53
C LEU A 614 -14.09 -9.79 -24.72
N GLU A 615 -14.26 -11.10 -24.84
CA GLU A 615 -15.40 -11.78 -24.23
C GLU A 615 -15.30 -11.73 -22.71
N MET A 616 -16.47 -11.76 -22.07
CA MET A 616 -16.55 -11.68 -20.62
C MET A 616 -15.96 -12.93 -19.98
N GLY A 617 -14.99 -12.72 -19.09
CA GLY A 617 -14.12 -13.78 -18.63
C GLY A 617 -14.71 -14.62 -17.51
N ILE A 618 -13.82 -15.38 -16.86
CA ILE A 618 -14.27 -16.39 -15.90
C ILE A 618 -14.76 -15.74 -14.61
N LEU A 619 -13.89 -15.03 -13.89
CA LEU A 619 -14.29 -14.36 -12.66
C LEU A 619 -15.56 -13.52 -12.85
N PRO A 620 -15.69 -12.71 -13.90
CA PRO A 620 -16.98 -12.02 -14.12
C PRO A 620 -18.16 -12.98 -14.21
N ARG A 621 -17.98 -14.18 -14.75
CA ARG A 621 -19.10 -15.11 -14.85
C ARG A 621 -19.70 -15.39 -13.47
N GLU A 622 -18.88 -15.83 -12.51
CA GLU A 622 -19.46 -16.20 -11.22
C GLU A 622 -19.87 -14.98 -10.42
N ILE A 623 -19.09 -13.89 -10.48
CA ILE A 623 -19.49 -12.74 -9.66
C ILE A 623 -20.77 -12.12 -10.21
N ARG A 624 -20.92 -12.06 -11.54
CA ARG A 624 -22.15 -11.57 -12.14
C ARG A 624 -23.30 -12.52 -11.88
N LYS A 625 -23.04 -13.83 -11.84
CA LYS A 625 -24.09 -14.79 -11.47
C LYS A 625 -24.58 -14.51 -10.06
N LEU A 626 -23.65 -14.26 -9.12
CA LEU A 626 -24.05 -13.94 -7.76
C LEU A 626 -24.84 -12.64 -7.72
N VAL A 627 -24.40 -11.62 -8.47
CA VAL A 627 -25.09 -10.33 -8.46
C VAL A 627 -26.50 -10.46 -9.03
N GLU A 628 -26.65 -11.21 -10.13
CA GLU A 628 -27.98 -11.39 -10.72
C GLU A 628 -28.89 -12.20 -9.80
N ARG A 629 -28.36 -13.24 -9.14
CA ARG A 629 -29.18 -13.98 -8.20
C ARG A 629 -29.62 -13.10 -7.04
N ARG A 630 -28.70 -12.26 -6.53
CA ARG A 630 -29.07 -11.28 -5.52
C ARG A 630 -30.14 -10.33 -6.03
N LYS A 631 -30.02 -9.89 -7.28
CA LYS A 631 -31.02 -8.98 -7.85
C LYS A 631 -32.39 -9.64 -7.95
N GLN A 632 -32.43 -10.92 -8.34
CA GLN A 632 -33.72 -11.60 -8.42
C GLN A 632 -34.31 -11.82 -7.03
N VAL A 633 -33.47 -12.10 -6.03
CA VAL A 633 -33.97 -12.16 -4.66
C VAL A 633 -34.51 -10.79 -4.25
N LYS A 634 -33.81 -9.72 -4.64
CA LYS A 634 -34.27 -8.37 -4.35
C LYS A 634 -35.64 -8.14 -4.96
N GLN A 635 -35.86 -8.61 -6.18
CA GLN A 635 -37.20 -8.62 -6.75
C GLN A 635 -38.16 -9.32 -5.82
N LEU A 636 -37.80 -10.54 -5.37
CA LEU A 636 -38.69 -11.29 -4.48
C LEU A 636 -39.01 -10.54 -3.20
N MET A 637 -38.16 -9.59 -2.78
CA MET A 637 -38.60 -8.71 -1.70
C MET A 637 -39.61 -7.66 -2.17
N LYS A 638 -39.58 -7.25 -3.43
CA LYS A 638 -40.62 -6.33 -3.89
C LYS A 638 -42.00 -6.98 -3.88
N GLN A 639 -42.14 -8.20 -4.41
CA GLN A 639 -43.44 -8.86 -4.38
C GLN A 639 -43.84 -9.12 -2.94
N GLN A 640 -44.91 -8.47 -2.49
CA GLN A 640 -45.42 -8.62 -1.14
C GLN A 640 -46.30 -9.88 -1.10
N ASP A 641 -47.06 -10.05 -0.01
CA ASP A 641 -47.96 -11.20 0.16
C ASP A 641 -47.17 -12.51 0.22
N LEU A 642 -46.04 -12.49 0.91
CA LEU A 642 -45.19 -13.66 1.09
C LEU A 642 -45.06 -13.97 2.57
N ASN A 643 -44.79 -15.24 2.86
CA ASN A 643 -44.60 -15.70 4.23
C ASN A 643 -43.38 -15.00 4.83
N PRO A 644 -43.51 -14.39 6.02
CA PRO A 644 -42.35 -13.66 6.59
C PRO A 644 -41.13 -14.54 6.79
N ASP A 645 -41.30 -15.83 7.09
CA ASP A 645 -40.15 -16.71 7.22
C ASP A 645 -39.38 -16.80 5.90
N LEU A 646 -40.10 -16.95 4.79
CA LEU A 646 -39.45 -16.97 3.49
C LEU A 646 -38.82 -15.61 3.17
N ILE A 647 -39.42 -14.53 3.64
CA ILE A 647 -38.82 -13.20 3.48
C ILE A 647 -37.49 -13.13 4.21
N LEU A 648 -37.44 -13.67 5.44
CA LEU A 648 -36.19 -13.72 6.18
C LEU A 648 -35.16 -14.58 5.47
N GLN A 649 -35.60 -15.71 4.89
CA GLN A 649 -34.69 -16.56 4.13
C GLN A 649 -34.11 -15.80 2.93
N TYR A 650 -34.96 -15.05 2.22
CA TYR A 650 -34.50 -14.27 1.08
C TYR A 650 -33.49 -13.21 1.52
N ASP A 651 -33.77 -12.55 2.65
CA ASP A 651 -32.85 -11.54 3.16
C ASP A 651 -31.50 -12.16 3.52
N ILE A 652 -31.53 -13.33 4.17
CA ILE A 652 -30.29 -14.01 4.54
C ILE A 652 -29.49 -14.38 3.29
N ARG A 653 -30.18 -14.90 2.27
CA ARG A 653 -29.50 -15.26 1.03
C ARG A 653 -28.90 -14.04 0.35
N GLN A 654 -29.64 -12.93 0.34
CA GLN A 654 -29.10 -11.70 -0.25
C GLN A 654 -27.87 -11.21 0.49
N LYS A 655 -27.90 -11.25 1.83
CA LYS A 655 -26.75 -10.80 2.60
C LYS A 655 -25.55 -11.73 2.39
N ALA A 656 -25.80 -13.03 2.30
CA ALA A 656 -24.73 -13.97 2.00
C ALA A 656 -24.11 -13.69 0.64
N LEU A 657 -24.95 -13.41 -0.37
CA LEU A 657 -24.43 -13.06 -1.68
C LEU A 657 -23.60 -11.78 -1.61
N LYS A 658 -24.07 -10.80 -0.83
CA LYS A 658 -23.32 -9.56 -0.66
C LYS A 658 -21.93 -9.82 -0.10
N LEU A 659 -21.85 -10.61 0.98
CA LEU A 659 -20.54 -10.83 1.61
C LEU A 659 -19.64 -11.68 0.72
N THR A 660 -20.22 -12.65 0.01
CA THR A 660 -19.44 -13.46 -0.92
C THR A 660 -18.85 -12.59 -2.03
N ALA A 661 -19.66 -11.69 -2.59
CA ALA A 661 -19.13 -10.72 -3.54
C ALA A 661 -18.00 -9.92 -2.93
N ASN A 662 -18.23 -9.36 -1.74
CA ASN A 662 -17.22 -8.51 -1.11
C ASN A 662 -15.92 -9.26 -0.90
N SER A 663 -16.00 -10.58 -0.69
CA SER A 663 -14.79 -11.36 -0.45
C SER A 663 -14.17 -11.92 -1.74
N MET A 664 -14.88 -11.85 -2.87
CA MET A 664 -14.29 -12.15 -4.17
C MET A 664 -12.90 -11.55 -4.36
N TYR A 665 -12.76 -10.23 -4.16
CA TYR A 665 -11.42 -9.66 -4.25
C TYR A 665 -10.50 -10.23 -3.18
N GLY A 666 -11.05 -10.57 -2.02
CA GLY A 666 -10.23 -11.12 -0.96
C GLY A 666 -9.51 -12.39 -1.39
N CYS A 667 -10.22 -13.29 -2.08
CA CYS A 667 -9.60 -14.57 -2.43
C CYS A 667 -8.47 -14.42 -3.43
N LEU A 668 -8.34 -13.28 -4.10
CA LEU A 668 -7.30 -13.15 -5.11
C LEU A 668 -6.09 -12.38 -4.62
N GLY A 669 -6.27 -11.35 -3.80
CA GLY A 669 -5.09 -10.67 -3.28
C GLY A 669 -4.83 -10.90 -1.81
N PHE A 670 -3.93 -11.85 -1.53
CA PHE A 670 -3.27 -12.14 -0.26
C PHE A 670 -2.19 -13.17 -0.53
N SER A 671 -1.02 -12.98 0.07
CA SER A 671 -0.06 -14.08 0.14
C SER A 671 -0.64 -15.25 0.91
N TYR A 672 -1.65 -14.99 1.73
CA TYR A 672 -2.40 -15.98 2.49
C TYR A 672 -3.28 -16.85 1.60
N SER A 673 -3.48 -16.48 0.33
CA SER A 673 -4.39 -17.17 -0.57
C SER A 673 -3.64 -18.07 -1.54
N ARG A 674 -4.40 -18.92 -2.24
CA ARG A 674 -3.82 -19.80 -3.25
C ARG A 674 -3.51 -19.04 -4.54
N PHE A 675 -4.35 -18.06 -4.86
CA PHE A 675 -4.32 -17.37 -6.16
C PHE A 675 -3.65 -16.00 -6.06
N TYR A 676 -2.57 -15.90 -5.29
CA TYR A 676 -1.96 -14.60 -5.00
C TYR A 676 -1.44 -13.97 -6.29
N ALA A 677 -2.14 -12.94 -6.75
CA ALA A 677 -1.82 -12.25 -8.00
C ALA A 677 -1.50 -10.80 -7.67
N LYS A 678 -0.22 -10.53 -7.44
CA LYS A 678 0.21 -9.15 -7.16
C LYS A 678 -0.20 -8.18 -8.25
N PRO A 679 0.08 -8.42 -9.55
CA PRO A 679 -0.31 -7.42 -10.55
C PRO A 679 -1.80 -7.26 -10.70
N LEU A 680 -2.55 -8.35 -10.68
CA LEU A 680 -4.00 -8.26 -10.82
C LEU A 680 -4.62 -7.50 -9.66
N ALA A 681 -4.19 -7.81 -8.44
CA ALA A 681 -4.69 -7.10 -7.27
C ALA A 681 -4.30 -5.63 -7.31
N ALA A 682 -3.08 -5.32 -7.76
CA ALA A 682 -2.65 -3.93 -7.86
C ALA A 682 -3.50 -3.17 -8.87
N LEU A 683 -3.80 -3.80 -10.01
CA LEU A 683 -4.66 -3.16 -11.00
C LEU A 683 -6.05 -2.90 -10.44
N VAL A 684 -6.61 -3.88 -9.72
CA VAL A 684 -7.95 -3.69 -9.16
C VAL A 684 -7.95 -2.56 -8.13
N THR A 685 -6.95 -2.52 -7.27
CA THR A 685 -6.87 -1.45 -6.27
C THR A 685 -6.67 -0.09 -6.93
N TYR A 686 -5.85 -0.03 -7.98
CA TYR A 686 -5.64 1.23 -8.67
C TYR A 686 -6.94 1.74 -9.29
N LYS A 687 -7.71 0.84 -9.92
CA LYS A 687 -8.98 1.25 -10.49
C LYS A 687 -9.95 1.70 -9.41
N GLY A 688 -9.99 1.00 -8.27
CA GLY A 688 -10.87 1.40 -7.20
C GLY A 688 -10.53 2.77 -6.65
N ARG A 689 -9.24 3.01 -6.40
CA ARG A 689 -8.80 4.31 -5.93
C ARG A 689 -9.15 5.40 -6.94
N GLU A 690 -8.93 5.12 -8.22
CA GLU A 690 -9.22 6.11 -9.26
C GLU A 690 -10.70 6.46 -9.29
N ILE A 691 -11.57 5.45 -9.22
CA ILE A 691 -13.00 5.73 -9.35
C ILE A 691 -13.52 6.44 -8.09
N LEU A 692 -13.08 6.02 -6.90
CA LEU A 692 -13.53 6.70 -5.69
C LEU A 692 -13.06 8.14 -5.68
N MET A 693 -11.81 8.39 -6.02
CA MET A 693 -11.29 9.74 -6.08
C MET A 693 -12.00 10.59 -7.13
N HIS A 694 -12.30 10.03 -8.31
CA HIS A 694 -13.08 10.74 -9.31
C HIS A 694 -14.44 11.14 -8.77
N THR A 695 -15.12 10.19 -8.11
CA THR A 695 -16.37 10.52 -7.43
C THR A 695 -16.15 11.67 -6.45
N LYS A 696 -15.01 11.69 -5.77
CA LYS A 696 -14.73 12.76 -4.83
C LYS A 696 -14.71 14.12 -5.50
N GLU A 697 -13.90 14.28 -6.57
CA GLU A 697 -13.81 15.63 -7.12
C GLU A 697 -15.13 16.02 -7.78
N MET A 698 -15.83 15.06 -8.38
CA MET A 698 -17.05 15.46 -9.09
C MET A 698 -18.18 15.78 -8.12
N VAL A 699 -18.23 15.09 -6.98
CA VAL A 699 -19.20 15.48 -5.97
C VAL A 699 -18.80 16.81 -5.34
N GLN A 700 -17.51 17.14 -5.37
CA GLN A 700 -17.12 18.52 -5.07
C GLN A 700 -17.70 19.49 -6.10
N LYS A 701 -17.70 19.08 -7.38
CA LYS A 701 -18.24 19.92 -8.44
C LYS A 701 -19.73 20.19 -8.24
N MET A 702 -20.48 19.19 -7.80
CA MET A 702 -21.93 19.30 -7.67
C MET A 702 -22.37 20.09 -6.42
N ASN A 703 -21.39 20.80 -5.85
CA ASN A 703 -21.58 21.83 -4.83
C ASN A 703 -21.91 21.26 -3.45
N LEU A 704 -21.35 20.11 -3.13
CA LEU A 704 -21.32 19.59 -1.76
C LEU A 704 -19.87 19.40 -1.34
N GLU A 705 -19.67 18.87 -0.14
CA GLU A 705 -18.33 18.67 0.39
C GLU A 705 -18.21 17.29 1.02
N VAL A 706 -17.12 16.60 0.72
CA VAL A 706 -16.80 15.28 1.24
C VAL A 706 -15.72 15.44 2.31
N ILE A 707 -15.76 14.58 3.33
CA ILE A 707 -14.83 14.70 4.45
C ILE A 707 -14.09 13.42 4.77
N TYR A 708 -14.55 12.24 4.34
CA TYR A 708 -13.83 11.01 4.69
C TYR A 708 -14.33 9.87 3.82
N GLY A 709 -13.38 9.10 3.26
CA GLY A 709 -13.73 7.85 2.58
C GLY A 709 -12.56 6.99 2.20
N ASP A 710 -12.60 5.69 2.56
CA ASP A 710 -11.57 4.72 2.14
C ASP A 710 -12.22 3.43 1.62
N THR A 711 -12.62 3.45 0.34
CA THR A 711 -12.96 2.26 -0.43
C THR A 711 -14.10 1.44 0.17
N ASP A 712 -14.69 1.89 1.28
CA ASP A 712 -15.80 1.16 1.87
C ASP A 712 -16.91 2.06 2.39
N SER A 713 -16.77 3.38 2.33
CA SER A 713 -17.76 4.32 2.81
C SER A 713 -17.32 5.72 2.41
N ILE A 714 -18.29 6.60 2.18
CA ILE A 714 -18.02 7.99 1.86
C ILE A 714 -18.87 8.87 2.78
N MET A 715 -18.21 9.72 3.56
CA MET A 715 -18.89 10.69 4.41
C MET A 715 -19.18 11.93 3.57
N ILE A 716 -20.42 12.40 3.61
CA ILE A 716 -20.86 13.55 2.83
C ILE A 716 -21.59 14.52 3.74
N ASN A 717 -21.11 15.75 3.80
CA ASN A 717 -21.84 16.83 4.46
C ASN A 717 -22.82 17.45 3.48
N THR A 718 -23.89 18.04 4.03
CA THR A 718 -25.04 18.42 3.22
C THR A 718 -25.25 19.92 3.11
N ASN A 719 -24.92 20.69 4.14
CA ASN A 719 -25.28 22.10 4.24
C ASN A 719 -26.79 22.33 4.21
N SER A 720 -27.58 21.28 4.46
CA SER A 720 -29.03 21.35 4.45
C SER A 720 -29.58 20.77 5.74
N THR A 721 -30.80 21.19 6.09
CA THR A 721 -31.44 20.74 7.32
C THR A 721 -32.74 19.98 7.06
N ASN A 722 -33.08 19.71 5.80
CA ASN A 722 -34.26 18.94 5.45
C ASN A 722 -33.84 17.51 5.15
N LEU A 723 -34.35 16.56 5.93
CA LEU A 723 -33.95 15.17 5.77
C LEU A 723 -34.36 14.62 4.41
N GLU A 724 -35.57 14.94 3.96
CA GLU A 724 -36.04 14.46 2.66
C GLU A 724 -35.21 15.06 1.53
N GLU A 725 -34.86 16.34 1.64
CA GLU A 725 -34.00 16.95 0.64
C GLU A 725 -32.63 16.29 0.61
N VAL A 726 -32.08 15.97 1.78
CA VAL A 726 -30.80 15.27 1.85
C VAL A 726 -30.91 13.90 1.19
N PHE A 727 -32.01 13.20 1.47
CA PHE A 727 -32.21 11.87 0.89
C PHE A 727 -32.31 11.93 -0.63
N LYS A 728 -33.02 12.93 -1.16
CA LYS A 728 -33.14 13.01 -2.62
C LYS A 728 -31.84 13.47 -3.24
N LEU A 729 -31.04 14.26 -2.50
CA LEU A 729 -29.69 14.59 -2.96
C LEU A 729 -28.83 13.34 -3.07
N GLY A 730 -28.89 12.48 -2.05
CA GLY A 730 -28.20 11.21 -2.12
C GLY A 730 -28.70 10.35 -3.26
N ASN A 731 -30.01 10.36 -3.49
CA ASN A 731 -30.58 9.58 -4.59
C ASN A 731 -30.07 10.08 -5.94
N LYS A 732 -30.01 11.40 -6.13
CA LYS A 732 -29.55 11.94 -7.41
C LYS A 732 -28.07 11.67 -7.62
N VAL A 733 -27.26 11.77 -6.56
CA VAL A 733 -25.84 11.47 -6.75
C VAL A 733 -25.65 9.97 -7.01
N LYS A 734 -26.46 9.12 -6.35
CA LYS A 734 -26.40 7.69 -6.62
C LYS A 734 -26.77 7.38 -8.06
N SER A 735 -27.84 8.01 -8.56
CA SER A 735 -28.26 7.75 -9.94
C SER A 735 -27.22 8.22 -10.94
N GLU A 736 -26.63 9.40 -10.71
CA GLU A 736 -25.65 9.90 -11.65
C GLU A 736 -24.37 9.06 -11.63
N VAL A 737 -23.96 8.60 -10.45
CA VAL A 737 -22.77 7.75 -10.40
C VAL A 737 -23.08 6.38 -11.00
N ASN A 738 -24.32 5.91 -10.89
CA ASN A 738 -24.72 4.66 -11.52
C ASN A 738 -24.76 4.76 -13.04
N LYS A 739 -25.16 5.90 -13.60
CA LYS A 739 -25.09 6.06 -15.04
C LYS A 739 -23.69 6.40 -15.52
N LEU A 740 -22.81 6.87 -14.63
CA LEU A 740 -21.41 7.02 -15.01
C LEU A 740 -20.71 5.67 -15.05
N TYR A 741 -20.93 4.84 -14.05
CA TYR A 741 -20.40 3.47 -13.99
C TYR A 741 -21.56 2.49 -13.84
N LYS A 742 -21.69 1.61 -14.83
CA LYS A 742 -22.91 0.85 -15.05
C LYS A 742 -23.19 -0.13 -13.92
N LEU A 743 -22.23 -0.96 -13.53
CA LEU A 743 -22.49 -2.06 -12.60
C LEU A 743 -22.27 -1.70 -11.14
N LEU A 744 -21.80 -0.50 -10.84
CA LEU A 744 -21.57 -0.12 -9.46
C LEU A 744 -22.89 0.09 -8.73
N GLU A 745 -22.98 -0.43 -7.51
CA GLU A 745 -24.18 -0.34 -6.68
C GLU A 745 -23.84 0.41 -5.39
N ILE A 746 -24.02 1.71 -5.41
CA ILE A 746 -23.84 2.57 -4.25
C ILE A 746 -25.17 2.66 -3.51
N ASP A 747 -25.10 2.97 -2.22
CA ASP A 747 -26.31 3.05 -1.40
C ASP A 747 -26.04 3.92 -0.18
N ILE A 748 -27.12 4.35 0.46
CA ILE A 748 -27.04 5.09 1.71
C ILE A 748 -26.94 4.11 2.86
N ASP A 749 -26.13 4.47 3.86
CA ASP A 749 -25.91 3.62 5.02
C ASP A 749 -26.38 4.22 6.33
N GLY A 750 -26.55 5.54 6.41
CA GLY A 750 -27.01 6.15 7.63
C GLY A 750 -27.00 7.66 7.50
N VAL A 751 -27.66 8.30 8.46
CA VAL A 751 -27.80 9.75 8.50
C VAL A 751 -27.33 10.24 9.87
N PHE A 752 -26.53 11.30 9.87
CA PHE A 752 -26.07 11.96 11.09
C PHE A 752 -26.51 13.42 11.05
N LYS A 753 -27.36 13.81 12.00
CA LYS A 753 -27.84 15.19 12.04
C LYS A 753 -26.71 16.16 12.33
N SER A 754 -25.78 15.76 13.20
CA SER A 754 -24.56 16.52 13.47
C SER A 754 -23.45 15.54 13.78
N LEU A 755 -22.24 15.89 13.34
CA LEU A 755 -21.11 14.98 13.44
C LEU A 755 -19.85 15.76 13.81
N LEU A 756 -19.05 15.17 14.70
CA LEU A 756 -17.77 15.72 15.11
C LEU A 756 -16.67 14.83 14.54
N LEU A 757 -16.17 15.19 13.37
CA LEU A 757 -15.16 14.37 12.70
C LEU A 757 -13.80 14.57 13.36
N LEU A 758 -13.27 13.49 13.93
CA LEU A 758 -11.97 13.54 14.59
C LEU A 758 -10.96 12.59 13.97
N LYS A 759 -11.32 11.32 13.78
CA LYS A 759 -10.38 10.32 13.31
C LYS A 759 -11.16 9.11 12.81
N LYS A 760 -10.49 8.28 12.02
CA LYS A 760 -11.06 7.03 11.53
C LYS A 760 -11.63 6.21 12.68
N LYS A 761 -12.93 5.92 12.60
CA LYS A 761 -13.64 5.15 13.62
C LYS A 761 -13.47 5.77 15.00
N LYS A 762 -13.37 7.10 15.05
CA LYS A 762 -13.22 7.82 16.30
C LYS A 762 -13.83 9.20 16.09
N TYR A 763 -15.08 9.37 16.48
CA TYR A 763 -15.83 10.59 16.17
C TYR A 763 -17.01 10.69 17.13
N ALA A 764 -17.73 11.80 17.02
CA ALA A 764 -19.03 11.97 17.67
C ALA A 764 -20.04 12.33 16.60
N ALA A 765 -21.19 11.69 16.63
CA ALA A 765 -22.16 11.85 15.56
C ALA A 765 -23.56 11.55 16.08
N LEU A 766 -24.49 12.45 15.80
CA LEU A 766 -25.89 12.29 16.22
C LEU A 766 -26.56 11.33 15.24
N VAL A 767 -26.74 10.08 15.68
CA VAL A 767 -27.31 9.06 14.82
C VAL A 767 -28.76 9.40 14.51
N VAL A 768 -29.14 9.29 13.24
CA VAL A 768 -30.50 9.57 12.78
C VAL A 768 -31.03 8.34 12.08
N GLU A 769 -32.08 7.74 12.65
CA GLU A 769 -32.76 6.60 12.05
C GLU A 769 -34.13 7.06 11.56
N PRO A 770 -34.34 7.21 10.25
CA PRO A 770 -35.62 7.73 9.76
C PRO A 770 -36.79 6.82 10.06
N THR A 771 -37.72 7.30 10.89
CA THR A 771 -38.91 6.55 11.26
C THR A 771 -40.03 6.86 10.27
N SER A 772 -41.25 6.45 10.61
CA SER A 772 -42.39 6.64 9.74
C SER A 772 -42.75 8.12 9.64
N ASP A 773 -43.42 8.47 8.54
CA ASP A 773 -43.88 9.84 8.28
C ASP A 773 -42.71 10.83 8.22
N GLY A 774 -41.55 10.37 7.78
CA GLY A 774 -40.39 11.23 7.65
C GLY A 774 -39.75 11.65 8.95
N ASN A 775 -40.20 11.13 10.09
CA ASN A 775 -39.60 11.49 11.37
C ASN A 775 -38.37 10.62 11.63
N TYR A 776 -37.72 10.88 12.76
CA TYR A 776 -36.48 10.18 13.08
C TYR A 776 -36.24 10.25 14.58
N VAL A 777 -35.37 9.36 15.05
CA VAL A 777 -34.95 9.31 16.45
C VAL A 777 -33.50 9.76 16.51
N THR A 778 -33.21 10.75 17.37
CA THR A 778 -31.85 11.26 17.52
C THR A 778 -31.09 10.38 18.52
N LYS A 779 -30.68 9.22 18.00
CA LYS A 779 -29.92 8.28 18.82
C LYS A 779 -28.52 8.81 19.10
N GLN A 780 -28.05 8.55 20.32
CA GLN A 780 -26.76 9.06 20.79
C GLN A 780 -25.74 7.92 20.74
N GLU A 781 -24.86 7.97 19.74
CA GLU A 781 -23.78 7.00 19.58
C GLU A 781 -22.54 7.70 19.08
N LEU A 782 -21.38 7.21 19.51
CA LEU A 782 -20.12 7.80 19.08
C LEU A 782 -18.99 6.82 19.34
N LYS A 783 -17.92 6.96 18.55
CA LYS A 783 -16.77 6.07 18.60
C LYS A 783 -15.53 6.84 19.06
N GLY A 784 -14.71 6.18 19.87
CA GLY A 784 -13.42 6.73 20.25
C GLY A 784 -13.41 7.68 21.42
N LEU A 785 -14.56 7.95 22.03
CA LEU A 785 -14.61 8.83 23.19
C LEU A 785 -13.93 8.24 24.42
N ASP A 786 -13.59 6.95 24.39
CA ASP A 786 -13.09 6.26 25.57
C ASP A 786 -11.80 6.90 26.10
N ILE A 787 -11.55 6.67 27.38
CA ILE A 787 -10.37 7.20 28.06
C ILE A 787 -9.59 6.02 28.64
N VAL A 788 -8.27 6.12 28.62
CA VAL A 788 -7.42 4.99 29.00
C VAL A 788 -6.95 5.10 30.44
N ARG A 789 -6.57 6.29 30.89
CA ARG A 789 -6.00 6.47 32.22
C ARG A 789 -7.03 7.06 33.16
N ARG A 790 -7.08 6.53 34.39
CA ARG A 790 -8.07 6.90 35.38
C ARG A 790 -7.56 7.94 36.37
N ASP A 791 -6.51 8.69 35.99
CA ASP A 791 -5.87 9.65 36.88
C ASP A 791 -6.40 11.07 36.70
N TRP A 792 -7.68 11.22 36.37
CA TRP A 792 -8.31 12.51 36.20
C TRP A 792 -9.19 12.83 37.40
N CYS A 793 -9.31 14.10 37.72
CA CYS A 793 -10.19 14.52 38.81
C CYS A 793 -11.65 14.26 38.45
N ASP A 794 -12.46 14.00 39.48
CA ASP A 794 -13.89 13.79 39.24
C ASP A 794 -14.54 15.05 38.67
N LEU A 795 -14.09 16.23 39.12
CA LEU A 795 -14.59 17.46 38.51
C LEU A 795 -14.16 17.56 37.05
N ALA A 796 -12.97 17.06 36.72
CA ALA A 796 -12.55 17.02 35.32
C ALA A 796 -13.44 16.10 34.50
N LYS A 797 -13.80 14.94 35.06
CA LYS A 797 -14.73 14.05 34.35
C LYS A 797 -16.09 14.71 34.18
N ASP A 798 -16.57 15.41 35.20
CA ASP A 798 -17.83 16.15 35.09
C ASP A 798 -17.75 17.18 33.98
N THR A 799 -16.63 17.92 33.91
CA THR A 799 -16.45 18.91 32.86
C THR A 799 -16.42 18.26 31.48
N GLY A 800 -15.76 17.11 31.37
CA GLY A 800 -15.74 16.41 30.09
C GLY A 800 -17.12 15.94 29.65
N ASN A 801 -17.90 15.41 30.59
CA ASN A 801 -19.27 15.03 30.28
C ASN A 801 -20.10 16.24 29.87
N PHE A 802 -19.90 17.38 30.55
CA PHE A 802 -20.59 18.59 30.14
C PHE A 802 -20.21 19.01 28.73
N VAL A 803 -18.93 18.91 28.39
CA VAL A 803 -18.47 19.28 27.06
C VAL A 803 -19.09 18.37 26.01
N ILE A 804 -19.11 17.06 26.27
CA ILE A 804 -19.68 16.14 25.29
C ILE A 804 -21.18 16.37 25.14
N GLY A 805 -21.87 16.66 26.25
CA GLY A 805 -23.30 16.94 26.16
C GLY A 805 -23.60 18.20 25.38
N GLN A 806 -22.82 19.26 25.60
CA GLN A 806 -23.06 20.51 24.91
C GLN A 806 -22.68 20.39 23.43
N ILE A 807 -21.62 19.65 23.12
CA ILE A 807 -21.22 19.49 21.72
C ILE A 807 -22.14 18.52 21.00
N LEU A 808 -22.93 17.74 21.75
CA LEU A 808 -23.88 16.82 21.14
C LEU A 808 -25.32 17.32 21.22
N SER A 809 -25.52 18.59 21.57
CA SER A 809 -26.86 19.17 21.54
C SER A 809 -27.21 19.63 20.13
N ASP A 810 -28.51 19.67 19.84
CA ASP A 810 -28.98 19.98 18.49
C ASP A 810 -28.74 21.43 18.08
N GLN A 811 -28.42 22.31 19.03
CA GLN A 811 -28.37 23.74 18.72
C GLN A 811 -27.17 24.08 17.86
N SER A 812 -27.06 25.36 17.51
CA SER A 812 -26.12 25.82 16.50
C SER A 812 -24.69 25.85 17.06
N ARG A 813 -23.74 25.96 16.13
CA ARG A 813 -22.32 26.00 16.50
C ARG A 813 -22.02 27.19 17.41
N ASP A 814 -22.56 28.37 17.06
CA ASP A 814 -22.29 29.55 17.87
C ASP A 814 -22.91 29.42 19.26
N THR A 815 -24.11 28.86 19.35
CA THR A 815 -24.74 28.65 20.66
C THR A 815 -23.90 27.70 21.51
N ILE A 816 -23.44 26.59 20.91
CA ILE A 816 -22.62 25.64 21.65
C ILE A 816 -21.33 26.29 22.11
N VAL A 817 -20.69 27.07 21.24
CA VAL A 817 -19.44 27.73 21.59
C VAL A 817 -19.65 28.71 22.74
N GLU A 818 -20.73 29.50 22.67
CA GLU A 818 -20.99 30.47 23.73
C GLU A 818 -21.25 29.77 25.05
N ASN A 819 -22.01 28.68 25.04
CA ASN A 819 -22.29 27.96 26.27
C ASN A 819 -21.01 27.35 26.84
N ILE A 820 -20.19 26.73 25.99
CA ILE A 820 -18.99 26.09 26.49
C ILE A 820 -18.00 27.14 27.00
N GLN A 821 -17.94 28.31 26.34
CA GLN A 821 -17.01 29.33 26.81
C GLN A 821 -17.45 29.91 28.13
N LYS A 822 -18.76 30.17 28.30
CA LYS A 822 -19.20 30.68 29.59
C LYS A 822 -18.93 29.67 30.70
N ARG A 823 -19.33 28.40 30.49
CA ARG A 823 -19.16 27.38 31.53
C ARG A 823 -17.69 27.21 31.88
N LEU A 824 -16.83 27.19 30.86
CA LEU A 824 -15.40 27.11 31.08
C LEU A 824 -14.91 28.30 31.90
N ILE A 825 -15.50 29.48 31.68
CA ILE A 825 -15.09 30.65 32.44
C ILE A 825 -15.49 30.53 33.91
N GLU A 826 -16.72 30.09 34.20
CA GLU A 826 -17.04 29.91 35.62
C GLU A 826 -16.18 28.83 36.26
N ILE A 827 -15.87 27.75 35.52
CA ILE A 827 -14.99 26.73 36.08
C ILE A 827 -13.63 27.32 36.42
N GLY A 828 -13.07 28.11 35.50
CA GLY A 828 -11.76 28.70 35.74
C GLY A 828 -11.76 29.65 36.92
N GLU A 829 -12.77 30.53 37.01
CA GLU A 829 -12.85 31.44 38.14
C GLU A 829 -13.08 30.72 39.46
N ASN A 830 -13.92 29.69 39.47
CA ASN A 830 -14.15 28.94 40.71
C ASN A 830 -12.88 28.25 41.17
N VAL A 831 -12.13 27.66 40.25
CA VAL A 831 -10.87 27.03 40.65
C VAL A 831 -9.86 28.07 41.11
N LEU A 832 -9.80 29.22 40.45
CA LEU A 832 -8.84 30.25 40.83
C LEU A 832 -9.15 30.81 42.21
N ASN A 833 -10.40 31.09 42.51
CA ASN A 833 -10.76 31.67 43.80
C ASN A 833 -11.02 30.63 44.88
N GLY A 834 -10.93 29.34 44.55
CA GLY A 834 -10.97 28.30 45.57
C GLY A 834 -12.34 27.97 46.11
N SER A 835 -13.41 28.42 45.45
CA SER A 835 -14.75 28.09 45.91
C SER A 835 -15.10 26.63 45.69
N VAL A 836 -14.34 25.92 44.86
CA VAL A 836 -14.63 24.51 44.56
C VAL A 836 -14.32 23.68 45.80
N PRO A 837 -15.20 22.76 46.20
CA PRO A 837 -14.90 21.90 47.36
C PRO A 837 -13.68 21.04 47.12
N VAL A 838 -12.92 20.79 48.20
CA VAL A 838 -11.60 20.19 48.08
C VAL A 838 -11.70 18.74 47.58
N SER A 839 -12.76 18.03 47.98
CA SER A 839 -12.85 16.60 47.67
C SER A 839 -12.88 16.33 46.18
N GLN A 840 -13.35 17.29 45.38
CA GLN A 840 -13.40 17.10 43.93
C GLN A 840 -12.02 17.20 43.29
N PHE A 841 -11.03 17.74 43.99
CA PHE A 841 -9.69 17.86 43.44
C PHE A 841 -8.91 16.55 43.51
N GLU A 842 -9.47 15.51 44.12
CA GLU A 842 -8.74 14.27 44.37
C GLU A 842 -8.48 13.53 43.06
N ILE A 843 -7.36 12.80 43.02
CA ILE A 843 -6.98 11.98 41.87
C ILE A 843 -6.72 10.56 42.36
N ASN A 844 -7.33 9.58 41.69
CA ASN A 844 -7.12 8.17 42.01
C ASN A 844 -6.17 7.53 41.01
N LYS A 845 -5.46 6.51 41.47
CA LYS A 845 -4.50 5.80 40.62
C LYS A 845 -4.12 4.49 41.29
N ALA A 846 -4.02 3.42 40.51
CA ALA A 846 -3.64 2.13 41.04
C ALA A 846 -2.11 1.98 41.04
N LEU A 847 -1.65 0.90 41.67
CA LEU A 847 -0.22 0.57 41.76
C LEU A 847 0.00 -0.78 41.09
N THR A 848 0.64 -0.77 39.91
CA THR A 848 1.01 -2.03 39.28
C THR A 848 2.06 -2.77 40.10
N LYS A 849 3.06 -2.04 40.61
CA LYS A 849 4.15 -2.60 41.38
C LYS A 849 4.22 -1.89 42.73
N ASP A 850 5.26 -2.23 43.50
CA ASP A 850 5.56 -1.52 44.73
C ASP A 850 6.18 -0.17 44.43
N PRO A 851 6.08 0.81 45.33
CA PRO A 851 6.54 2.17 45.01
C PRO A 851 7.99 2.25 44.58
N GLN A 852 8.90 1.54 45.25
CA GLN A 852 10.30 1.61 44.88
C GLN A 852 10.58 0.94 43.54
N ASP A 853 9.68 0.09 43.05
CA ASP A 853 9.94 -0.66 41.82
C ASP A 853 9.88 0.22 40.59
N TYR A 854 9.09 1.29 40.62
CA TYR A 854 8.93 2.13 39.44
C TYR A 854 10.25 2.85 39.14
N PRO A 855 10.84 2.65 37.95
CA PRO A 855 12.07 3.37 37.62
C PRO A 855 11.92 4.88 37.55
N ASP A 856 10.72 5.37 37.23
CA ASP A 856 10.46 6.80 37.14
C ASP A 856 9.82 7.35 38.41
N LYS A 857 10.28 6.86 39.57
CA LYS A 857 9.73 7.29 40.85
C LYS A 857 9.81 8.81 41.02
N LYS A 858 10.85 9.43 40.47
CA LYS A 858 10.97 10.88 40.59
C LYS A 858 9.89 11.60 39.79
N SER A 859 9.40 10.97 38.71
CA SER A 859 8.47 11.65 37.82
C SER A 859 7.01 11.27 38.08
N LEU A 860 6.74 10.13 38.71
CA LEU A 860 5.36 9.74 38.95
C LEU A 860 4.87 10.27 40.29
N PRO A 861 3.92 11.22 40.31
CA PRO A 861 3.45 11.75 41.59
C PRO A 861 2.80 10.71 42.48
N HIS A 862 2.10 9.73 41.91
CA HIS A 862 1.41 8.76 42.74
C HIS A 862 2.40 7.82 43.44
N VAL A 863 3.46 7.41 42.75
CA VAL A 863 4.49 6.63 43.44
C VAL A 863 5.26 7.51 44.42
N HIS A 864 5.37 8.81 44.13
CA HIS A 864 5.97 9.71 45.11
C HIS A 864 5.16 9.75 46.40
N VAL A 865 3.83 9.84 46.27
CA VAL A 865 2.95 9.82 47.43
C VAL A 865 3.04 8.47 48.14
N ALA A 866 3.19 7.39 47.37
CA ALA A 866 3.37 6.08 47.98
C ALA A 866 4.65 6.02 48.80
N LEU A 867 5.74 6.57 48.26
CA LEU A 867 6.98 6.68 49.01
C LEU A 867 6.76 7.45 50.31
N TRP A 868 6.10 8.60 50.21
CA TRP A 868 5.87 9.43 51.39
C TRP A 868 5.07 8.69 52.46
N ILE A 869 3.99 8.01 52.05
CA ILE A 869 3.13 7.35 53.03
C ILE A 869 3.85 6.15 53.65
N ASN A 870 4.54 5.36 52.81
CA ASN A 870 5.27 4.21 53.35
C ASN A 870 6.39 4.64 54.26
N SER A 871 6.98 5.82 54.03
CA SER A 871 8.04 6.31 54.91
C SER A 871 7.46 6.81 56.23
N GLN A 872 6.55 7.79 56.17
CA GLN A 872 6.14 8.46 57.40
C GLN A 872 5.15 7.65 58.22
N GLY A 873 4.30 6.85 57.58
CA GLY A 873 3.19 6.21 58.25
C GLY A 873 3.42 4.74 58.54
N GLY A 874 2.32 4.01 58.66
CA GLY A 874 2.33 2.60 58.99
C GLY A 874 2.12 1.70 57.79
N ARG A 875 0.87 1.28 57.60
CA ARG A 875 0.49 0.37 56.51
C ARG A 875 1.14 0.77 55.19
N LYS A 876 1.93 -0.16 54.64
CA LYS A 876 2.65 0.08 53.40
C LYS A 876 1.71 0.02 52.20
N VAL A 877 2.09 0.70 51.12
CA VAL A 877 1.36 0.58 49.87
C VAL A 877 1.85 -0.69 49.16
N LYS A 878 0.96 -1.65 49.00
CA LYS A 878 1.28 -2.86 48.25
C LYS A 878 0.80 -2.72 46.80
N ALA A 879 1.38 -3.55 45.92
CA ALA A 879 0.93 -3.59 44.55
C ALA A 879 -0.51 -4.10 44.49
N GLY A 880 -1.29 -3.52 43.58
CA GLY A 880 -2.71 -3.81 43.50
C GLY A 880 -3.59 -2.89 44.31
N ASP A 881 -3.01 -2.06 45.18
CA ASP A 881 -3.79 -1.09 45.94
C ASP A 881 -3.88 0.22 45.19
N THR A 882 -4.94 0.97 45.44
CA THR A 882 -5.21 2.23 44.76
C THR A 882 -4.84 3.38 45.68
N VAL A 883 -3.95 4.25 45.21
CA VAL A 883 -3.53 5.41 45.99
C VAL A 883 -4.45 6.58 45.69
N SER A 884 -4.77 7.36 46.71
CA SER A 884 -5.54 8.59 46.56
C SER A 884 -4.64 9.76 46.95
N TYR A 885 -4.61 10.79 46.12
CA TYR A 885 -3.69 11.89 46.34
C TYR A 885 -4.17 13.15 45.63
N VAL A 886 -3.54 14.26 45.95
CA VAL A 886 -3.81 15.56 45.36
C VAL A 886 -2.49 16.28 45.15
N ILE A 887 -2.50 17.25 44.24
CA ILE A 887 -1.31 18.05 43.98
C ILE A 887 -1.27 19.14 45.04
N CYS A 888 -0.11 19.79 45.19
CA CYS A 888 0.02 20.89 46.14
C CYS A 888 1.04 21.89 45.62
N GLN A 889 0.96 23.10 46.16
CA GLN A 889 1.90 24.19 45.89
C GLN A 889 2.66 24.45 47.17
N ASP A 890 3.95 24.10 47.19
CA ASP A 890 4.74 24.13 48.41
C ASP A 890 5.67 25.33 48.50
N GLY A 891 5.72 26.17 47.47
CA GLY A 891 6.67 27.27 47.47
C GLY A 891 8.11 26.87 47.41
N SER A 892 8.40 25.60 47.11
CA SER A 892 9.75 25.07 47.04
C SER A 892 10.27 24.98 45.61
N ASN A 893 9.58 25.63 44.66
CA ASN A 893 9.91 25.64 43.23
C ASN A 893 10.28 24.26 42.69
N LEU A 894 9.66 23.22 43.24
CA LEU A 894 9.83 21.87 42.75
C LEU A 894 8.84 21.58 41.63
N THR A 895 9.13 20.52 40.88
CA THR A 895 8.18 20.04 39.88
C THR A 895 6.90 19.57 40.57
N ALA A 896 5.76 19.78 39.90
CA ALA A 896 4.48 19.43 40.48
C ALA A 896 4.45 17.98 40.95
N SER A 897 4.94 17.06 40.11
CA SER A 897 5.01 15.65 40.51
C SER A 897 5.77 15.48 41.82
N GLN A 898 6.82 16.27 42.02
CA GLN A 898 7.61 16.23 43.25
C GLN A 898 6.94 16.92 44.42
N ARG A 899 5.69 17.35 44.27
CA ARG A 899 4.99 18.04 45.35
C ARG A 899 3.64 17.41 45.69
N ALA A 900 3.28 16.29 45.08
CA ALA A 900 1.98 15.68 45.33
C ALA A 900 1.89 15.19 46.76
N TYR A 901 0.76 15.49 47.40
CA TYR A 901 0.49 15.10 48.79
C TYR A 901 -0.76 14.23 48.84
N ALA A 902 -1.09 13.80 50.06
CA ALA A 902 -2.34 13.12 50.32
C ALA A 902 -3.43 14.13 50.65
N PRO A 903 -4.70 13.78 50.43
CA PRO A 903 -5.77 14.73 50.77
C PRO A 903 -5.85 15.06 52.25
N GLU A 904 -5.77 14.05 53.11
CA GLU A 904 -5.80 14.30 54.56
C GLU A 904 -4.59 15.12 54.99
N GLN A 905 -3.41 14.81 54.45
CA GLN A 905 -2.22 15.56 54.81
C GLN A 905 -2.35 17.02 54.37
N LEU A 906 -2.88 17.25 53.18
CA LEU A 906 -3.08 18.62 52.71
C LEU A 906 -4.08 19.36 53.58
N GLN A 907 -5.19 18.70 53.94
CA GLN A 907 -6.17 19.34 54.80
C GLN A 907 -5.65 19.57 56.21
N LYS A 908 -4.61 18.83 56.63
CA LYS A 908 -3.98 19.08 57.91
C LYS A 908 -2.82 20.07 57.82
N GLN A 909 -2.45 20.50 56.62
CA GLN A 909 -1.34 21.43 56.42
C GLN A 909 -1.88 22.77 55.94
N ASP A 910 -1.61 23.83 56.71
CA ASP A 910 -1.95 25.18 56.30
C ASP A 910 -0.79 25.90 55.64
N ASN A 911 0.43 25.40 55.79
CA ASN A 911 1.60 26.08 55.26
C ASN A 911 1.61 26.07 53.73
N LEU A 912 1.16 24.97 53.12
CA LEU A 912 1.23 24.80 51.67
C LEU A 912 -0.16 24.58 51.10
N THR A 913 -0.38 25.10 49.90
CA THR A 913 -1.70 25.13 49.26
C THR A 913 -1.67 24.33 47.95
N ILE A 914 -2.76 24.44 47.19
CA ILE A 914 -2.96 23.66 45.98
C ILE A 914 -2.52 24.49 44.78
N ASP A 915 -2.34 23.83 43.63
CA ASP A 915 -1.77 24.47 42.44
C ASP A 915 -2.85 24.56 41.36
N THR A 916 -3.59 25.66 41.41
CA THR A 916 -4.57 25.96 40.36
C THR A 916 -3.90 26.04 39.00
N GLN A 917 -2.65 26.51 38.95
CA GLN A 917 -1.94 26.58 37.68
C GLN A 917 -1.70 25.19 37.10
N TYR A 918 -1.28 24.25 37.95
CA TYR A 918 -1.03 22.90 37.46
C TYR A 918 -2.32 22.23 37.00
N TYR A 919 -3.41 22.42 37.75
CA TYR A 919 -4.69 21.92 37.25
C TYR A 919 -5.06 22.54 35.90
N LEU A 920 -5.09 23.87 35.81
CA LEU A 920 -5.50 24.51 34.56
C LEU A 920 -4.54 24.17 33.43
N ALA A 921 -3.35 23.65 33.76
CA ALA A 921 -2.41 23.25 32.72
C ALA A 921 -2.67 21.82 32.25
N GLN A 922 -2.72 20.85 33.18
CA GLN A 922 -2.68 19.44 32.79
C GLN A 922 -3.72 18.59 33.50
N GLN A 923 -4.84 19.17 33.93
CA GLN A 923 -5.93 18.37 34.47
C GLN A 923 -7.31 18.81 33.97
N ILE A 924 -7.47 20.07 33.56
CA ILE A 924 -8.71 20.57 32.99
C ILE A 924 -8.54 20.87 31.51
N HIS A 925 -7.47 21.59 31.14
CA HIS A 925 -7.23 21.94 29.76
C HIS A 925 -7.17 20.75 28.81
N PRO A 926 -6.48 19.65 29.11
CA PRO A 926 -6.49 18.53 28.16
C PRO A 926 -7.87 17.91 27.96
N VAL A 927 -8.61 17.70 29.06
CA VAL A 927 -9.89 17.00 28.97
C VAL A 927 -10.86 17.79 28.10
N VAL A 928 -10.94 19.11 28.30
CA VAL A 928 -11.83 19.91 27.47
C VAL A 928 -11.27 20.04 26.06
N ALA A 929 -9.97 20.30 25.93
CA ALA A 929 -9.38 20.59 24.62
C ALA A 929 -9.48 19.41 23.67
N ARG A 930 -9.44 18.18 24.21
CA ARG A 930 -9.52 17.00 23.36
C ARG A 930 -10.73 17.05 22.43
N ILE A 931 -11.87 17.52 22.96
CA ILE A 931 -13.10 17.59 22.18
C ILE A 931 -13.32 18.99 21.61
N CYS A 932 -13.07 20.04 22.39
CA CYS A 932 -13.45 21.37 21.97
C CYS A 932 -12.44 21.99 21.00
N GLU A 933 -11.26 21.39 20.87
CA GLU A 933 -10.23 21.95 19.99
C GLU A 933 -10.53 21.77 18.51
N PRO A 934 -10.97 20.59 18.03
CA PRO A 934 -11.21 20.45 16.58
C PRO A 934 -12.23 21.43 16.01
N ILE A 935 -13.19 21.90 16.81
CA ILE A 935 -14.10 22.95 16.35
C ILE A 935 -13.29 24.13 15.81
N ASP A 936 -13.61 24.53 14.59
CA ASP A 936 -12.85 25.57 13.91
C ASP A 936 -12.97 26.89 14.64
N GLY A 937 -11.89 27.67 14.60
CA GLY A 937 -11.84 28.96 15.26
C GLY A 937 -11.61 28.87 16.75
N ILE A 938 -11.21 27.69 17.22
CA ILE A 938 -10.96 27.43 18.64
C ILE A 938 -9.62 26.72 18.75
N ASP A 939 -8.74 27.23 19.62
CA ASP A 939 -7.42 26.63 19.81
C ASP A 939 -7.07 26.61 21.29
N ALA A 940 -6.19 25.65 21.64
CA ALA A 940 -5.82 25.45 23.04
C ALA A 940 -5.34 26.73 23.70
N VAL A 941 -4.64 27.59 22.98
CA VAL A 941 -4.28 28.91 23.49
C VAL A 941 -5.53 29.69 23.86
N LEU A 942 -6.55 29.61 23.01
CA LEU A 942 -7.78 30.35 23.28
C LEU A 942 -8.49 29.79 24.51
N ILE A 943 -8.52 28.46 24.67
CA ILE A 943 -9.08 27.90 25.90
C ILE A 943 -8.29 28.37 27.12
N ALA A 944 -6.95 28.42 26.99
CA ALA A 944 -6.13 28.88 28.10
C ALA A 944 -6.51 30.30 28.51
N THR A 945 -6.70 31.18 27.53
CA THR A 945 -7.15 32.55 27.85
C THR A 945 -8.53 32.55 28.49
N TRP A 946 -9.43 31.71 27.96
CA TRP A 946 -10.75 31.51 28.54
C TRP A 946 -10.70 31.14 30.03
N LEU A 947 -9.80 30.23 30.41
CA LEU A 947 -9.86 29.63 31.73
C LEU A 947 -9.00 30.32 32.78
N GLY A 948 -7.98 31.07 32.38
CA GLY A 948 -7.11 31.64 33.39
C GLY A 948 -6.01 32.49 32.78
N LEU A 949 -5.02 32.80 33.63
CA LEU A 949 -3.90 33.65 33.29
C LEU A 949 -2.75 32.89 32.64
N ASP A 950 -3.03 31.75 32.01
CA ASP A 950 -2.01 30.88 31.44
C ASP A 950 -1.32 31.37 30.16
N PRO A 951 -2.00 32.09 29.22
CA PRO A 951 -1.58 32.05 27.80
C PRO A 951 -0.08 32.02 27.51
N THR A 952 0.69 32.93 28.10
CA THR A 952 2.12 33.00 27.80
C THR A 952 2.86 31.75 28.28
N GLN A 953 2.82 31.49 29.59
CA GLN A 953 3.52 30.33 30.12
C GLN A 953 2.95 29.04 29.56
N PHE A 954 1.67 29.06 29.16
CA PHE A 954 1.08 27.86 28.60
C PHE A 954 1.52 27.61 27.17
N ARG A 955 1.72 28.66 26.36
CA ARG A 955 2.32 28.43 25.05
C ARG A 955 3.77 28.00 25.20
N VAL A 956 4.41 28.44 26.29
CA VAL A 956 5.77 27.96 26.58
C VAL A 956 5.74 26.46 26.86
N HIS A 957 4.81 26.02 27.73
CA HIS A 957 4.67 24.62 28.11
C HIS A 957 3.63 23.88 27.28
N HIS A 958 3.38 24.29 26.04
CA HIS A 958 2.28 23.78 25.25
C HIS A 958 2.79 23.04 24.02
N TYR A 959 2.07 21.99 23.65
CA TYR A 959 2.43 21.20 22.48
C TYR A 959 1.86 21.84 21.22
N HIS A 960 2.70 22.02 20.22
CA HIS A 960 2.29 22.61 18.94
C HIS A 960 2.38 21.61 17.80
N LYS A 961 2.19 20.33 18.11
CA LYS A 961 2.27 19.25 17.12
C LYS A 961 0.97 19.01 16.39
N ASP A 962 -0.16 18.95 17.10
CA ASP A 962 -1.45 18.74 16.45
C ASP A 962 -1.95 19.98 15.71
N GLU A 963 -1.39 21.15 16.02
CA GLU A 963 -1.84 22.38 15.38
C GLU A 963 -1.62 22.35 13.87
N GLU A 964 -0.51 21.75 13.44
CA GLU A 964 -0.21 21.70 12.01
C GLU A 964 -1.13 20.72 11.31
N ASN A 965 -1.64 21.13 10.15
CA ASN A 965 -2.50 20.30 9.32
C ASN A 965 -2.64 20.96 7.96
N ASP A 966 -2.44 20.17 6.91
CA ASP A 966 -2.54 20.65 5.53
C ASP A 966 -3.99 20.77 5.06
N ALA A 967 -4.96 20.67 5.97
CA ALA A 967 -6.36 20.86 5.63
C ALA A 967 -6.71 22.31 5.31
N LEU A 968 -5.72 23.20 5.32
CA LEU A 968 -5.95 24.61 4.98
C LEU A 968 -6.29 24.69 3.49
N LEU A 969 -7.56 24.98 3.19
CA LEU A 969 -8.06 24.92 1.83
C LEU A 969 -7.89 26.27 1.12
N GLY A 970 -6.65 26.73 1.04
CA GLY A 970 -6.37 28.02 0.43
C GLY A 970 -5.64 28.98 1.34
N GLY A 971 -4.83 28.45 2.23
CA GLY A 971 -4.14 29.25 3.22
C GLY A 971 -2.72 29.56 2.81
N PRO A 972 -1.75 28.82 3.36
CA PRO A 972 -0.35 29.16 3.14
C PRO A 972 0.13 28.81 1.75
N ALA A 973 1.14 29.55 1.30
CA ALA A 973 1.91 29.16 0.13
C ALA A 973 3.31 28.75 0.57
N GLN A 974 4.10 29.68 1.14
CA GLN A 974 5.35 29.28 1.77
C GLN A 974 5.74 30.13 2.98
N LEU A 975 4.87 31.00 3.47
CA LEU A 975 5.11 31.79 4.68
C LEU A 975 6.28 32.75 4.53
N THR A 976 6.61 33.47 5.61
CA THR A 976 7.79 34.31 5.68
C THR A 976 8.56 33.99 6.96
N ASP A 977 9.72 34.63 7.11
CA ASP A 977 10.66 34.23 8.15
C ASP A 977 10.11 34.46 9.56
N GLU A 978 9.44 35.60 9.78
CA GLU A 978 9.08 35.97 11.15
C GLU A 978 8.08 34.99 11.75
N GLU A 979 7.32 34.29 10.91
CA GLU A 979 6.42 33.25 11.41
C GLU A 979 6.99 31.85 11.19
N LYS A 980 7.99 31.71 10.31
CA LYS A 980 8.65 30.42 10.18
C LYS A 980 9.48 30.11 11.42
N TYR A 981 10.24 31.08 11.91
CA TYR A 981 11.17 30.88 13.01
C TYR A 981 10.62 31.32 14.36
N ARG A 982 9.33 31.64 14.45
CA ARG A 982 8.79 32.12 15.71
C ARG A 982 8.76 31.04 16.79
N ASP A 983 8.83 29.77 16.40
CA ASP A 983 8.92 28.67 17.35
C ASP A 983 10.35 28.23 17.62
N CYS A 984 11.31 28.76 16.88
CA CYS A 984 12.71 28.39 17.06
C CYS A 984 13.31 29.16 18.23
N GLU A 985 14.06 28.47 19.07
CA GLU A 985 14.69 29.13 20.21
C GLU A 985 15.77 30.10 19.73
N ARG A 986 15.90 31.21 20.44
CA ARG A 986 16.82 32.27 20.04
C ARG A 986 18.26 31.84 20.30
N PHE A 987 19.19 32.75 20.07
CA PHE A 987 20.61 32.47 20.16
C PHE A 987 21.19 33.20 21.37
N LYS A 988 21.89 32.47 22.23
CA LYS A 988 22.37 32.98 23.50
C LYS A 988 23.89 33.06 23.49
N CYS A 989 24.41 34.12 24.11
CA CYS A 989 25.85 34.25 24.30
C CYS A 989 26.17 35.27 25.39
N PRO A 990 26.89 34.89 26.43
CA PRO A 990 27.37 35.89 27.40
C PRO A 990 28.56 36.65 26.85
N CYS A 991 28.59 37.94 27.13
CA CYS A 991 29.65 38.80 26.62
C CYS A 991 30.93 38.57 27.43
N PRO A 992 32.05 38.23 26.80
CA PRO A 992 33.29 38.03 27.56
C PRO A 992 33.74 39.28 28.31
N THR A 993 33.48 40.47 27.77
CA THR A 993 33.96 41.69 28.39
C THR A 993 33.24 41.97 29.71
N CYS A 994 31.91 41.88 29.71
CA CYS A 994 31.13 42.31 30.87
C CYS A 994 30.23 41.20 31.43
N GLY A 995 30.30 39.99 30.88
CA GLY A 995 29.42 38.94 31.35
C GLY A 995 27.96 39.15 31.10
N THR A 996 27.60 40.01 30.14
CA THR A 996 26.20 40.35 29.90
C THR A 996 25.63 39.48 28.79
N GLU A 997 24.39 39.04 28.97
CA GLU A 997 23.74 38.17 28.00
C GLU A 997 23.48 38.94 26.70
N ASN A 998 23.68 38.27 25.57
CA ASN A 998 23.47 38.85 24.25
C ASN A 998 22.38 38.07 23.52
N ILE A 999 21.40 38.79 22.97
CA ILE A 999 20.27 38.20 22.28
C ILE A 999 20.38 38.49 20.79
N TYR A 1000 20.16 37.47 19.97
CA TYR A 1000 20.20 37.60 18.51
C TYR A 1000 19.10 36.75 17.90
N ASP A 1001 18.16 37.40 17.22
CA ASP A 1001 17.17 36.71 16.40
C ASP A 1001 16.95 37.46 15.08
N ASN A 1002 17.96 38.19 14.62
CA ASN A 1002 17.87 39.00 13.42
C ASN A 1002 19.27 39.47 13.08
N VAL A 1003 19.53 39.61 11.77
CA VAL A 1003 20.83 40.12 11.33
C VAL A 1003 21.01 41.56 11.81
N PHE A 1004 19.97 42.38 11.66
CA PHE A 1004 20.01 43.79 11.99
C PHE A 1004 19.36 44.02 13.35
N ASP A 1005 19.35 45.27 13.79
CA ASP A 1005 18.69 45.64 15.05
C ASP A 1005 18.42 47.14 15.05
N GLY A 1006 17.24 47.51 15.52
CA GLY A 1006 16.87 48.91 15.59
C GLY A 1006 15.53 49.20 14.97
N SER A 1007 15.35 50.42 14.46
CA SER A 1007 14.09 50.81 13.81
C SER A 1007 14.40 51.92 12.82
N GLY A 1008 14.39 51.58 11.53
CA GLY A 1008 14.59 52.58 10.49
C GLY A 1008 16.03 53.03 10.31
N THR A 1009 16.31 54.29 10.66
CA THR A 1009 17.62 54.86 10.38
C THR A 1009 18.73 54.17 11.17
N ASP A 1010 18.48 53.87 12.43
CA ASP A 1010 19.47 53.19 13.27
C ASP A 1010 19.25 51.68 13.28
N MET A 1011 19.17 51.08 12.10
CA MET A 1011 18.88 49.64 12.00
C MET A 1011 20.18 48.86 11.88
N GLU A 1012 21.08 49.08 12.83
CA GLU A 1012 22.43 48.51 12.76
C GLU A 1012 22.42 47.05 13.23
N PRO A 1013 23.30 46.22 12.68
CA PRO A 1013 23.35 44.81 13.12
C PRO A 1013 23.64 44.69 14.61
N SER A 1014 23.05 43.65 15.22
CA SER A 1014 23.16 43.47 16.66
C SER A 1014 24.60 43.25 17.10
N LEU A 1015 25.43 42.62 16.27
CA LEU A 1015 26.81 42.36 16.63
C LEU A 1015 27.65 43.63 16.71
N TYR A 1016 27.14 44.77 16.24
CA TYR A 1016 27.91 46.01 16.31
C TYR A 1016 28.15 46.44 17.75
N ARG A 1017 27.10 46.42 18.57
CA ARG A 1017 27.19 46.86 19.96
C ARG A 1017 26.69 45.76 20.87
N CYS A 1018 27.37 45.56 21.99
CA CYS A 1018 26.92 44.61 22.99
C CYS A 1018 25.60 45.08 23.60
N SER A 1019 24.78 44.12 24.03
CA SER A 1019 23.50 44.46 24.63
C SER A 1019 23.66 45.29 25.88
N ASN A 1020 24.81 45.18 26.54
CA ASN A 1020 25.12 46.04 27.68
C ASN A 1020 25.49 47.44 27.18
N ILE A 1021 24.82 48.45 27.74
CA ILE A 1021 25.10 49.83 27.35
C ILE A 1021 26.49 50.25 27.82
N ASP A 1022 26.93 49.73 28.97
CA ASP A 1022 28.25 50.07 29.51
C ASP A 1022 29.38 49.34 28.81
N CYS A 1023 29.10 48.23 28.12
CA CYS A 1023 30.16 47.52 27.42
C CYS A 1023 30.60 48.30 26.19
N LYS A 1024 31.90 48.53 26.07
CA LYS A 1024 32.46 49.34 25.00
C LYS A 1024 33.23 48.53 23.96
N ALA A 1025 33.18 47.21 24.03
CA ALA A 1025 33.88 46.35 23.08
C ALA A 1025 32.88 45.70 22.14
N SER A 1026 33.14 45.83 20.84
CA SER A 1026 32.22 45.31 19.83
C SER A 1026 32.31 43.78 19.79
N PRO A 1027 31.17 43.08 19.87
CA PRO A 1027 31.20 41.61 19.69
C PRO A 1027 31.85 41.17 18.39
N LEU A 1028 32.09 42.08 17.44
CA LEU A 1028 32.71 41.69 16.18
C LEU A 1028 34.11 41.14 16.37
N THR A 1029 34.74 41.43 17.50
CA THR A 1029 36.07 40.89 17.77
C THR A 1029 36.02 39.42 18.14
N PHE A 1030 34.98 39.02 18.87
CA PHE A 1030 34.93 37.68 19.45
C PHE A 1030 34.23 36.66 18.54
N THR A 1031 34.60 36.70 17.24
CA THR A 1031 33.99 35.79 16.29
C THR A 1031 34.36 34.34 16.60
N VAL A 1032 35.55 34.12 17.14
CA VAL A 1032 36.01 32.77 17.42
C VAL A 1032 35.09 32.09 18.42
N GLN A 1033 34.84 32.73 19.56
CA GLN A 1033 34.03 32.06 20.57
C GLN A 1033 32.53 32.21 20.30
N LEU A 1034 32.13 33.18 19.47
CA LEU A 1034 30.75 33.12 18.96
C LEU A 1034 30.54 31.90 18.09
N SER A 1035 31.49 31.59 17.20
CA SER A 1035 31.41 30.37 16.40
C SER A 1035 31.48 29.13 17.29
N ASN A 1036 32.29 29.19 18.34
CA ASN A 1036 32.36 28.06 19.27
C ASN A 1036 31.02 27.83 19.97
N LYS A 1037 30.38 28.90 20.43
CA LYS A 1037 29.06 28.76 21.05
C LYS A 1037 28.04 28.24 20.06
N LEU A 1038 28.12 28.69 18.81
CA LEU A 1038 27.22 28.18 17.77
C LEU A 1038 27.41 26.68 17.57
N ILE A 1039 28.66 26.23 17.49
CA ILE A 1039 28.93 24.80 17.35
C ILE A 1039 28.37 24.05 18.55
N MET A 1040 28.57 24.60 19.75
CA MET A 1040 28.12 23.95 20.97
C MET A 1040 26.61 23.75 20.98
N ASP A 1041 25.86 24.84 20.71
CA ASP A 1041 24.41 24.71 20.89
C ASP A 1041 23.77 23.95 19.72
N ILE A 1042 24.32 24.05 18.50
CA ILE A 1042 23.77 23.21 17.44
C ILE A 1042 24.11 21.74 17.70
N ARG A 1043 25.25 21.47 18.34
CA ARG A 1043 25.55 20.12 18.79
C ARG A 1043 24.52 19.64 19.80
N ARG A 1044 24.15 20.52 20.74
CA ARG A 1044 23.13 20.15 21.72
C ARG A 1044 21.80 19.86 21.03
N PHE A 1045 21.43 20.65 20.03
CA PHE A 1045 20.16 20.42 19.33
C PHE A 1045 20.18 19.10 18.57
N ILE A 1046 21.31 18.78 17.92
CA ILE A 1046 21.42 17.50 17.22
C ILE A 1046 21.30 16.35 18.21
N LYS A 1047 21.96 16.46 19.36
CA LYS A 1047 21.83 15.44 20.39
C LYS A 1047 20.38 15.31 20.85
N LYS A 1048 19.69 16.43 21.04
CA LYS A 1048 18.31 16.39 21.48
C LYS A 1048 17.43 15.68 20.46
N TYR A 1049 17.67 15.93 19.17
CA TYR A 1049 16.86 15.26 18.14
C TYR A 1049 17.14 13.76 18.13
N TYR A 1050 18.42 13.37 18.06
CA TYR A 1050 18.74 11.95 18.10
C TYR A 1050 18.36 11.26 19.39
N ASP A 1051 18.06 12.01 20.46
CA ASP A 1051 17.50 11.38 21.65
C ASP A 1051 16.29 10.53 21.31
N GLY A 1052 15.51 10.94 20.31
CA GLY A 1052 14.38 10.16 19.87
C GLY A 1052 13.29 10.08 20.90
N TRP A 1053 12.83 11.24 21.37
CA TRP A 1053 11.75 11.29 22.35
C TRP A 1053 10.42 11.21 21.62
N LEU A 1054 9.52 10.36 22.12
CA LEU A 1054 8.23 10.14 21.49
C LEU A 1054 7.12 10.55 22.44
N ILE A 1055 6.05 11.13 21.88
CA ILE A 1055 4.91 11.61 22.64
C ILE A 1055 3.63 11.07 22.01
N CYS A 1056 2.72 10.59 22.84
CA CYS A 1056 1.41 10.15 22.37
C CYS A 1056 0.58 11.38 22.01
N GLU A 1057 -0.07 11.34 20.85
CA GLU A 1057 -0.82 12.48 20.37
C GLU A 1057 -2.27 12.49 20.82
N GLU A 1058 -2.72 11.49 21.56
CA GLU A 1058 -3.98 11.68 22.26
C GLU A 1058 -3.69 12.61 23.43
N PRO A 1059 -4.27 13.80 23.49
CA PRO A 1059 -3.81 14.80 24.47
C PRO A 1059 -3.94 14.35 25.91
N THR A 1060 -4.89 13.46 26.20
CA THR A 1060 -5.04 12.99 27.57
C THR A 1060 -3.83 12.17 28.02
N CYS A 1061 -3.31 11.31 27.14
CA CYS A 1061 -2.21 10.43 27.52
C CYS A 1061 -0.89 11.19 27.60
N ARG A 1062 -0.43 11.71 26.46
CA ARG A 1062 0.84 12.42 26.37
C ARG A 1062 1.99 11.62 27.01
N ASN A 1063 2.03 10.33 26.69
CA ASN A 1063 3.08 9.47 27.23
C ASN A 1063 4.42 9.86 26.64
N ARG A 1064 5.42 10.06 27.49
CA ARG A 1064 6.74 10.48 27.08
C ARG A 1064 7.69 9.30 27.19
N THR A 1065 8.13 8.77 26.05
CA THR A 1065 8.97 7.58 26.03
C THR A 1065 9.98 7.73 24.89
N ARG A 1066 11.05 6.93 24.98
CA ARG A 1066 12.10 6.91 23.98
C ARG A 1066 12.20 5.59 23.24
N HIS A 1067 11.82 4.49 23.87
CA HIS A 1067 11.82 3.18 23.23
C HIS A 1067 10.79 3.16 22.12
N LEU A 1068 11.24 3.16 20.87
CA LEU A 1068 10.32 3.07 19.75
C LEU A 1068 9.71 1.68 19.70
N PRO A 1069 8.39 1.54 19.83
CA PRO A 1069 7.78 0.21 19.87
C PRO A 1069 7.84 -0.50 18.53
N LEU A 1070 8.02 -1.81 18.60
CA LEU A 1070 8.02 -2.62 17.38
C LEU A 1070 6.63 -2.68 16.77
N GLN A 1071 5.59 -2.64 17.60
CA GLN A 1071 4.23 -2.50 17.10
C GLN A 1071 4.12 -1.21 16.29
N PHE A 1072 3.36 -1.26 15.20
CA PHE A 1072 3.31 -0.15 14.26
C PHE A 1072 1.95 -0.14 13.59
N SER A 1073 1.20 0.95 13.80
CA SER A 1073 -0.13 1.08 13.22
C SER A 1073 -0.03 1.64 11.81
N ARG A 1074 -1.18 2.02 11.25
CA ARG A 1074 -1.21 2.56 9.90
C ARG A 1074 -0.45 3.87 9.81
N THR A 1075 -0.76 4.83 10.68
CA THR A 1075 -0.14 6.14 10.60
C THR A 1075 1.29 6.15 11.12
N GLY A 1076 1.58 5.36 12.15
CA GLY A 1076 2.90 5.32 12.73
C GLY A 1076 3.01 4.33 13.87
N PRO A 1077 3.88 4.62 14.82
CA PRO A 1077 4.06 3.71 15.96
C PRO A 1077 2.96 3.83 17.00
N LEU A 1078 2.28 2.73 17.27
CA LEU A 1078 1.19 2.73 18.24
C LEU A 1078 1.73 3.01 19.64
N CYS A 1079 0.93 3.73 20.42
CA CYS A 1079 1.32 4.09 21.79
C CYS A 1079 1.24 2.85 22.68
N PRO A 1080 2.33 2.47 23.36
CA PRO A 1080 2.25 1.31 24.26
C PRO A 1080 1.29 1.50 25.43
N ALA A 1081 0.99 2.74 25.80
CA ALA A 1081 -0.02 3.02 26.81
C ALA A 1081 -1.41 3.20 26.23
N CYS A 1082 -1.52 3.85 25.08
CA CYS A 1082 -2.79 4.03 24.37
C CYS A 1082 -2.81 3.06 23.20
N MET A 1083 -3.55 1.96 23.36
CA MET A 1083 -3.61 0.94 22.33
C MET A 1083 -4.27 1.45 21.06
N LYS A 1084 -4.74 2.70 21.09
CA LYS A 1084 -5.31 3.37 19.92
C LYS A 1084 -4.79 4.81 19.90
N ALA A 1085 -3.65 5.01 19.25
CA ALA A 1085 -3.00 6.32 19.17
C ALA A 1085 -1.89 6.26 18.12
N THR A 1086 -1.09 7.31 18.06
CA THR A 1086 0.04 7.38 17.14
C THR A 1086 1.09 8.32 17.69
N LEU A 1087 2.31 7.80 17.87
CA LEU A 1087 3.43 8.58 18.38
C LEU A 1087 4.04 9.45 17.28
N GLN A 1088 4.81 10.45 17.70
CA GLN A 1088 5.62 11.26 16.81
C GLN A 1088 6.62 12.04 17.67
N PRO A 1089 7.77 12.43 17.10
CA PRO A 1089 8.86 12.97 17.91
C PRO A 1089 8.47 14.25 18.65
N GLU A 1090 9.02 14.40 19.85
CA GLU A 1090 8.93 15.67 20.57
C GLU A 1090 9.60 16.78 19.78
N TYR A 1091 10.82 16.55 19.32
CA TYR A 1091 11.58 17.51 18.53
C TYR A 1091 11.67 16.97 17.12
N SER A 1092 10.85 17.50 16.23
CA SER A 1092 10.77 17.01 14.86
C SER A 1092 12.10 17.21 14.14
N ASP A 1093 12.43 16.27 13.25
CA ASP A 1093 13.61 16.40 12.41
C ASP A 1093 13.54 17.67 11.57
N LYS A 1094 12.36 17.94 10.98
CA LYS A 1094 12.19 19.19 10.26
C LYS A 1094 12.12 20.38 11.20
N SER A 1095 11.77 20.17 12.48
CA SER A 1095 11.89 21.25 13.44
C SER A 1095 13.35 21.65 13.66
N LEU A 1096 14.23 20.66 13.79
CA LEU A 1096 15.66 20.96 13.89
C LEU A 1096 16.17 21.60 12.61
N TYR A 1097 15.72 21.09 11.45
CA TYR A 1097 16.06 21.72 10.19
C TYR A 1097 15.63 23.19 10.17
N THR A 1098 14.43 23.46 10.68
CA THR A 1098 13.93 24.83 10.76
C THR A 1098 14.82 25.68 11.65
N GLN A 1099 15.22 25.15 12.81
CA GLN A 1099 16.02 25.95 13.73
C GLN A 1099 17.42 26.20 13.18
N LEU A 1100 17.99 25.24 12.47
CA LEU A 1100 19.31 25.46 11.88
C LEU A 1100 19.23 26.47 10.73
N CYS A 1101 18.18 26.38 9.92
CA CYS A 1101 17.93 27.42 8.94
C CYS A 1101 17.69 28.77 9.62
N PHE A 1102 17.11 28.76 10.81
CA PHE A 1102 16.94 30.00 11.57
C PHE A 1102 18.30 30.57 11.95
N TYR A 1103 19.24 29.71 12.34
CA TYR A 1103 20.60 30.17 12.65
C TYR A 1103 21.27 30.78 11.42
N ARG A 1104 21.19 30.08 10.28
CA ARG A 1104 21.79 30.64 9.08
C ARG A 1104 21.09 31.92 8.64
N TYR A 1105 19.80 32.05 8.95
CA TYR A 1105 19.10 33.32 8.72
C TYR A 1105 19.63 34.41 9.64
N ILE A 1106 19.89 34.07 10.90
CA ILE A 1106 20.45 35.04 11.85
C ILE A 1106 21.78 35.57 11.35
N PHE A 1107 22.58 34.70 10.74
CA PHE A 1107 23.92 35.12 10.32
C PHE A 1107 24.03 35.39 8.82
N ASP A 1108 22.93 35.38 8.07
CA ASP A 1108 22.99 35.62 6.63
C ASP A 1108 22.72 37.09 6.33
N ALA A 1109 23.75 37.90 6.58
CA ALA A 1109 23.66 39.33 6.30
C ALA A 1109 23.49 39.60 4.81
N GLU A 1110 24.06 38.75 3.96
CA GLU A 1110 23.93 38.96 2.52
C GLU A 1110 22.47 38.90 2.07
N CYS A 1111 21.72 37.92 2.59
CA CYS A 1111 20.31 37.84 2.24
C CYS A 1111 19.51 38.92 2.96
N ALA A 1112 19.86 39.22 4.22
CA ALA A 1112 19.16 40.27 4.94
C ALA A 1112 19.34 41.63 4.26
N LEU A 1113 20.41 41.79 3.48
CA LEU A 1113 20.61 42.99 2.68
C LEU A 1113 19.73 43.03 1.44
N GLU A 1114 18.91 42.01 1.21
CA GLU A 1114 18.01 41.97 0.05
C GLU A 1114 16.56 42.15 0.44
N LYS A 1115 16.29 42.53 1.71
CA LYS A 1115 14.91 42.66 2.18
C LYS A 1115 14.51 44.09 2.50
N LEU A 1116 15.45 45.00 2.75
CA LEU A 1116 15.11 46.40 2.92
C LEU A 1116 15.04 47.07 1.56
N THR A 1117 13.84 47.53 1.17
CA THR A 1117 13.61 47.97 -0.20
C THR A 1117 14.42 49.21 -0.55
N THR A 1118 14.51 50.16 0.37
CA THR A 1118 15.12 51.46 0.07
C THR A 1118 16.63 51.37 -0.15
N ASP A 1119 17.03 51.45 -1.43
CA ASP A 1119 18.42 51.24 -1.81
C ASP A 1119 19.33 52.35 -1.30
N HIS A 1120 18.83 53.58 -1.15
CA HIS A 1120 19.63 54.65 -0.57
C HIS A 1120 20.04 54.31 0.85
N GLU A 1121 19.08 53.82 1.65
CA GLU A 1121 19.40 53.39 3.00
C GLU A 1121 20.34 52.19 2.98
N LYS A 1122 20.13 51.26 2.05
CA LYS A 1122 21.05 50.14 1.92
C LYS A 1122 22.48 50.63 1.70
N ASP A 1123 22.65 51.58 0.78
CA ASP A 1123 23.98 52.08 0.46
C ASP A 1123 24.61 52.79 1.65
N LYS A 1124 23.87 53.69 2.30
CA LYS A 1124 24.50 54.43 3.39
C LYS A 1124 24.82 53.50 4.56
N LEU A 1125 23.94 52.54 4.86
CA LEU A 1125 24.21 51.60 5.93
C LEU A 1125 25.42 50.73 5.60
N LYS A 1126 25.53 50.25 4.35
CA LYS A 1126 26.63 49.37 4.00
C LYS A 1126 27.95 50.13 4.01
N LYS A 1127 27.95 51.41 3.61
CA LYS A 1127 29.20 52.16 3.66
C LYS A 1127 29.55 52.55 5.09
N GLN A 1128 28.55 52.79 5.93
CA GLN A 1128 28.85 53.22 7.30
C GLN A 1128 29.27 52.05 8.18
N PHE A 1129 28.76 50.85 7.93
CA PHE A 1129 29.12 49.75 8.82
C PHE A 1129 29.65 48.51 8.10
N PHE A 1130 29.12 48.19 6.92
CA PHE A 1130 29.44 46.92 6.25
C PHE A 1130 30.75 47.05 5.49
N THR A 1131 31.84 46.77 6.21
CA THR A 1131 33.15 46.65 5.58
C THR A 1131 33.36 45.21 5.10
N PRO A 1132 34.26 45.01 4.12
CA PRO A 1132 34.54 43.63 3.68
C PRO A 1132 35.02 42.73 4.79
N LYS A 1133 35.75 43.26 5.78
CA LYS A 1133 36.22 42.44 6.89
C LYS A 1133 35.04 41.92 7.72
N VAL A 1134 34.10 42.81 8.06
CA VAL A 1134 32.95 42.37 8.84
C VAL A 1134 32.06 41.45 8.02
N LEU A 1135 32.00 41.65 6.69
CA LEU A 1135 31.25 40.72 5.85
C LEU A 1135 31.91 39.34 5.84
N GLN A 1136 33.24 39.29 5.83
CA GLN A 1136 33.92 38.00 5.91
C GLN A 1136 33.69 37.33 7.26
N ASP A 1137 33.66 38.11 8.34
CA ASP A 1137 33.32 37.54 9.64
C ASP A 1137 31.90 36.97 9.63
N TYR A 1138 30.96 37.71 9.05
CA TYR A 1138 29.59 37.22 8.96
C TYR A 1138 29.52 35.96 8.11
N ARG A 1139 30.30 35.90 7.03
CA ARG A 1139 30.31 34.71 6.17
C ARG A 1139 30.88 33.51 6.91
N LYS A 1140 31.89 33.73 7.76
CA LYS A 1140 32.39 32.66 8.62
C LYS A 1140 31.29 32.18 9.56
N LEU A 1141 30.54 33.12 10.14
CA LEU A 1141 29.41 32.74 10.98
C LEU A 1141 28.39 31.92 10.20
N LYS A 1142 28.13 32.30 8.96
CA LYS A 1142 27.26 31.50 8.10
C LYS A 1142 27.79 30.08 7.94
N ASN A 1143 29.05 29.97 7.51
CA ASN A 1143 29.61 28.67 7.20
C ASN A 1143 29.65 27.77 8.42
N THR A 1144 29.74 28.35 9.61
CA THR A 1144 29.73 27.56 10.84
C THR A 1144 28.51 26.65 10.92
N ALA A 1145 27.37 27.10 10.40
CA ALA A 1145 26.16 26.29 10.32
C ALA A 1145 25.93 25.69 8.95
N GLU A 1146 26.47 26.32 7.89
CA GLU A 1146 26.32 25.77 6.55
C GLU A 1146 27.05 24.45 6.40
N GLN A 1147 28.17 24.25 7.09
CA GLN A 1147 28.89 22.99 6.99
C GLN A 1147 28.21 21.87 7.77
N PHE A 1148 27.19 22.19 8.55
CA PHE A 1148 26.27 21.16 9.03
C PHE A 1148 25.09 21.00 8.09
N LEU A 1149 24.54 22.12 7.60
CA LEU A 1149 23.38 22.08 6.72
C LEU A 1149 23.66 21.31 5.43
N SER A 1150 24.89 21.34 4.94
CA SER A 1150 25.22 20.63 3.70
C SER A 1150 25.03 19.13 3.86
N ARG A 1151 25.44 18.58 4.99
CA ARG A 1151 25.27 17.17 5.30
C ARG A 1151 23.99 16.89 6.07
N SER A 1152 23.15 17.89 6.28
CA SER A 1152 22.03 17.81 7.21
C SER A 1152 20.83 17.09 6.58
N GLY A 1153 20.67 15.83 6.96
CA GLY A 1153 19.39 15.14 6.99
C GLY A 1153 18.36 15.46 5.92
N TYR A 1154 18.70 15.25 4.65
CA TYR A 1154 17.80 15.51 3.54
C TYR A 1154 17.24 16.93 3.56
N SER A 1155 18.05 17.89 3.98
CA SER A 1155 17.78 19.27 3.60
C SER A 1155 17.94 19.47 2.11
N GLU A 1156 18.61 18.54 1.44
CA GLU A 1156 18.62 18.42 -0.01
C GLU A 1156 17.88 17.16 -0.38
N VAL A 1157 17.22 17.16 -1.54
CA VAL A 1157 16.43 16.03 -1.99
C VAL A 1157 17.01 15.52 -3.30
N ASN A 1158 17.16 14.20 -3.39
CA ASN A 1158 17.63 13.58 -4.62
C ASN A 1158 16.45 13.22 -5.50
N LEU A 1159 16.58 13.53 -6.79
CA LEU A 1159 15.48 13.36 -7.73
C LEU A 1159 15.40 11.97 -8.33
N SER A 1160 16.50 11.22 -8.32
CA SER A 1160 16.51 9.91 -8.98
C SER A 1160 15.55 8.94 -8.32
N LYS A 1161 15.55 8.88 -6.98
CA LYS A 1161 14.66 7.94 -6.31
C LYS A 1161 13.21 8.43 -6.31
N LEU A 1162 12.99 9.72 -6.60
CA LEU A 1162 11.64 10.22 -6.78
C LEU A 1162 11.09 9.95 -8.17
N PHE A 1163 11.96 9.92 -9.19
CA PHE A 1163 11.52 9.69 -10.56
C PHE A 1163 11.86 8.31 -11.10
N ALA A 1164 12.31 7.40 -10.25
CA ALA A 1164 12.61 6.04 -10.68
C ALA A 1164 11.33 5.29 -11.06
N ALA B 9 52.80 25.08 36.92
CA ALA B 9 52.23 25.46 38.21
C ALA B 9 51.20 24.45 38.67
N THR B 10 50.14 24.93 39.32
CA THR B 10 49.08 24.05 39.82
C THR B 10 48.32 23.30 38.72
N PRO B 11 48.25 23.76 37.47
CA PRO B 11 47.72 22.86 36.43
C PRO B 11 48.65 21.68 36.21
N SER B 12 48.11 20.48 36.34
CA SER B 12 48.85 19.23 36.19
C SER B 12 50.02 19.11 37.16
N GLN B 13 49.94 19.78 38.31
CA GLN B 13 51.02 19.65 39.29
C GLN B 13 51.09 18.24 39.83
N LYS B 14 49.97 17.52 39.86
CA LYS B 14 50.02 16.09 40.15
C LYS B 14 50.85 15.35 39.11
N TYR B 15 50.69 15.71 37.83
CA TYR B 15 51.47 15.09 36.78
C TYR B 15 52.93 15.50 36.84
N ASN B 16 53.24 16.63 37.44
CA ASN B 16 54.63 16.99 37.71
C ASN B 16 55.13 16.41 39.02
N SER B 17 54.26 15.79 39.82
CA SER B 17 54.64 15.19 41.10
C SER B 17 53.97 13.84 41.29
N ARG B 18 53.90 13.04 40.23
CA ARG B 18 53.30 11.71 40.31
C ARG B 18 54.36 10.68 40.64
N SER B 19 54.21 10.02 41.78
CA SER B 19 55.17 8.99 42.18
C SER B 19 55.14 7.79 41.23
N ASN B 20 53.95 7.40 40.79
CA ASN B 20 53.76 6.20 39.98
C ASN B 20 54.22 6.38 38.53
N ARG B 21 54.96 7.44 38.23
CA ARG B 21 55.46 7.71 36.88
C ARG B 21 56.16 6.49 36.30
N GLY B 22 55.58 5.91 35.25
CA GLY B 22 56.15 4.75 34.59
C GLY B 22 55.91 3.42 35.27
N GLU B 23 55.26 3.41 36.43
CA GLU B 23 55.03 2.17 37.16
C GLU B 23 53.87 1.39 36.55
N VAL B 24 54.03 0.07 36.49
CA VAL B 24 53.02 -0.83 35.96
C VAL B 24 52.21 -1.41 37.11
N VAL B 25 50.89 -1.43 36.97
CA VAL B 25 50.02 -1.79 38.10
C VAL B 25 49.53 -3.23 37.98
N THR B 26 48.97 -3.60 36.83
CA THR B 26 48.35 -4.91 36.64
C THR B 26 48.86 -5.54 35.36
N SER B 27 48.77 -6.87 35.30
CA SER B 27 49.29 -7.61 34.16
C SER B 27 48.41 -8.82 33.89
N PHE B 28 48.41 -9.25 32.63
CA PHE B 28 47.81 -10.50 32.21
C PHE B 28 48.71 -11.13 31.14
N GLY B 29 48.65 -12.46 31.06
CA GLY B 29 49.51 -13.19 30.15
C GLY B 29 50.61 -13.96 30.88
N LEU B 30 51.87 -13.74 30.49
CA LEU B 30 53.00 -14.37 31.13
C LEU B 30 53.89 -13.31 31.78
N ALA B 31 54.60 -13.73 32.83
CA ALA B 31 55.57 -12.86 33.49
C ALA B 31 56.65 -12.45 32.50
N GLN B 32 56.72 -11.17 32.19
CA GLN B 32 57.59 -10.65 31.15
C GLN B 32 58.45 -9.52 31.71
N GLY B 33 59.65 -9.38 31.16
CA GLY B 33 60.54 -8.30 31.56
C GLY B 33 59.95 -6.93 31.30
N VAL B 34 60.70 -5.91 31.74
CA VAL B 34 60.20 -4.54 31.68
C VAL B 34 60.69 -3.79 30.44
N SER B 35 61.77 -4.24 29.81
CA SER B 35 62.30 -3.54 28.64
C SER B 35 61.39 -3.73 27.44
N TRP B 36 60.20 -3.13 27.48
CA TRP B 36 59.23 -3.28 26.41
C TRP B 36 59.60 -2.35 25.25
N SER B 37 59.71 -2.92 24.05
CA SER B 37 60.11 -2.14 22.88
C SER B 37 59.72 -2.92 21.64
N GLY B 38 59.90 -2.26 20.47
CA GLY B 38 59.60 -2.86 19.20
C GLY B 38 60.71 -2.62 18.19
N ARG B 39 60.54 -3.22 17.01
CA ARG B 39 61.49 -3.11 15.91
C ARG B 39 61.24 -1.87 15.04
N GLY B 40 60.42 -0.93 15.49
CA GLY B 40 60.11 0.24 14.68
C GLY B 40 59.30 -0.15 13.45
N GLY B 41 59.28 0.76 12.48
CA GLY B 41 58.57 0.51 11.24
C GLY B 41 59.13 -0.65 10.43
N ALA B 42 60.36 -1.05 10.70
CA ALA B 42 60.96 -2.19 10.01
C ALA B 42 60.23 -3.48 10.38
N GLY B 43 60.07 -4.35 9.39
CA GLY B 43 59.36 -5.59 9.56
C GLY B 43 57.98 -5.54 8.89
N ASN B 44 57.45 -6.73 8.62
CA ASN B 44 56.15 -6.86 7.96
C ASN B 44 55.01 -6.59 8.94
N ILE B 45 54.38 -5.43 8.82
CA ILE B 45 53.28 -5.03 9.69
C ILE B 45 52.03 -4.88 8.82
N SER B 46 51.01 -5.70 9.09
CA SER B 46 49.76 -5.64 8.37
C SER B 46 48.78 -4.72 9.09
N LEU B 47 47.96 -4.02 8.31
CA LEU B 47 46.98 -3.09 8.85
C LEU B 47 45.84 -2.96 7.84
N LYS B 48 44.69 -3.54 8.17
CA LYS B 48 43.54 -3.53 7.27
C LYS B 48 42.24 -3.47 8.06
N VAL B 49 41.37 -2.55 7.67
CA VAL B 49 40.01 -2.49 8.21
C VAL B 49 39.22 -3.67 7.65
N LEU B 50 38.27 -4.19 8.42
CA LEU B 50 37.61 -5.42 8.05
C LEU B 50 36.15 -5.39 8.49
N GLY B 51 35.30 -5.96 7.64
CA GLY B 51 33.96 -6.35 8.03
C GLY B 51 32.93 -5.25 7.89
N CYS B 52 31.66 -5.67 7.80
CA CYS B 52 30.48 -4.83 7.80
C CYS B 52 30.62 -3.71 6.76
N PRO B 53 30.46 -4.04 5.46
CA PRO B 53 30.88 -3.15 4.37
C PRO B 53 31.83 -2.01 4.69
N GLU B 54 32.98 -2.36 5.27
CA GLU B 54 34.18 -1.51 5.29
C GLU B 54 33.97 -0.19 6.01
N ALA B 55 33.15 -0.21 7.07
CA ALA B 55 33.17 0.76 8.17
C ALA B 55 33.41 2.21 7.70
N LEU B 56 32.49 2.69 6.88
CA LEU B 56 32.47 4.09 6.43
C LEU B 56 33.73 4.45 5.66
N THR B 57 33.85 3.89 4.45
CA THR B 57 34.89 4.34 3.53
C THR B 57 34.73 5.83 3.22
N GLY B 58 33.52 6.25 2.92
CA GLY B 58 33.22 7.66 2.76
C GLY B 58 33.07 8.34 4.11
N SER B 59 32.60 9.59 4.07
CA SER B 59 32.47 10.32 5.34
C SER B 59 31.17 9.96 6.04
N TYR B 60 30.04 10.44 5.53
CA TYR B 60 28.73 10.09 6.07
C TYR B 60 27.71 10.85 5.23
N LYS B 61 26.42 10.58 5.45
CA LYS B 61 25.43 11.24 4.58
C LYS B 61 24.35 12.06 5.28
N SER B 62 23.71 11.59 6.35
CA SER B 62 22.39 12.09 6.71
C SER B 62 22.21 12.31 8.20
N MET B 63 21.20 13.13 8.55
CA MET B 63 20.63 13.15 9.89
C MET B 63 19.10 13.13 9.84
N PHE B 64 18.52 12.55 8.78
CA PHE B 64 17.08 12.45 8.61
C PHE B 64 16.65 11.03 8.95
N GLN B 65 15.89 10.88 10.03
CA GLN B 65 15.49 9.57 10.52
C GLN B 65 14.05 9.29 10.09
N LYS B 66 13.79 8.04 9.72
CA LYS B 66 12.45 7.57 9.43
C LYS B 66 12.09 6.50 10.45
N LEU B 67 10.99 6.72 11.16
CA LEU B 67 10.56 5.70 12.13
C LEU B 67 10.28 4.36 11.47
N PRO B 68 9.65 4.27 10.29
CA PRO B 68 9.48 2.95 9.66
C PRO B 68 10.79 2.21 9.39
N ASP B 69 11.80 2.87 8.80
CA ASP B 69 12.98 2.07 8.49
C ASP B 69 13.85 1.86 9.73
N ILE B 70 13.73 2.70 10.75
CA ILE B 70 14.30 2.33 12.05
C ILE B 70 13.65 1.05 12.57
N ARG B 71 12.33 0.94 12.42
CA ARG B 71 11.65 -0.28 12.84
C ARG B 71 12.13 -1.49 12.04
N GLU B 72 12.33 -1.32 10.73
CA GLU B 72 12.76 -2.46 9.93
C GLU B 72 14.19 -2.85 10.28
N VAL B 73 15.04 -1.87 10.63
CA VAL B 73 16.36 -2.19 11.17
C VAL B 73 16.24 -3.04 12.43
N LEU B 74 15.41 -2.60 13.37
CA LEU B 74 15.25 -3.34 14.62
C LEU B 74 14.79 -4.76 14.35
N THR B 75 13.70 -4.91 13.58
CA THR B 75 13.13 -6.23 13.37
C THR B 75 14.04 -7.11 12.52
N CYS B 76 14.82 -6.51 11.62
CA CYS B 76 15.77 -7.29 10.83
C CYS B 76 16.87 -7.86 11.71
N LYS B 77 17.39 -7.04 12.64
CA LYS B 77 18.41 -7.55 13.57
C LYS B 77 17.82 -8.66 14.44
N ILE B 78 16.60 -8.46 14.92
CA ILE B 78 15.95 -9.49 15.75
C ILE B 78 15.78 -10.79 14.96
N GLU B 79 15.32 -10.68 13.71
CA GLU B 79 15.10 -11.87 12.89
C GLU B 79 16.40 -12.59 12.58
N GLU B 80 17.46 -11.84 12.30
CA GLU B 80 18.75 -12.45 12.01
C GLU B 80 19.27 -13.24 13.20
N LEU B 81 19.26 -12.60 14.39
CA LEU B 81 19.71 -13.30 15.58
C LEU B 81 18.82 -14.49 15.90
N GLY B 82 17.50 -14.35 15.69
CA GLY B 82 16.60 -15.45 15.94
C GLY B 82 16.87 -16.64 15.05
N SER B 83 17.09 -16.40 13.75
CA SER B 83 17.39 -17.49 12.83
C SER B 83 18.70 -18.17 13.20
N GLU B 84 19.73 -17.37 13.53
CA GLU B 84 21.02 -17.96 13.89
C GLU B 84 20.90 -18.81 15.14
N LEU B 85 20.22 -18.33 16.17
CA LEU B 85 20.10 -19.11 17.40
C LEU B 85 19.18 -20.31 17.21
N LYS B 86 18.16 -20.19 16.35
CA LYS B 86 17.32 -21.34 16.05
C LYS B 86 18.11 -22.45 15.38
N GLU B 87 18.94 -22.09 14.41
CA GLU B 87 19.72 -23.13 13.73
C GLU B 87 20.81 -23.69 14.64
N HIS B 88 21.36 -22.86 15.54
CA HIS B 88 22.43 -23.36 16.42
C HIS B 88 21.88 -24.22 17.54
N TYR B 89 20.68 -23.92 18.03
CA TYR B 89 20.11 -24.63 19.17
C TYR B 89 19.11 -25.71 18.78
N LYS B 90 18.87 -25.92 17.47
CA LYS B 90 17.96 -26.96 16.99
C LYS B 90 16.57 -26.79 17.59
N ILE B 91 16.04 -25.57 17.54
CA ILE B 91 14.73 -25.28 18.10
C ILE B 91 13.64 -25.70 17.13
N GLU B 92 12.55 -26.25 17.67
CA GLU B 92 11.44 -26.72 16.85
C GLU B 92 10.80 -25.58 16.05
N ALA B 93 10.18 -24.63 16.75
CA ALA B 93 9.52 -23.51 16.10
C ALA B 93 9.13 -22.49 17.17
N PHE B 94 9.26 -21.21 16.83
CA PHE B 94 8.85 -20.14 17.73
C PHE B 94 7.33 -19.97 17.69
N THR B 95 6.80 -19.28 18.69
CA THR B 95 5.37 -19.07 18.81
C THR B 95 5.08 -17.58 18.98
N PRO B 96 3.93 -17.12 18.48
CA PRO B 96 3.56 -15.71 18.67
C PRO B 96 3.43 -15.36 20.14
N LEU B 97 3.83 -14.13 20.47
CA LEU B 97 3.84 -13.70 21.86
C LEU B 97 2.43 -13.62 22.44
N LEU B 98 1.44 -13.39 21.58
CA LEU B 98 0.06 -13.27 22.04
C LEU B 98 -0.73 -14.56 21.91
N ALA B 99 -0.09 -15.65 21.50
CA ALA B 99 -0.78 -16.93 21.40
C ALA B 99 -0.49 -17.78 22.63
N PRO B 100 -1.45 -17.98 23.52
CA PRO B 100 -1.19 -18.72 24.77
C PRO B 100 -1.19 -20.23 24.53
N ALA B 101 -0.09 -20.88 24.92
CA ALA B 101 0.01 -22.33 24.92
C ALA B 101 0.43 -22.80 26.31
N GLN B 102 -0.23 -23.85 26.80
CA GLN B 102 0.06 -24.31 28.16
C GLN B 102 1.43 -24.98 28.24
N GLU B 103 1.76 -25.80 27.25
CA GLU B 103 3.07 -26.46 27.27
C GLU B 103 4.18 -25.42 27.08
N PRO B 104 5.30 -25.56 27.80
CA PRO B 104 6.40 -24.62 27.61
C PRO B 104 6.88 -24.60 26.17
N VAL B 105 6.69 -23.45 25.52
CA VAL B 105 7.10 -23.24 24.14
C VAL B 105 8.02 -22.04 24.09
N THR B 106 8.94 -22.07 23.12
CA THR B 106 9.92 -21.00 22.99
C THR B 106 9.27 -19.72 22.50
N LEU B 107 9.95 -18.61 22.79
CA LEU B 107 9.52 -17.29 22.34
C LEU B 107 10.74 -16.57 21.78
N LEU B 108 10.58 -15.29 21.47
CA LEU B 108 11.68 -14.53 20.88
C LEU B 108 11.33 -13.05 20.95
N GLY B 109 12.36 -12.24 21.10
CA GLY B 109 12.18 -10.80 21.20
C GLY B 109 13.34 -10.15 21.91
N GLN B 110 13.45 -8.84 21.72
CA GLN B 110 14.49 -8.04 22.35
C GLN B 110 14.01 -7.49 23.69
N ILE B 111 14.96 -7.31 24.59
CA ILE B 111 14.67 -6.91 25.96
C ILE B 111 14.52 -5.39 26.03
N GLY B 112 13.48 -4.93 26.72
CA GLY B 112 13.28 -3.52 26.94
C GLY B 112 12.75 -3.23 28.33
N CYS B 113 12.90 -1.99 28.79
CA CYS B 113 12.40 -1.59 30.10
C CYS B 113 10.98 -1.05 29.96
N ASP B 114 10.10 -1.43 30.89
CA ASP B 114 8.70 -1.03 30.79
C ASP B 114 8.54 0.48 30.85
N SER B 115 9.11 1.11 31.86
CA SER B 115 9.04 2.55 32.02
C SER B 115 10.26 3.19 31.35
N ASN B 116 10.47 4.48 31.62
CA ASN B 116 11.52 5.26 30.97
C ASN B 116 12.73 5.49 31.87
N GLY B 117 12.78 4.87 33.04
CA GLY B 117 13.89 5.03 33.96
C GLY B 117 14.94 3.95 33.81
N LYS B 118 15.64 3.69 34.91
CA LYS B 118 16.66 2.66 34.93
C LYS B 118 16.01 1.28 35.09
N LEU B 119 16.60 0.29 34.43
CA LEU B 119 15.99 -1.04 34.39
C LEU B 119 15.96 -1.66 35.77
N ASN B 120 14.82 -2.24 36.11
CA ASN B 120 14.63 -3.01 37.34
C ASN B 120 14.25 -4.44 36.98
N ASN B 121 14.64 -5.37 37.85
CA ASN B 121 14.48 -6.80 37.54
C ASN B 121 13.03 -7.16 37.22
N LYS B 122 12.08 -6.47 37.84
CA LYS B 122 10.67 -6.74 37.60
C LYS B 122 10.02 -5.71 36.69
N SER B 123 10.80 -4.85 36.04
CA SER B 123 10.28 -3.83 35.12
C SER B 123 10.77 -4.07 33.69
N VAL B 124 10.74 -5.30 33.23
CA VAL B 124 11.27 -5.68 31.92
C VAL B 124 10.12 -6.18 31.05
N ILE B 125 10.23 -5.92 29.75
CA ILE B 125 9.22 -6.32 28.78
C ILE B 125 9.91 -7.09 27.66
N LEU B 126 9.11 -7.87 26.94
CA LEU B 126 9.57 -8.62 25.78
C LEU B 126 8.78 -8.19 24.56
N GLU B 127 9.49 -7.82 23.49
CA GLU B 127 8.86 -7.45 22.23
C GLU B 127 9.62 -8.14 21.10
N GLY B 128 8.88 -8.88 20.26
CA GLY B 128 9.48 -9.70 19.24
C GLY B 128 9.39 -9.11 17.85
N ASP B 129 9.91 -9.87 16.89
CA ASP B 129 9.82 -9.49 15.50
C ASP B 129 8.38 -9.64 14.98
N ARG B 130 8.09 -8.93 13.90
CA ARG B 130 6.71 -8.86 13.42
C ARG B 130 6.26 -10.17 12.78
N GLU B 131 7.16 -10.90 12.12
CA GLU B 131 6.73 -12.14 11.47
C GLU B 131 6.35 -13.22 12.47
N HIS B 132 6.82 -13.14 13.72
CA HIS B 132 6.34 -14.04 14.77
C HIS B 132 5.18 -13.44 15.56
N SER B 133 5.35 -12.23 16.09
CA SER B 133 4.42 -11.71 17.08
C SER B 133 3.93 -10.30 16.76
N SER B 134 3.79 -9.97 15.47
CA SER B 134 3.27 -8.68 15.03
C SER B 134 4.01 -7.49 15.65
N GLY B 135 5.21 -7.73 16.17
CA GLY B 135 5.96 -6.67 16.83
C GLY B 135 5.34 -6.16 18.11
N ALA B 136 4.51 -6.97 18.76
CA ALA B 136 3.82 -6.56 19.97
C ALA B 136 4.77 -6.65 21.16
N GLN B 137 4.23 -6.38 22.35
CA GLN B 137 5.01 -6.34 23.59
C GLN B 137 4.33 -7.16 24.66
N ILE B 138 5.12 -7.58 25.65
CA ILE B 138 4.62 -8.34 26.78
C ILE B 138 5.58 -8.23 27.96
N PRO B 139 5.09 -7.94 29.16
CA PRO B 139 5.98 -7.94 30.33
C PRO B 139 6.46 -9.33 30.68
N VAL B 140 7.65 -9.40 31.27
CA VAL B 140 8.27 -10.66 31.66
C VAL B 140 8.41 -10.71 33.17
N ASP B 141 8.54 -11.93 33.69
CA ASP B 141 8.76 -12.18 35.10
C ASP B 141 9.94 -13.12 35.27
N LEU B 142 10.84 -12.78 36.18
CA LEU B 142 12.08 -13.53 36.37
C LEU B 142 12.17 -14.23 37.72
N SER B 143 11.10 -14.21 38.53
CA SER B 143 11.15 -14.86 39.83
C SER B 143 11.41 -16.35 39.70
N GLU B 144 10.77 -17.00 38.73
CA GLU B 144 10.99 -18.43 38.53
C GLU B 144 12.35 -18.73 37.92
N LEU B 145 12.86 -17.81 37.09
CA LEU B 145 14.13 -18.04 36.42
C LEU B 145 15.27 -18.05 37.44
N LYS B 146 16.20 -19.00 37.26
CA LYS B 146 17.29 -19.16 38.22
C LYS B 146 18.41 -18.16 37.95
N GLU B 147 19.04 -18.25 36.78
CA GLU B 147 20.13 -17.37 36.41
C GLU B 147 19.79 -16.66 35.12
N TYR B 148 20.33 -15.46 34.96
CA TYR B 148 20.06 -14.63 33.79
C TYR B 148 21.08 -13.51 33.74
N SER B 149 21.05 -12.76 32.65
CA SER B 149 21.75 -11.48 32.57
C SER B 149 21.10 -10.68 31.45
N LEU B 150 20.41 -9.60 31.80
CA LEU B 150 19.61 -8.86 30.84
C LEU B 150 20.03 -7.40 30.81
N PHE B 151 19.92 -6.81 29.61
CA PHE B 151 20.05 -5.37 29.44
C PHE B 151 19.17 -4.97 28.26
N PRO B 152 18.71 -3.73 28.20
CA PRO B 152 17.83 -3.32 27.11
C PRO B 152 18.51 -3.45 25.75
N GLY B 153 17.75 -3.95 24.78
CA GLY B 153 18.23 -3.97 23.41
C GLY B 153 18.95 -5.23 22.98
N GLN B 154 18.96 -6.27 23.81
CA GLN B 154 19.60 -7.54 23.46
C GLN B 154 18.54 -8.50 22.95
N VAL B 155 18.92 -9.37 22.02
CA VAL B 155 18.03 -10.47 21.65
C VAL B 155 18.11 -11.55 22.72
N VAL B 156 16.97 -12.18 22.98
CA VAL B 156 16.91 -13.32 23.89
C VAL B 156 16.02 -14.37 23.26
N ILE B 157 16.18 -15.61 23.69
CA ILE B 157 15.35 -16.73 23.26
C ILE B 157 14.80 -17.36 24.52
N MET B 158 13.62 -16.91 24.94
CA MET B 158 13.06 -17.26 26.23
C MET B 158 12.04 -18.38 26.02
N GLU B 159 12.39 -19.58 26.47
CA GLU B 159 11.45 -20.70 26.39
C GLU B 159 10.52 -20.72 27.60
N GLY B 160 10.04 -19.53 27.96
CA GLY B 160 9.14 -19.39 29.08
C GLY B 160 7.77 -19.92 28.77
N ILE B 161 7.04 -20.21 29.84
CA ILE B 161 5.69 -20.75 29.76
C ILE B 161 4.71 -19.58 29.74
N ASN B 162 3.86 -19.55 28.72
CA ASN B 162 2.89 -18.47 28.54
C ASN B 162 1.53 -19.13 28.31
N THR B 163 0.83 -19.46 29.39
CA THR B 163 -0.46 -20.11 29.30
C THR B 163 -1.62 -19.11 29.22
N THR B 164 -1.35 -17.83 29.46
CA THR B 164 -2.38 -16.80 29.50
C THR B 164 -2.35 -15.87 28.29
N GLY B 165 -1.18 -15.39 27.91
CA GLY B 165 -1.09 -14.51 26.75
C GLY B 165 -0.69 -13.09 27.08
N ARG B 166 -1.16 -12.58 28.21
CA ARG B 166 -0.92 -11.19 28.60
C ARG B 166 0.33 -11.01 29.44
N LYS B 167 0.93 -12.09 29.92
CA LYS B 167 2.16 -11.99 30.70
C LYS B 167 2.82 -13.36 30.77
N LEU B 168 4.11 -13.40 30.50
CA LEU B 168 4.89 -14.63 30.58
C LEU B 168 5.71 -14.67 31.86
N VAL B 169 6.17 -15.87 32.21
CA VAL B 169 7.08 -16.07 33.33
C VAL B 169 8.26 -16.89 32.83
N ALA B 170 9.47 -16.44 33.18
CA ALA B 170 10.68 -17.07 32.67
C ALA B 170 10.92 -18.41 33.34
N THR B 171 11.17 -19.44 32.54
CA THR B 171 11.57 -20.75 33.03
C THR B 171 13.06 -21.02 32.85
N LYS B 172 13.60 -20.69 31.69
CA LYS B 172 15.02 -20.89 31.39
C LYS B 172 15.36 -20.13 30.11
N LEU B 173 16.57 -19.58 30.08
CA LEU B 173 17.01 -18.73 28.99
C LEU B 173 18.14 -19.38 28.24
N TYR B 174 18.30 -19.03 26.97
CA TYR B 174 19.34 -19.56 26.11
C TYR B 174 20.40 -18.51 25.85
N GLU B 175 21.64 -18.83 26.22
CA GLU B 175 22.76 -17.94 25.92
C GLU B 175 23.01 -17.90 24.41
N GLY B 176 23.45 -16.75 23.93
CA GLY B 176 23.71 -16.58 22.53
C GLY B 176 25.12 -16.96 22.13
N VAL B 177 25.26 -17.91 21.22
CA VAL B 177 26.60 -18.32 20.80
C VAL B 177 27.28 -17.16 20.09
N PRO B 178 28.54 -16.86 20.39
CA PRO B 178 29.25 -15.78 19.68
C PRO B 178 29.65 -16.23 18.28
N LEU B 179 30.11 -15.27 17.49
CA LEU B 179 30.54 -15.56 16.14
C LEU B 179 31.80 -16.41 16.16
N PRO B 180 32.02 -17.22 15.11
CA PRO B 180 33.28 -17.97 15.02
C PRO B 180 34.44 -17.02 14.82
N PHE B 181 35.59 -17.40 15.38
CA PHE B 181 36.79 -16.59 15.25
C PHE B 181 37.22 -16.53 13.79
N TYR B 182 37.84 -15.41 13.42
CA TYR B 182 38.32 -15.24 12.06
C TYR B 182 39.45 -16.23 11.79
N GLN B 183 39.25 -17.08 10.78
CA GLN B 183 40.16 -18.18 10.53
C GLN B 183 41.47 -17.66 9.95
N PRO B 184 42.62 -17.93 10.58
CA PRO B 184 43.88 -17.36 10.07
C PRO B 184 44.39 -18.09 8.84
N THR B 185 45.57 -17.67 8.36
CA THR B 185 46.22 -18.25 7.21
C THR B 185 47.70 -18.45 7.52
N GLU B 186 48.44 -18.99 6.55
CA GLU B 186 49.87 -19.25 6.76
C GLU B 186 50.65 -17.94 6.89
N GLU B 187 50.29 -16.93 6.10
CA GLU B 187 50.98 -15.64 6.21
C GLU B 187 50.77 -15.02 7.59
N ASP B 188 49.64 -15.30 8.23
CA ASP B 188 49.44 -14.85 9.60
C ASP B 188 50.43 -15.54 10.54
N ALA B 189 50.66 -16.84 10.34
CA ALA B 189 51.71 -17.53 11.09
C ALA B 189 53.09 -17.05 10.69
N ASP B 190 53.20 -16.34 9.57
CA ASP B 190 54.47 -15.78 9.12
C ASP B 190 54.76 -14.41 9.72
N PHE B 191 54.16 -14.07 10.86
CA PHE B 191 54.42 -12.83 11.56
C PHE B 191 55.17 -13.12 12.85
N GLU B 192 56.07 -12.21 13.21
CA GLU B 192 56.78 -12.32 14.48
C GLU B 192 56.09 -11.44 15.53
N GLN B 193 56.58 -11.54 16.77
CA GLN B 193 55.88 -10.94 17.90
C GLN B 193 55.90 -9.41 17.82
N SER B 194 54.77 -8.80 18.16
CA SER B 194 54.60 -7.35 18.04
C SER B 194 53.85 -6.85 19.26
N MET B 195 54.07 -5.57 19.58
CA MET B 195 53.36 -4.92 20.68
C MET B 195 52.75 -3.61 20.22
N VAL B 196 51.66 -3.22 20.89
CA VAL B 196 50.81 -2.12 20.45
C VAL B 196 50.64 -1.12 21.57
N LEU B 197 50.70 0.16 21.23
CA LEU B 197 50.31 1.23 22.15
C LEU B 197 48.81 1.48 22.06
N VAL B 198 48.18 1.68 23.22
CA VAL B 198 46.79 2.11 23.29
C VAL B 198 46.69 3.27 24.28
N ALA B 199 45.90 4.28 23.93
CA ALA B 199 45.75 5.45 24.77
C ALA B 199 44.44 6.14 24.43
N CYS B 200 43.73 6.63 25.45
CA CYS B 200 42.46 7.31 25.28
C CYS B 200 42.49 8.67 25.94
N GLY B 201 41.75 9.61 25.36
CA GLY B 201 41.62 10.93 25.94
C GLY B 201 40.86 10.90 27.25
N PRO B 202 40.83 12.02 27.98
CA PRO B 202 41.43 13.32 27.62
C PRO B 202 42.95 13.33 27.75
N TYR B 203 43.60 14.13 26.91
CA TYR B 203 45.05 14.27 26.94
C TYR B 203 45.52 15.52 27.67
N THR B 204 44.63 16.21 28.37
CA THR B 204 44.98 17.35 29.19
C THR B 204 44.13 17.33 30.45
N THR B 205 44.60 18.04 31.47
CA THR B 205 43.87 18.07 32.73
C THR B 205 42.64 18.97 32.62
N SER B 206 41.85 19.00 33.69
CA SER B 206 40.59 19.74 33.67
C SER B 206 40.79 21.24 33.58
N ASP B 207 42.00 21.74 33.78
CA ASP B 207 42.26 23.18 33.75
C ASP B 207 43.57 23.48 33.03
N SER B 208 43.78 22.87 31.87
CA SER B 208 45.01 23.08 31.13
C SER B 208 44.74 22.99 29.63
N ILE B 209 45.67 23.56 28.86
CA ILE B 209 45.65 23.52 27.40
C ILE B 209 47.04 23.05 26.97
N THR B 210 47.94 22.90 27.94
CA THR B 210 49.32 22.55 27.64
C THR B 210 49.47 21.13 27.10
N TYR B 211 48.56 20.23 27.48
CA TYR B 211 48.61 18.82 27.06
C TYR B 211 49.88 18.14 27.55
N ASP B 212 50.22 18.35 28.82
CA ASP B 212 51.33 17.65 29.44
C ASP B 212 51.23 16.13 29.32
N PRO B 213 50.07 15.49 29.52
CA PRO B 213 49.98 14.05 29.21
C PRO B 213 50.31 13.74 27.76
N LEU B 214 49.96 14.63 26.84
CA LEU B 214 50.30 14.40 25.44
C LEU B 214 51.81 14.42 25.24
N LEU B 215 52.49 15.39 25.83
CA LEU B 215 53.95 15.41 25.77
C LEU B 215 54.54 14.16 26.42
N ASP B 216 53.97 13.71 27.53
CA ASP B 216 54.46 12.51 28.20
C ASP B 216 54.31 11.29 27.31
N LEU B 217 53.18 11.17 26.60
CA LEU B 217 53.00 10.06 25.67
C LEU B 217 53.97 10.15 24.51
N ILE B 218 54.24 11.37 24.03
CA ILE B 218 55.24 11.53 22.97
C ILE B 218 56.61 11.02 23.44
N ALA B 219 56.99 11.39 24.67
CA ALA B 219 58.25 10.91 25.22
C ALA B 219 58.25 9.39 25.37
N VAL B 220 57.14 8.83 25.86
CA VAL B 220 57.07 7.38 26.04
C VAL B 220 57.23 6.68 24.70
N ILE B 221 56.56 7.18 23.66
CA ILE B 221 56.60 6.51 22.37
C ILE B 221 57.97 6.63 21.73
N ASN B 222 58.54 7.84 21.70
CA ASN B 222 59.83 7.96 21.03
C ASN B 222 60.96 7.36 21.88
N HIS B 223 60.69 6.99 23.13
CA HIS B 223 61.68 6.22 23.88
C HIS B 223 61.49 4.72 23.70
N ASP B 224 60.24 4.26 23.56
CA ASP B 224 59.96 2.83 23.53
C ASP B 224 60.01 2.22 22.14
N ARG B 225 59.77 3.02 21.08
CA ARG B 225 59.77 2.55 19.70
C ARG B 225 58.82 1.38 19.52
N PRO B 226 57.50 1.60 19.59
CA PRO B 226 56.56 0.48 19.44
C PRO B 226 56.30 0.10 17.99
N ASP B 227 55.38 -0.84 17.77
CA ASP B 227 54.96 -1.21 16.42
C ASP B 227 53.87 -0.30 15.88
N VAL B 228 52.74 -0.21 16.58
CA VAL B 228 51.64 0.65 16.15
C VAL B 228 51.03 1.29 17.39
N CYS B 229 50.61 2.54 17.25
CA CYS B 229 50.08 3.33 18.36
C CYS B 229 48.61 3.62 18.14
N ILE B 230 47.83 3.56 19.22
CA ILE B 230 46.40 3.81 19.17
C ILE B 230 46.10 4.99 20.09
N LEU B 231 45.45 6.02 19.53
CA LEU B 231 44.99 7.17 20.30
C LEU B 231 43.49 7.33 20.13
N PHE B 232 42.75 7.13 21.22
CA PHE B 232 41.31 7.33 21.23
C PHE B 232 40.95 8.78 21.52
N GLY B 233 39.78 9.18 21.06
CA GLY B 233 39.18 10.43 21.50
C GLY B 233 38.54 10.29 22.86
N PRO B 234 38.01 11.41 23.38
CA PRO B 234 38.00 12.74 22.77
C PRO B 234 39.35 13.44 22.83
N PHE B 235 39.64 14.26 21.82
CA PHE B 235 40.86 15.06 21.85
C PHE B 235 40.62 16.43 22.46
N LEU B 236 39.54 17.08 22.05
CA LEU B 236 39.07 18.32 22.66
C LEU B 236 37.64 18.06 23.11
N ASP B 237 37.51 17.54 24.33
CA ASP B 237 36.21 17.10 24.82
C ASP B 237 35.30 18.30 25.06
N ALA B 238 34.00 18.10 24.83
CA ALA B 238 33.03 19.16 25.10
C ALA B 238 32.75 19.31 26.59
N LYS B 239 32.81 18.21 27.34
CA LYS B 239 32.49 18.24 28.77
C LYS B 239 33.53 18.98 29.59
N HIS B 240 34.69 19.30 29.02
CA HIS B 240 35.69 20.10 29.70
C HIS B 240 35.10 21.45 30.10
N GLU B 241 35.44 21.90 31.31
CA GLU B 241 34.91 23.18 31.79
C GLU B 241 35.44 24.35 30.97
N GLN B 242 36.72 24.30 30.60
CA GLN B 242 37.33 25.39 29.83
C GLN B 242 36.68 25.57 28.46
N VAL B 243 36.07 24.53 27.90
CA VAL B 243 35.39 24.68 26.62
C VAL B 243 33.90 24.91 26.80
N GLU B 244 33.29 24.29 27.82
CA GLU B 244 31.87 24.51 28.07
C GLU B 244 31.61 25.96 28.44
N ASN B 245 32.51 26.56 29.23
CA ASN B 245 32.48 28.00 29.42
C ASN B 245 32.96 28.78 28.20
N CYS B 246 33.58 28.12 27.23
CA CYS B 246 33.96 28.68 25.93
C CYS B 246 34.77 29.98 26.06
N LEU B 247 35.88 29.94 26.80
CA LEU B 247 36.81 31.06 26.82
C LEU B 247 37.97 30.88 25.84
N LEU B 248 37.99 29.80 25.06
CA LEU B 248 39.10 29.57 24.14
C LEU B 248 39.19 30.68 23.11
N THR B 249 40.41 31.04 22.75
CA THR B 249 40.67 32.11 21.80
C THR B 249 40.89 31.59 20.38
N SER B 250 40.81 30.28 20.15
CA SER B 250 41.07 29.72 18.85
C SER B 250 39.93 28.78 18.44
N PRO B 251 39.69 28.64 17.14
CA PRO B 251 38.60 27.77 16.68
C PRO B 251 38.83 26.33 17.11
N PHE B 252 37.72 25.60 17.27
CA PHE B 252 37.79 24.20 17.69
C PHE B 252 38.60 23.38 16.70
N GLU B 253 38.35 23.56 15.41
CA GLU B 253 39.11 22.84 14.39
C GLU B 253 40.58 23.26 14.42
N ASP B 254 40.85 24.53 14.71
CA ASP B 254 42.23 24.99 14.81
C ASP B 254 42.96 24.28 15.94
N ILE B 255 42.34 24.23 17.12
CA ILE B 255 42.96 23.54 18.26
C ILE B 255 43.12 22.06 17.95
N PHE B 256 42.12 21.45 17.32
CA PHE B 256 42.20 20.02 17.01
C PHE B 256 43.32 19.73 16.03
N LYS B 257 43.47 20.56 15.00
CA LYS B 257 44.57 20.38 14.05
C LYS B 257 45.92 20.61 14.71
N GLN B 258 45.99 21.61 15.60
CA GLN B 258 47.22 21.82 16.38
C GLN B 258 47.58 20.57 17.17
N CYS B 259 46.59 19.97 17.83
CA CYS B 259 46.84 18.75 18.59
C CYS B 259 47.36 17.64 17.68
N LEU B 260 46.65 17.37 16.58
CA LEU B 260 47.07 16.29 15.69
C LEU B 260 48.48 16.52 15.16
N ARG B 261 48.80 17.76 14.79
CA ARG B 261 50.14 18.00 14.27
C ARG B 261 51.19 17.84 15.38
N THR B 262 50.82 18.12 16.63
CA THR B 262 51.77 17.90 17.72
C THR B 262 52.07 16.41 17.89
N ILE B 263 51.02 15.56 17.90
CA ILE B 263 51.29 14.12 17.95
C ILE B 263 52.08 13.65 16.74
N ILE B 264 51.72 14.13 15.55
CA ILE B 264 52.40 13.66 14.33
C ILE B 264 53.87 14.01 14.39
N GLU B 265 54.19 15.27 14.70
CA GLU B 265 55.59 15.67 14.77
C GLU B 265 56.33 15.00 15.92
N GLY B 266 55.64 14.69 17.01
CA GLY B 266 56.29 14.04 18.14
C GLY B 266 56.64 12.59 17.92
N THR B 267 56.08 11.96 16.89
CA THR B 267 56.32 10.54 16.63
C THR B 267 57.00 10.31 15.27
N ARG B 268 57.64 11.34 14.72
CA ARG B 268 58.43 11.15 13.50
C ARG B 268 59.57 10.16 13.74
N SER B 269 60.28 10.32 14.86
CA SER B 269 61.38 9.44 15.20
C SER B 269 60.93 8.05 15.65
N SER B 270 59.66 7.91 16.06
CA SER B 270 59.19 6.61 16.54
C SER B 270 59.22 5.57 15.43
N GLY B 271 58.75 5.93 14.25
CA GLY B 271 58.67 4.98 13.16
C GLY B 271 57.46 4.08 13.26
N SER B 272 56.85 4.03 14.45
CA SER B 272 55.69 3.20 14.67
C SER B 272 54.49 3.72 13.88
N HIS B 273 53.61 2.80 13.49
CA HIS B 273 52.40 3.19 12.81
C HIS B 273 51.42 3.84 13.79
N LEU B 274 50.49 4.63 13.25
CA LEU B 274 49.61 5.46 14.06
C LEU B 274 48.22 5.49 13.45
N VAL B 275 47.22 5.60 14.33
CA VAL B 275 45.83 5.74 13.91
C VAL B 275 45.06 6.30 15.09
N PHE B 276 44.03 7.11 14.80
CA PHE B 276 43.23 7.76 15.82
C PHE B 276 41.78 7.32 15.70
N VAL B 277 41.17 7.05 16.84
CA VAL B 277 39.77 6.65 16.92
C VAL B 277 38.96 7.84 17.40
N PRO B 278 38.09 8.42 16.57
CA PRO B 278 37.25 9.52 17.05
C PRO B 278 36.25 9.05 18.09
N SER B 279 35.80 9.98 18.91
CA SER B 279 34.86 9.69 20.00
C SER B 279 33.72 10.69 20.00
N LEU B 280 32.58 10.26 20.54
CA LEU B 280 31.40 11.12 20.59
C LEU B 280 31.67 12.40 21.38
N ARG B 281 32.47 12.31 22.45
CA ARG B 281 32.77 13.47 23.27
C ARG B 281 33.61 14.51 22.55
N ASP B 282 34.21 14.17 21.41
CA ASP B 282 34.93 15.17 20.62
C ASP B 282 33.96 16.21 20.09
N VAL B 283 34.38 17.48 20.18
CA VAL B 283 33.44 18.59 19.99
C VAL B 283 33.29 18.97 18.52
N HIS B 284 34.40 19.11 17.78
CA HIS B 284 34.30 19.63 16.42
C HIS B 284 33.71 18.60 15.47
N HIS B 285 33.85 17.31 15.80
CA HIS B 285 33.43 16.26 14.89
C HIS B 285 31.94 15.99 15.04
N GLU B 286 31.39 15.27 14.06
CA GLU B 286 29.98 14.98 14.06
C GLU B 286 29.62 14.06 15.22
N PRO B 287 28.67 14.42 16.07
CA PRO B 287 28.29 13.57 17.21
C PRO B 287 27.23 12.53 16.84
N VAL B 288 27.61 11.61 15.95
CA VAL B 288 26.70 10.59 15.45
C VAL B 288 27.42 9.25 15.52
N TYR B 289 27.01 8.40 16.46
CA TYR B 289 27.57 7.04 16.54
C TYR B 289 26.79 6.11 15.61
N PRO B 290 27.45 5.39 14.69
CA PRO B 290 28.88 5.33 14.44
C PRO B 290 29.42 6.53 13.67
N GLN B 291 30.68 6.88 13.91
CA GLN B 291 31.26 8.12 13.41
C GLN B 291 32.17 7.86 12.22
N PRO B 292 32.30 8.83 11.33
CA PRO B 292 33.37 8.81 10.35
C PRO B 292 34.70 9.16 10.99
N PRO B 293 35.81 8.90 10.31
CA PRO B 293 37.11 9.30 10.86
C PRO B 293 37.27 10.81 10.86
N PHE B 294 38.43 11.25 11.36
CA PHE B 294 38.75 12.66 11.37
C PHE B 294 39.07 13.15 9.96
N SER B 295 39.38 14.44 9.86
CA SER B 295 39.73 15.08 8.60
C SER B 295 41.05 15.82 8.78
N TYR B 296 41.97 15.61 7.84
CA TYR B 296 43.26 16.27 7.88
C TYR B 296 43.81 16.34 6.46
N SER B 297 44.58 17.39 6.18
CA SER B 297 45.10 17.63 4.84
C SER B 297 46.62 17.59 4.79
N ASP B 298 47.30 18.23 5.74
CA ASP B 298 48.75 18.39 5.67
C ASP B 298 49.43 17.08 6.05
N LEU B 299 49.68 16.24 5.05
CA LEU B 299 50.43 15.02 5.23
C LEU B 299 51.47 14.89 4.13
N SER B 300 52.66 14.43 4.47
CA SER B 300 53.61 14.00 3.47
C SER B 300 53.32 12.56 3.08
N ARG B 301 54.05 12.07 2.07
CA ARG B 301 53.83 10.70 1.61
C ARG B 301 54.13 9.69 2.70
N GLU B 302 55.24 9.88 3.43
CA GLU B 302 55.54 8.99 4.54
C GLU B 302 54.52 9.11 5.66
N ASP B 303 53.97 10.32 5.87
CA ASP B 303 52.92 10.48 6.86
C ASP B 303 51.71 9.63 6.54
N LYS B 304 51.26 9.65 5.28
CA LYS B 304 50.13 8.82 4.89
C LYS B 304 50.47 7.34 5.06
N LYS B 305 51.69 6.95 4.70
CA LYS B 305 52.12 5.57 4.88
C LYS B 305 52.27 5.18 6.35
N GLN B 306 52.31 6.15 7.26
CA GLN B 306 52.52 5.86 8.67
C GLN B 306 51.32 6.14 9.57
N VAL B 307 50.41 7.01 9.17
CA VAL B 307 49.26 7.35 10.01
C VAL B 307 47.98 7.07 9.24
N GLN B 308 46.98 6.59 9.97
CA GLN B 308 45.66 6.27 9.42
C GLN B 308 44.59 6.92 10.28
N PHE B 309 43.37 6.92 9.75
CA PHE B 309 42.17 7.24 10.52
C PHE B 309 41.13 6.16 10.27
N VAL B 310 40.44 5.76 11.33
CA VAL B 310 39.43 4.72 11.24
C VAL B 310 38.11 5.25 11.81
N SER B 311 37.02 4.69 11.31
CA SER B 311 35.71 5.02 11.84
C SER B 311 35.55 4.47 13.25
N GLU B 312 34.59 5.02 13.98
CA GLU B 312 34.27 4.54 15.31
C GLU B 312 32.85 4.02 15.32
N PRO B 313 32.63 2.72 15.57
CA PRO B 313 33.64 1.71 15.86
C PRO B 313 34.41 1.25 14.62
N CYS B 314 35.50 0.52 14.84
CA CYS B 314 36.29 -0.01 13.74
C CYS B 314 36.69 -1.45 14.05
N SER B 315 36.67 -2.29 13.02
CA SER B 315 37.19 -3.65 13.08
C SER B 315 38.39 -3.72 12.13
N LEU B 316 39.59 -3.55 12.68
CA LEU B 316 40.81 -3.57 11.88
C LEU B 316 41.67 -4.75 12.30
N SER B 317 42.46 -5.23 11.34
CA SER B 317 43.32 -6.39 11.54
C SER B 317 44.78 -5.94 11.52
N ILE B 318 45.55 -6.43 12.49
CA ILE B 318 46.98 -6.13 12.59
C ILE B 318 47.72 -7.47 12.59
N ASN B 319 48.54 -7.68 11.56
CA ASN B 319 49.29 -8.93 11.40
C ASN B 319 48.37 -10.14 11.48
N GLY B 320 47.19 -10.02 10.89
CA GLY B 320 46.22 -11.10 10.94
C GLY B 320 45.59 -11.30 12.30
N VAL B 321 45.62 -10.27 13.15
CA VAL B 321 45.00 -10.31 14.47
C VAL B 321 43.91 -9.26 14.51
N ILE B 322 42.71 -9.67 14.91
CA ILE B 322 41.53 -8.80 14.84
C ILE B 322 41.51 -7.87 16.04
N PHE B 323 41.45 -6.57 15.76
CA PHE B 323 41.32 -5.54 16.79
C PHE B 323 39.92 -4.94 16.70
N GLY B 324 39.15 -5.07 17.79
CA GLY B 324 37.85 -4.45 17.88
C GLY B 324 37.88 -3.18 18.70
N LEU B 325 37.84 -2.03 18.05
CA LEU B 325 37.96 -0.74 18.71
C LEU B 325 36.59 -0.10 18.88
N THR B 326 36.26 0.28 20.11
CA THR B 326 35.11 1.11 20.38
C THR B 326 35.50 2.19 21.39
N SER B 327 35.19 3.45 21.03
CA SER B 327 35.56 4.58 21.86
C SER B 327 34.54 4.89 22.95
N THR B 328 33.26 4.71 22.64
CA THR B 328 32.20 5.03 23.59
C THR B 328 32.31 4.16 24.83
N ASP B 329 31.93 4.73 25.98
CA ASP B 329 32.02 4.03 27.27
C ASP B 329 30.86 3.05 27.41
N LEU B 330 30.85 2.06 26.51
CA LEU B 330 29.81 1.04 26.51
C LEU B 330 29.80 0.25 27.81
N LEU B 331 30.98 0.07 28.43
CA LEU B 331 31.02 -0.63 29.72
C LEU B 331 30.22 0.13 30.77
N PHE B 332 30.42 1.44 30.86
CA PHE B 332 29.69 2.25 31.82
C PHE B 332 28.20 2.27 31.48
N HIS B 333 27.87 2.37 30.19
CA HIS B 333 26.46 2.40 29.80
C HIS B 333 25.76 1.11 30.18
N LEU B 334 26.39 -0.03 29.89
CA LEU B 334 25.82 -1.32 30.26
C LEU B 334 25.72 -1.49 31.77
N GLY B 335 26.75 -1.06 32.50
CA GLY B 335 26.76 -1.28 33.94
C GLY B 335 25.66 -0.54 34.66
N ALA B 336 25.08 0.48 34.04
CA ALA B 336 24.03 1.25 34.69
C ALA B 336 22.72 0.48 34.77
N GLU B 337 22.38 -0.31 33.75
CA GLU B 337 21.10 -0.99 33.70
C GLU B 337 21.16 -2.50 33.47
N GLU B 338 22.33 -3.07 33.19
CA GLU B 338 22.45 -4.52 33.13
C GLU B 338 22.15 -5.11 34.51
N ILE B 339 21.44 -6.23 34.52
CA ILE B 339 21.04 -6.89 35.76
C ILE B 339 21.39 -8.36 35.66
N SER B 340 21.56 -9.00 36.82
CA SER B 340 21.83 -10.42 36.91
C SER B 340 21.27 -10.98 38.22
N SER B 341 21.07 -12.29 38.26
CA SER B 341 20.59 -12.94 39.47
C SER B 341 21.58 -12.79 40.60
N SER B 342 22.87 -12.95 40.31
CA SER B 342 23.93 -12.81 41.29
C SER B 342 24.90 -11.72 40.85
N SER B 343 25.33 -10.91 41.81
CA SER B 343 26.24 -9.81 41.55
C SER B 343 27.69 -10.16 41.86
N GLY B 344 27.96 -10.61 43.09
CA GLY B 344 29.31 -10.94 43.49
C GLY B 344 29.81 -12.30 43.05
N THR B 345 28.93 -13.16 42.54
CA THR B 345 29.35 -14.49 42.12
C THR B 345 30.35 -14.41 40.97
N SER B 346 30.07 -13.56 39.98
CA SER B 346 30.94 -13.39 38.82
C SER B 346 31.30 -11.91 38.70
N ASP B 347 32.07 -11.59 37.67
CA ASP B 347 32.51 -10.22 37.46
C ASP B 347 31.53 -9.47 36.56
N ARG B 348 31.15 -8.27 37.00
CA ARG B 348 30.29 -7.43 36.18
C ARG B 348 30.94 -7.12 34.84
N PHE B 349 32.24 -6.83 34.85
CA PHE B 349 32.96 -6.62 33.61
C PHE B 349 32.94 -7.87 32.75
N SER B 350 33.11 -9.04 33.37
CA SER B 350 33.10 -10.29 32.62
C SER B 350 31.76 -10.50 31.92
N ARG B 351 30.65 -10.27 32.63
CA ARG B 351 29.34 -10.46 31.99
C ARG B 351 29.06 -9.40 30.95
N ILE B 352 29.53 -8.16 31.15
CA ILE B 352 29.30 -7.14 30.13
C ILE B 352 30.07 -7.47 28.85
N LEU B 353 31.32 -7.95 28.99
CA LEU B 353 32.04 -8.43 27.82
C LEU B 353 31.36 -9.65 27.21
N LYS B 354 30.76 -10.51 28.05
CA LYS B 354 29.99 -11.62 27.52
C LYS B 354 28.89 -11.11 26.60
N HIS B 355 28.15 -10.10 27.03
CA HIS B 355 27.07 -9.55 26.21
C HIS B 355 27.61 -8.90 24.93
N ILE B 356 28.69 -8.12 25.04
CA ILE B 356 29.18 -7.42 23.86
C ILE B 356 29.71 -8.40 22.82
N LEU B 357 30.30 -9.51 23.26
CA LEU B 357 30.71 -10.55 22.32
C LEU B 357 29.50 -11.31 21.78
N THR B 358 28.49 -11.53 22.62
CA THR B 358 27.33 -12.32 22.22
C THR B 358 26.51 -11.62 21.14
N GLN B 359 26.19 -10.35 21.34
CA GLN B 359 25.18 -9.70 20.53
C GLN B 359 25.65 -9.33 19.13
N ARG B 360 26.87 -9.71 18.75
CA ARG B 360 27.40 -9.56 17.39
C ARG B 360 27.44 -8.11 16.91
N SER B 361 27.20 -7.15 17.80
CA SER B 361 27.11 -5.75 17.40
C SER B 361 27.95 -4.90 18.34
N TYR B 362 28.60 -3.87 17.77
CA TYR B 362 29.43 -2.98 18.56
C TYR B 362 28.64 -2.21 19.60
N TYR B 363 27.32 -2.10 19.44
CA TYR B 363 26.52 -1.45 20.46
C TYR B 363 25.21 -2.21 20.67
N PRO B 364 25.17 -3.17 21.59
CA PRO B 364 23.96 -3.99 21.77
C PRO B 364 22.87 -3.36 22.61
N LEU B 365 23.08 -2.17 23.16
CA LEU B 365 22.11 -1.57 24.08
C LEU B 365 21.12 -0.68 23.33
N TYR B 366 19.84 -0.86 23.63
CA TYR B 366 18.75 -0.10 23.02
C TYR B 366 17.60 0.00 24.01
N PRO B 367 17.12 1.21 24.33
CA PRO B 367 17.63 2.49 23.82
C PRO B 367 18.90 2.95 24.53
N PRO B 368 19.76 3.68 23.81
CA PRO B 368 21.00 4.15 24.41
C PRO B 368 20.76 5.23 25.45
N GLN B 369 21.77 5.47 26.28
CA GLN B 369 21.71 6.54 27.27
C GLN B 369 21.73 7.89 26.56
N GLU B 370 21.35 8.93 27.29
CA GLU B 370 21.14 10.26 26.71
C GLU B 370 22.40 10.77 26.01
N ASP B 371 23.57 10.51 26.58
CA ASP B 371 24.80 11.11 26.04
C ASP B 371 25.38 10.31 24.88
N MET B 372 24.50 9.91 23.96
CA MET B 372 24.89 9.31 22.70
C MET B 372 23.88 9.74 21.63
N ALA B 373 24.20 9.41 20.38
CA ALA B 373 23.38 9.82 19.25
C ALA B 373 23.59 8.80 18.13
N ILE B 374 22.67 7.84 18.03
CA ILE B 374 22.81 6.70 17.13
C ILE B 374 21.85 6.87 15.96
N ASP B 375 22.39 6.87 14.75
CA ASP B 375 21.58 6.78 13.53
C ASP B 375 21.49 5.31 13.14
N TYR B 376 20.27 4.76 13.15
CA TYR B 376 20.12 3.32 13.27
C TYR B 376 20.41 2.59 11.96
N GLU B 377 20.07 3.19 10.82
CA GLU B 377 20.39 2.54 9.55
C GLU B 377 21.90 2.39 9.39
N SER B 378 22.65 3.45 9.68
CA SER B 378 24.10 3.39 9.59
C SER B 378 24.67 2.46 10.66
N PHE B 379 24.03 2.43 11.83
CA PHE B 379 24.46 1.50 12.87
C PHE B 379 24.33 0.05 12.40
N TYR B 380 23.22 -0.26 11.74
CA TYR B 380 22.99 -1.63 11.30
C TYR B 380 23.91 -2.00 10.13
N VAL B 381 24.23 -1.05 9.26
CA VAL B 381 25.02 -1.37 8.08
C VAL B 381 26.51 -1.17 8.31
N TYR B 382 26.92 -0.62 9.46
CA TYR B 382 28.33 -0.36 9.69
C TYR B 382 28.85 -0.76 11.07
N ALA B 383 28.01 -1.19 12.01
CA ALA B 383 28.42 -1.43 13.38
C ALA B 383 28.06 -2.83 13.86
N GLN B 384 28.33 -3.83 13.03
CA GLN B 384 28.18 -5.22 13.40
C GLN B 384 29.55 -5.87 13.41
N LEU B 385 29.81 -6.72 14.40
CA LEU B 385 31.07 -7.43 14.46
C LEU B 385 31.13 -8.43 13.31
N PRO B 386 32.10 -8.30 12.39
CA PRO B 386 32.22 -9.34 11.35
C PRO B 386 32.54 -10.71 11.92
N VAL B 387 33.38 -10.76 12.95
CA VAL B 387 33.77 -11.99 13.64
C VAL B 387 33.95 -11.66 15.12
N THR B 388 33.92 -12.69 15.94
CA THR B 388 34.32 -12.52 17.33
C THR B 388 35.77 -12.07 17.36
N PRO B 389 36.06 -10.84 17.77
CA PRO B 389 37.42 -10.32 17.63
C PRO B 389 38.42 -11.07 18.51
N ASP B 390 39.66 -11.11 18.04
CA ASP B 390 40.72 -11.70 18.84
C ASP B 390 40.97 -10.90 20.12
N VAL B 391 41.08 -9.58 19.98
CA VAL B 391 41.34 -8.69 21.11
C VAL B 391 40.48 -7.44 20.94
N LEU B 392 39.94 -6.96 22.06
CA LEU B 392 39.06 -5.81 22.07
C LEU B 392 39.68 -4.66 22.85
N ILE B 393 39.33 -3.44 22.47
CA ILE B 393 39.75 -2.23 23.16
C ILE B 393 38.50 -1.47 23.54
N ILE B 394 38.26 -1.30 24.84
CA ILE B 394 37.11 -0.54 25.31
C ILE B 394 37.58 0.48 26.35
N PRO B 395 38.10 1.63 25.94
CA PRO B 395 38.41 2.68 26.92
C PRO B 395 37.19 3.11 27.70
N SER B 396 37.19 2.87 29.02
CA SER B 396 36.04 3.12 29.86
C SER B 396 36.43 3.92 31.09
N GLU B 397 35.51 4.77 31.56
CA GLU B 397 35.75 5.55 32.77
C GLU B 397 35.87 4.67 34.01
N LEU B 398 35.37 3.44 33.97
CA LEU B 398 35.51 2.52 35.07
C LEU B 398 36.98 2.14 35.24
N ARG B 399 37.27 1.34 36.26
CA ARG B 399 38.66 1.01 36.59
C ARG B 399 39.29 0.18 35.48
N TYR B 400 40.59 0.38 35.28
CA TYR B 400 41.33 -0.38 34.29
C TYR B 400 41.32 -1.87 34.63
N PHE B 401 41.24 -2.70 33.59
CA PHE B 401 41.24 -4.15 33.78
C PHE B 401 41.68 -4.80 32.49
N VAL B 402 42.07 -6.08 32.59
CA VAL B 402 42.33 -6.94 31.45
C VAL B 402 41.77 -8.32 31.75
N LYS B 403 40.80 -8.75 30.96
CA LYS B 403 40.21 -10.08 31.12
C LYS B 403 40.14 -10.76 29.75
N ASP B 404 39.94 -12.08 29.80
CA ASP B 404 39.79 -12.90 28.61
C ASP B 404 38.57 -13.78 28.80
N VAL B 405 37.61 -13.68 27.88
CA VAL B 405 36.37 -14.44 27.95
C VAL B 405 36.03 -14.97 26.56
N LEU B 406 35.63 -16.23 26.50
CA LEU B 406 35.25 -16.89 25.24
C LEU B 406 36.33 -16.76 24.18
N GLY B 407 37.58 -16.89 24.60
CA GLY B 407 38.70 -16.77 23.67
C GLY B 407 39.09 -15.32 23.39
N CYS B 408 38.11 -14.42 23.41
CA CYS B 408 38.36 -13.02 23.17
C CYS B 408 38.98 -12.39 24.41
N VAL B 409 40.16 -11.81 24.25
CA VAL B 409 40.85 -11.12 25.34
C VAL B 409 40.54 -9.63 25.24
N CYS B 410 40.14 -9.04 26.36
CA CYS B 410 39.80 -7.63 26.40
C CYS B 410 40.75 -6.91 27.34
N VAL B 411 41.18 -5.72 26.90
CA VAL B 411 42.03 -4.85 27.71
C VAL B 411 41.31 -3.52 27.88
N ASN B 412 41.20 -3.09 29.13
CA ASN B 412 40.70 -1.75 29.40
C ASN B 412 41.90 -0.84 29.65
N PRO B 413 42.33 -0.07 28.65
CA PRO B 413 43.52 0.77 28.82
C PRO B 413 43.37 1.82 29.90
N GLY B 414 42.16 2.08 30.38
CA GLY B 414 41.94 3.10 31.37
C GLY B 414 41.99 4.48 30.73
N ARG B 415 41.68 5.48 31.55
CA ARG B 415 41.70 6.86 31.12
C ARG B 415 43.06 7.47 31.42
N LEU B 416 43.69 8.03 30.38
CA LEU B 416 44.99 8.66 30.50
C LEU B 416 44.97 9.88 31.43
N THR B 417 43.80 10.43 31.71
CA THR B 417 43.70 11.60 32.58
C THR B 417 42.32 11.60 33.23
N LYS B 418 42.31 11.60 34.56
CA LYS B 418 41.09 11.64 35.35
C LYS B 418 41.10 12.99 36.08
N GLY B 419 40.55 14.01 35.44
CA GLY B 419 40.65 15.35 35.99
C GLY B 419 42.10 15.79 36.05
N GLN B 420 42.65 15.84 37.26
CA GLN B 420 44.06 16.11 37.48
C GLN B 420 44.80 14.92 38.08
N VAL B 421 44.10 13.80 38.29
CA VAL B 421 44.67 12.61 38.92
C VAL B 421 45.39 11.79 37.85
N GLY B 422 46.28 10.92 38.29
CA GLY B 422 47.11 10.18 37.35
C GLY B 422 46.28 9.26 36.48
N GLY B 423 46.78 9.01 35.26
CA GLY B 423 46.12 8.15 34.30
C GLY B 423 46.96 6.93 33.96
N THR B 424 46.41 6.11 33.05
CA THR B 424 47.04 4.85 32.69
C THR B 424 47.04 4.68 31.17
N PHE B 425 47.92 3.81 30.70
CA PHE B 425 47.91 3.32 29.33
C PHE B 425 48.49 1.92 29.33
N ALA B 426 48.28 1.19 28.24
CA ALA B 426 48.53 -0.25 28.23
C ALA B 426 49.42 -0.67 27.06
N ARG B 427 50.18 -1.73 27.30
CA ARG B 427 51.06 -2.35 26.32
C ARG B 427 50.69 -3.83 26.19
N LEU B 428 50.71 -4.35 24.97
CA LEU B 428 50.30 -5.72 24.73
C LEU B 428 51.14 -6.35 23.63
N TYR B 429 51.79 -7.48 23.95
CA TYR B 429 52.43 -8.34 22.96
C TYR B 429 51.38 -9.15 22.21
N LEU B 430 51.57 -9.25 20.90
CA LEU B 430 50.78 -10.14 20.06
C LEU B 430 51.72 -10.93 19.16
N ARG B 431 51.41 -12.20 18.95
CA ARG B 431 52.21 -13.08 18.10
C ARG B 431 51.42 -14.32 17.73
N ARG B 432 51.29 -14.60 16.45
CA ARG B 432 50.53 -15.77 16.03
C ARG B 432 51.25 -17.03 16.50
N PRO B 433 50.60 -17.84 17.34
CA PRO B 433 51.24 -19.07 17.82
C PRO B 433 51.19 -20.18 16.79
N ALA B 434 51.63 -21.38 17.17
CA ALA B 434 51.71 -22.50 16.25
C ALA B 434 50.41 -22.70 15.49
N ALA B 435 50.53 -23.04 14.21
CA ALA B 435 49.37 -23.08 13.33
C ALA B 435 48.37 -24.15 13.76
N ASP B 436 48.83 -25.23 14.39
CA ASP B 436 47.95 -26.30 14.80
C ASP B 436 48.34 -26.73 16.22
N GLY B 437 47.79 -27.84 16.68
CA GLY B 437 48.00 -28.29 18.04
C GLY B 437 46.76 -28.07 18.89
N ALA B 438 46.85 -27.12 19.83
CA ALA B 438 45.68 -26.77 20.62
C ALA B 438 44.62 -26.13 19.72
N GLU B 439 43.36 -26.42 20.03
CA GLU B 439 42.26 -25.92 19.20
C GLU B 439 42.19 -24.40 19.24
N ARG B 440 42.35 -23.80 20.42
CA ARG B 440 42.32 -22.35 20.58
C ARG B 440 43.74 -21.85 20.83
N GLN B 441 44.18 -20.89 20.02
CA GLN B 441 45.53 -20.34 20.10
C GLN B 441 45.43 -18.82 19.90
N SER B 442 45.34 -18.09 21.00
CA SER B 442 45.18 -16.63 20.96
C SER B 442 46.48 -15.96 20.52
N PRO B 443 46.47 -15.08 19.52
CA PRO B 443 47.68 -14.34 19.16
C PRO B 443 48.31 -13.58 20.31
N CYS B 444 47.53 -13.05 21.24
CA CYS B 444 48.09 -12.21 22.30
C CYS B 444 49.01 -13.03 23.20
N ILE B 445 50.06 -12.39 23.69
CA ILE B 445 51.02 -13.00 24.61
C ILE B 445 50.79 -12.52 26.04
N ALA B 446 51.00 -11.22 26.29
CA ALA B 446 50.86 -10.67 27.62
C ALA B 446 50.57 -9.17 27.51
N VAL B 447 50.01 -8.61 28.58
CA VAL B 447 49.62 -7.21 28.62
C VAL B 447 50.10 -6.59 29.91
N GLN B 448 50.49 -5.32 29.85
CA GLN B 448 50.81 -4.54 31.03
C GLN B 448 49.93 -3.29 31.04
N VAL B 449 49.35 -2.98 32.20
CA VAL B 449 48.67 -1.71 32.42
C VAL B 449 49.63 -0.85 33.24
N VAL B 450 50.17 0.19 32.61
CA VAL B 450 51.25 0.99 33.19
C VAL B 450 50.77 2.43 33.35
N ARG B 451 50.96 2.96 34.55
CA ARG B 451 50.48 4.30 34.87
C ARG B 451 51.30 5.36 34.16
N ILE B 452 50.63 6.40 33.68
CA ILE B 452 51.31 7.52 33.06
C ILE B 452 51.66 8.57 34.10
N MET C 22 -13.55 -22.49 -75.96
CA MET C 22 -13.74 -23.25 -74.73
C MET C 22 -15.00 -24.11 -74.73
N GLU C 23 -14.86 -25.30 -74.17
CA GLU C 23 -16.00 -26.17 -73.94
C GLU C 23 -16.70 -25.79 -72.64
N THR C 24 -17.92 -26.30 -72.47
CA THR C 24 -18.67 -26.07 -71.25
C THR C 24 -18.04 -26.83 -70.09
N PHE C 25 -18.07 -26.22 -68.91
CA PHE C 25 -17.48 -26.83 -67.72
C PHE C 25 -18.48 -27.71 -66.99
N ASP C 26 -18.00 -28.87 -66.51
CA ASP C 26 -18.82 -29.77 -65.72
C ASP C 26 -18.34 -29.73 -64.27
N PRO C 27 -19.15 -29.25 -63.33
CA PRO C 27 -18.68 -29.13 -61.94
C PRO C 27 -18.48 -30.47 -61.23
N THR C 28 -18.95 -31.58 -61.80
CA THR C 28 -18.80 -32.87 -61.13
C THR C 28 -17.42 -33.49 -61.33
N GLU C 29 -16.61 -32.96 -62.24
CA GLU C 29 -15.25 -33.46 -62.44
C GLU C 29 -14.26 -32.87 -61.45
N LEU C 30 -14.71 -31.96 -60.59
CA LEU C 30 -13.81 -31.30 -59.63
C LEU C 30 -13.08 -32.27 -58.71
N PRO C 31 -13.71 -33.28 -58.11
CA PRO C 31 -12.97 -34.14 -57.17
C PRO C 31 -11.73 -34.79 -57.77
N GLU C 32 -11.72 -35.06 -59.07
CA GLU C 32 -10.56 -35.65 -59.72
C GLU C 32 -9.64 -34.59 -60.31
N LEU C 33 -10.20 -33.55 -60.92
CA LEU C 33 -9.40 -32.49 -61.52
C LEU C 33 -8.57 -31.74 -60.46
N LEU C 34 -9.18 -31.44 -59.31
CA LEU C 34 -8.45 -30.81 -58.22
C LEU C 34 -7.30 -31.68 -57.75
N LYS C 35 -7.54 -32.98 -57.59
CA LYS C 35 -6.48 -33.87 -57.15
C LYS C 35 -5.34 -33.90 -58.15
N LEU C 36 -5.66 -33.99 -59.45
CA LEU C 36 -4.61 -34.01 -60.46
C LEU C 36 -3.80 -32.72 -60.47
N TYR C 37 -4.50 -31.58 -60.44
CA TYR C 37 -3.81 -30.28 -60.46
C TYR C 37 -2.90 -30.11 -59.25
N TYR C 38 -3.44 -30.33 -58.05
CA TYR C 38 -2.63 -30.15 -56.86
C TYR C 38 -1.63 -31.28 -56.63
N ARG C 39 -1.74 -32.38 -57.37
CA ARG C 39 -0.65 -33.36 -57.39
C ARG C 39 0.51 -32.92 -58.27
N ARG C 40 0.22 -32.36 -59.46
CA ARG C 40 1.27 -32.17 -60.45
C ARG C 40 1.61 -30.71 -60.75
N LEU C 41 0.63 -29.86 -61.03
CA LEU C 41 0.88 -28.60 -61.71
C LEU C 41 1.00 -27.38 -60.81
N PHE C 42 0.52 -27.45 -59.56
CA PHE C 42 0.51 -26.26 -58.71
C PHE C 42 1.94 -25.82 -58.38
N PRO C 43 2.23 -24.52 -58.44
CA PRO C 43 3.56 -23.97 -58.13
C PRO C 43 3.78 -23.83 -56.63
N TYR C 44 3.89 -24.97 -55.96
CA TYR C 44 3.96 -25.01 -54.51
C TYR C 44 5.16 -24.26 -53.96
N SER C 45 6.36 -24.64 -54.40
CA SER C 45 7.57 -24.04 -53.83
C SER C 45 7.75 -22.61 -54.31
N GLN C 46 7.18 -22.28 -55.48
CA GLN C 46 7.20 -20.90 -55.96
C GLN C 46 6.36 -20.02 -55.04
N TYR C 47 5.15 -20.48 -54.72
CA TYR C 47 4.32 -19.81 -53.73
C TYR C 47 5.00 -19.80 -52.37
N TYR C 48 5.81 -20.83 -52.09
CA TYR C 48 6.56 -20.90 -50.84
C TYR C 48 7.54 -19.74 -50.74
N ARG C 49 8.33 -19.49 -51.79
CA ARG C 49 9.16 -18.28 -51.74
C ARG C 49 8.30 -17.04 -51.63
N TRP C 50 7.17 -17.01 -52.36
CA TRP C 50 6.35 -15.80 -52.38
C TRP C 50 5.92 -15.40 -50.97
N LEU C 51 5.43 -16.35 -50.18
CA LEU C 51 5.06 -16.01 -48.80
C LEU C 51 6.20 -16.11 -47.80
N ASN C 52 7.34 -16.71 -48.16
CA ASN C 52 8.48 -16.74 -47.26
C ASN C 52 9.25 -15.43 -47.26
N TYR C 53 9.31 -14.76 -48.43
CA TYR C 53 9.99 -13.48 -48.56
C TYR C 53 11.44 -13.57 -48.11
N GLY C 54 12.11 -14.65 -48.48
CA GLY C 54 13.51 -14.85 -48.14
C GLY C 54 13.76 -15.32 -46.73
N GLY C 55 12.71 -15.55 -45.94
CA GLY C 55 12.91 -15.95 -44.55
C GLY C 55 13.65 -14.92 -43.72
N VAL C 56 13.47 -13.64 -44.03
CA VAL C 56 14.18 -12.58 -43.31
C VAL C 56 13.76 -12.56 -41.85
N ILE C 57 12.45 -12.66 -41.59
CA ILE C 57 11.93 -12.68 -40.23
C ILE C 57 12.15 -14.07 -39.66
N LYS C 58 12.12 -14.18 -38.33
CA LYS C 58 12.48 -15.43 -37.67
C LYS C 58 11.53 -16.57 -38.04
N ASN C 59 10.22 -16.34 -37.95
CA ASN C 59 9.23 -17.36 -38.24
C ASN C 59 8.07 -16.77 -39.05
N TYR C 60 8.39 -15.95 -40.05
CA TYR C 60 7.35 -15.24 -40.78
C TYR C 60 6.45 -16.21 -41.53
N PHE C 61 7.00 -17.30 -42.04
CA PHE C 61 6.22 -18.33 -42.71
C PHE C 61 5.63 -19.35 -41.74
N GLN C 62 6.27 -19.53 -40.58
CA GLN C 62 5.74 -20.47 -39.59
C GLN C 62 4.49 -19.92 -38.91
N HIS C 63 4.34 -18.60 -38.85
CA HIS C 63 3.12 -17.98 -38.37
C HIS C 63 2.18 -17.55 -39.50
N ARG C 64 2.54 -17.86 -40.75
CA ARG C 64 1.68 -17.58 -41.89
C ARG C 64 0.35 -18.30 -41.73
N GLU C 65 -0.75 -17.61 -42.03
CA GLU C 65 -2.07 -18.19 -41.90
C GLU C 65 -2.58 -18.69 -43.25
N PHE C 66 -3.13 -19.89 -43.24
CA PHE C 66 -3.75 -20.50 -44.41
C PHE C 66 -5.18 -20.88 -44.04
N SER C 67 -6.10 -20.71 -44.99
CA SER C 67 -7.50 -21.05 -44.78
C SER C 67 -8.00 -21.85 -45.97
N PHE C 68 -8.73 -22.92 -45.70
CA PHE C 68 -9.15 -23.86 -46.71
C PHE C 68 -10.64 -24.15 -46.60
N THR C 69 -11.23 -24.55 -47.72
CA THR C 69 -12.62 -25.00 -47.79
C THR C 69 -12.63 -26.42 -48.32
N LEU C 70 -12.91 -27.38 -47.44
CA LEU C 70 -12.80 -28.80 -47.78
C LEU C 70 -14.10 -29.28 -48.46
N LYS C 71 -14.22 -30.59 -48.61
CA LYS C 71 -15.38 -31.17 -49.27
C LYS C 71 -16.63 -30.96 -48.43
N ASP C 72 -17.79 -31.08 -49.08
CA ASP C 72 -19.10 -30.97 -48.44
C ASP C 72 -19.28 -29.61 -47.76
N ASP C 73 -18.70 -28.57 -48.34
CA ASP C 73 -18.81 -27.20 -47.83
C ASP C 73 -18.29 -27.06 -46.40
N ILE C 74 -17.35 -27.92 -45.99
CA ILE C 74 -16.79 -27.85 -44.66
C ILE C 74 -15.68 -26.81 -44.63
N TYR C 75 -15.76 -25.89 -43.67
CA TYR C 75 -14.81 -24.79 -43.56
C TYR C 75 -13.96 -24.97 -42.31
N ILE C 76 -12.64 -24.93 -42.49
CA ILE C 76 -11.69 -24.95 -41.38
C ILE C 76 -10.71 -23.81 -41.61
N ARG C 77 -10.34 -23.12 -40.53
CA ARG C 77 -9.69 -21.83 -40.63
C ARG C 77 -8.21 -21.83 -40.25
N TYR C 78 -7.87 -22.34 -39.07
CA TYR C 78 -6.54 -22.10 -38.49
C TYR C 78 -5.60 -23.24 -38.86
N GLN C 79 -4.70 -22.96 -39.79
CA GLN C 79 -3.59 -23.85 -40.13
C GLN C 79 -2.28 -23.08 -40.21
N SER C 80 -1.23 -23.67 -39.64
CA SER C 80 0.13 -23.17 -39.81
C SER C 80 1.01 -24.32 -40.28
N PHE C 81 2.01 -23.99 -41.09
CA PHE C 81 2.84 -24.99 -41.76
C PHE C 81 4.31 -24.64 -41.54
N ASN C 82 5.14 -25.67 -41.61
CA ASN C 82 6.57 -25.51 -41.33
C ASN C 82 7.42 -25.46 -42.60
N ASN C 83 7.04 -26.19 -43.64
CA ASN C 83 7.88 -26.22 -44.84
C ASN C 83 7.05 -26.67 -46.04
N GLN C 84 7.72 -26.70 -47.20
CA GLN C 84 7.08 -27.12 -48.43
C GLN C 84 6.61 -28.56 -48.36
N SER C 85 7.29 -29.41 -47.59
CA SER C 85 6.84 -30.78 -47.42
C SER C 85 5.46 -30.82 -46.78
N ASP C 86 5.27 -30.06 -45.71
CA ASP C 86 3.96 -29.99 -45.07
C ASP C 86 2.93 -29.37 -46.01
N LEU C 87 3.33 -28.33 -46.76
CA LEU C 87 2.41 -27.75 -47.73
C LEU C 87 1.94 -28.79 -48.74
N GLU C 88 2.88 -29.53 -49.33
CA GLU C 88 2.56 -30.57 -50.30
C GLU C 88 1.62 -31.60 -49.69
N LYS C 89 1.96 -32.10 -48.50
CA LYS C 89 1.19 -33.20 -47.91
C LYS C 89 -0.23 -32.74 -47.57
N GLU C 90 -0.37 -31.56 -46.97
CA GLU C 90 -1.70 -31.09 -46.59
C GLU C 90 -2.52 -30.71 -47.81
N MET C 91 -1.88 -30.22 -48.86
CA MET C 91 -2.62 -29.84 -50.06
C MET C 91 -3.09 -31.07 -50.82
N GLN C 92 -2.23 -32.08 -50.97
CA GLN C 92 -2.61 -33.29 -51.69
C GLN C 92 -3.39 -34.28 -50.84
N LYS C 93 -3.53 -34.03 -49.54
CA LYS C 93 -4.25 -34.95 -48.67
C LYS C 93 -5.75 -34.68 -48.65
N MET C 94 -6.15 -33.42 -48.53
CA MET C 94 -7.56 -33.08 -48.41
C MET C 94 -8.16 -32.44 -49.66
N ASN C 95 -7.34 -31.77 -50.46
CA ASN C 95 -7.75 -31.15 -51.72
C ASN C 95 -8.91 -30.17 -51.52
N PRO C 96 -8.67 -29.05 -50.85
CA PRO C 96 -9.76 -28.07 -50.65
C PRO C 96 -10.20 -27.44 -51.96
N TYR C 97 -11.49 -27.12 -52.03
CA TYR C 97 -12.02 -26.39 -53.18
C TYR C 97 -11.45 -24.97 -53.23
N LYS C 98 -11.35 -24.31 -52.08
CA LYS C 98 -10.93 -22.92 -52.00
C LYS C 98 -9.71 -22.79 -51.11
N ILE C 99 -8.82 -21.87 -51.48
CA ILE C 99 -7.62 -21.58 -50.72
C ILE C 99 -7.66 -20.11 -50.31
N ASP C 100 -7.51 -19.87 -49.00
CA ASP C 100 -7.74 -18.55 -48.43
C ASP C 100 -6.59 -18.21 -47.49
N ILE C 101 -6.32 -16.91 -47.34
CA ILE C 101 -5.11 -16.41 -46.69
C ILE C 101 -5.51 -15.53 -45.52
N GLY C 102 -4.85 -15.72 -44.39
CA GLY C 102 -5.01 -14.88 -43.21
C GLY C 102 -3.90 -13.88 -43.03
N ALA C 103 -3.36 -13.83 -41.82
CA ALA C 103 -2.29 -12.90 -41.46
C ALA C 103 -1.17 -13.66 -40.75
N VAL C 104 -0.22 -12.92 -40.21
CA VAL C 104 0.91 -13.48 -39.48
C VAL C 104 0.90 -12.91 -38.07
N TYR C 105 0.86 -13.79 -37.08
CA TYR C 105 0.66 -13.42 -35.69
C TYR C 105 1.95 -13.64 -34.89
N SER C 106 1.86 -13.41 -33.57
CA SER C 106 3.03 -13.60 -32.72
C SER C 106 3.43 -15.06 -32.60
N HIS C 107 2.45 -15.95 -32.45
CA HIS C 107 2.72 -17.38 -32.30
C HIS C 107 2.04 -18.13 -33.44
N ARG C 108 2.16 -19.45 -33.41
CA ARG C 108 1.66 -20.26 -34.50
C ARG C 108 0.13 -20.33 -34.46
N PRO C 109 -0.56 -19.95 -35.53
CA PRO C 109 -2.03 -20.00 -35.52
C PRO C 109 -2.61 -21.38 -35.30
N ASN C 110 -1.93 -22.44 -35.77
CA ASN C 110 -2.47 -23.78 -35.59
C ASN C 110 -2.48 -24.21 -34.13
N GLN C 111 -1.70 -23.56 -33.27
CA GLN C 111 -1.72 -23.79 -31.83
C GLN C 111 -2.12 -22.53 -31.07
N HIS C 112 -2.71 -21.56 -31.78
CA HIS C 112 -3.17 -20.32 -31.16
C HIS C 112 -3.89 -20.55 -29.84
N ASN C 113 -4.67 -21.63 -29.74
CA ASN C 113 -5.38 -21.92 -28.50
C ASN C 113 -4.42 -22.31 -27.39
N THR C 114 -3.24 -22.82 -27.75
CA THR C 114 -2.26 -23.23 -26.74
C THR C 114 -1.68 -21.99 -26.05
N VAL C 115 -1.67 -20.85 -26.72
CA VAL C 115 -1.19 -19.61 -26.11
C VAL C 115 -2.33 -18.96 -25.31
N LYS C 116 -1.94 -18.18 -24.31
CA LYS C 116 -2.89 -17.50 -23.45
C LYS C 116 -3.83 -16.60 -24.26
N LEU C 117 -5.09 -16.57 -23.84
CA LEU C 117 -6.09 -15.76 -24.50
C LEU C 117 -5.74 -14.28 -24.40
N GLY C 118 -6.05 -13.52 -25.44
CA GLY C 118 -5.76 -12.10 -25.48
C GLY C 118 -4.42 -11.79 -26.11
N ALA C 119 -3.42 -12.63 -25.85
CA ALA C 119 -2.10 -12.44 -26.44
C ALA C 119 -2.12 -12.61 -27.96
N PHE C 120 -3.15 -13.26 -28.50
CA PHE C 120 -3.24 -13.49 -29.93
C PHE C 120 -3.62 -12.19 -30.63
N GLN C 121 -2.70 -11.66 -31.42
CA GLN C 121 -2.90 -10.39 -32.10
C GLN C 121 -2.10 -10.39 -33.40
N ALA C 122 -2.69 -9.84 -34.44
CA ALA C 122 -1.99 -9.68 -35.71
C ALA C 122 -0.93 -8.59 -35.58
N GLN C 123 0.18 -8.79 -36.27
CA GLN C 123 1.27 -7.82 -36.24
C GLN C 123 1.70 -7.39 -37.63
N GLU C 124 1.58 -8.28 -38.63
CA GLU C 124 1.86 -7.94 -40.00
C GLU C 124 0.77 -8.53 -40.88
N LYS C 125 0.46 -7.84 -41.98
CA LYS C 125 -0.45 -8.38 -42.98
C LYS C 125 -0.35 -7.54 -44.24
N GLU C 126 -0.97 -8.05 -45.29
CA GLU C 126 -1.02 -7.45 -46.60
C GLU C 126 -2.09 -6.36 -46.67
N LEU C 127 -1.98 -5.52 -47.70
CA LEU C 127 -3.00 -4.56 -48.07
C LEU C 127 -3.57 -4.98 -49.41
N VAL C 128 -4.90 -5.07 -49.51
CA VAL C 128 -5.56 -5.62 -50.67
C VAL C 128 -6.66 -4.66 -51.13
N PHE C 129 -6.87 -4.64 -52.45
CA PHE C 129 -7.92 -3.82 -53.07
C PHE C 129 -8.76 -4.73 -53.95
N ASP C 130 -10.08 -4.58 -53.86
CA ASP C 130 -11.03 -5.42 -54.58
C ASP C 130 -11.94 -4.57 -55.45
N ILE C 131 -12.09 -4.96 -56.71
CA ILE C 131 -13.12 -4.44 -57.60
C ILE C 131 -13.83 -5.62 -58.23
N ASP C 132 -15.16 -5.64 -58.14
CA ASP C 132 -15.96 -6.78 -58.54
C ASP C 132 -17.14 -6.32 -59.38
N MET C 133 -17.68 -7.26 -60.17
CA MET C 133 -18.86 -6.96 -60.96
C MET C 133 -20.09 -6.72 -60.11
N THR C 134 -20.07 -7.14 -58.85
CA THR C 134 -21.15 -6.80 -57.93
C THR C 134 -21.19 -5.32 -57.61
N ASP C 135 -20.15 -4.57 -57.98
CA ASP C 135 -20.07 -3.15 -57.74
C ASP C 135 -20.60 -2.30 -58.89
N TYR C 136 -21.06 -2.94 -59.97
CA TYR C 136 -21.47 -2.21 -61.18
C TYR C 136 -22.79 -2.72 -61.72
N ASP C 137 -23.68 -3.21 -60.84
CA ASP C 137 -24.99 -3.64 -61.29
C ASP C 137 -25.79 -2.49 -61.89
N ASP C 138 -25.69 -1.30 -61.29
CA ASP C 138 -26.34 -0.11 -61.82
C ASP C 138 -25.57 0.55 -62.95
N VAL C 139 -24.38 0.05 -63.27
CA VAL C 139 -23.50 0.64 -64.26
C VAL C 139 -23.54 -0.11 -65.59
N ARG C 140 -23.27 -1.42 -65.55
CA ARG C 140 -23.19 -2.20 -66.77
C ARG C 140 -24.56 -2.38 -67.40
N ARG C 141 -24.65 -2.13 -68.71
CA ARG C 141 -25.83 -2.47 -69.51
C ARG C 141 -25.60 -3.71 -70.36
N CYS C 142 -24.63 -4.53 -70.00
CA CYS C 142 -24.20 -5.66 -70.81
C CYS C 142 -24.39 -7.01 -70.16
N CYS C 143 -24.21 -7.09 -68.84
CA CYS C 143 -24.19 -8.37 -68.14
C CYS C 143 -25.07 -8.29 -66.90
N SER C 144 -25.36 -9.46 -66.33
CA SER C 144 -26.11 -9.55 -65.09
C SER C 144 -25.16 -9.33 -63.91
N SER C 145 -25.64 -9.60 -62.70
CA SER C 145 -24.82 -9.39 -61.52
C SER C 145 -23.61 -10.32 -61.50
N ALA C 146 -23.80 -11.58 -61.87
CA ALA C 146 -22.77 -12.60 -61.77
C ALA C 146 -22.17 -12.98 -63.12
N ASP C 147 -22.32 -12.15 -64.14
CA ASP C 147 -21.82 -12.45 -65.47
C ASP C 147 -20.89 -11.34 -65.95
N ILE C 148 -19.95 -11.73 -66.82
CA ILE C 148 -18.95 -10.82 -67.35
C ILE C 148 -18.85 -11.01 -68.86
N CYS C 149 -18.19 -10.07 -69.52
CA CYS C 149 -17.91 -10.16 -70.94
C CYS C 149 -16.69 -9.30 -71.24
N PRO C 150 -15.95 -9.60 -72.31
CA PRO C 150 -14.83 -8.72 -72.69
C PRO C 150 -15.27 -7.31 -73.01
N LYS C 151 -16.47 -7.15 -73.58
CA LYS C 151 -16.99 -5.83 -73.90
C LYS C 151 -17.48 -5.09 -72.66
N CYS C 152 -17.56 -5.75 -71.50
CA CYS C 152 -17.70 -5.06 -70.22
C CYS C 152 -16.43 -5.07 -69.39
N TRP C 153 -15.34 -5.67 -69.89
CA TRP C 153 -14.06 -5.70 -69.20
C TRP C 153 -13.32 -4.37 -69.21
N THR C 154 -13.84 -3.37 -69.95
CA THR C 154 -13.17 -2.08 -70.01
C THR C 154 -13.12 -1.42 -68.63
N LEU C 155 -14.21 -1.53 -67.86
CA LEU C 155 -14.21 -0.98 -66.51
C LEU C 155 -13.13 -1.62 -65.66
N MET C 156 -12.99 -2.94 -65.75
CA MET C 156 -11.97 -3.62 -64.96
C MET C 156 -10.57 -3.17 -65.38
N THR C 157 -10.33 -3.06 -66.69
CA THR C 157 -9.01 -2.65 -67.18
C THR C 157 -8.67 -1.24 -66.70
N MET C 158 -9.60 -0.30 -66.83
CA MET C 158 -9.33 1.06 -66.40
C MET C 158 -9.13 1.13 -64.89
N ALA C 159 -9.91 0.35 -64.12
CA ALA C 159 -9.71 0.33 -62.67
C ALA C 159 -8.32 -0.18 -62.32
N ILE C 160 -7.88 -1.24 -62.99
CA ILE C 160 -6.53 -1.77 -62.75
C ILE C 160 -5.49 -0.70 -63.03
N ARG C 161 -5.62 -0.01 -64.18
CA ARG C 161 -4.61 0.98 -64.54
C ARG C 161 -4.60 2.16 -63.57
N ILE C 162 -5.78 2.60 -63.14
CA ILE C 162 -5.87 3.75 -62.23
C ILE C 162 -5.26 3.39 -60.87
N ILE C 163 -5.64 2.23 -60.32
CA ILE C 163 -5.07 1.82 -59.04
C ILE C 163 -3.57 1.63 -59.16
N ASP C 164 -3.13 1.07 -60.29
CA ASP C 164 -1.70 0.94 -60.57
C ASP C 164 -0.99 2.27 -60.45
N ARG C 165 -1.41 3.27 -61.21
CA ARG C 165 -0.70 4.55 -61.21
C ARG C 165 -0.77 5.18 -59.82
N ALA C 166 -1.94 5.11 -59.19
CA ALA C 166 -2.13 5.78 -57.91
C ALA C 166 -1.18 5.23 -56.86
N LEU C 167 -1.13 3.91 -56.70
CA LEU C 167 -0.25 3.34 -55.69
C LEU C 167 1.21 3.43 -56.10
N LYS C 168 1.51 3.43 -57.41
CA LYS C 168 2.91 3.42 -57.82
C LYS C 168 3.54 4.81 -57.73
N GLU C 169 2.76 5.89 -57.86
CA GLU C 169 3.33 7.23 -57.81
C GLU C 169 2.97 7.98 -56.52
N ASP C 170 1.70 7.92 -56.10
CA ASP C 170 1.29 8.68 -54.93
C ASP C 170 1.99 8.19 -53.67
N PHE C 171 2.04 6.86 -53.48
CA PHE C 171 2.70 6.28 -52.33
C PHE C 171 3.98 5.54 -52.68
N GLY C 172 4.35 5.48 -53.96
CA GLY C 172 5.55 4.78 -54.35
C GLY C 172 5.50 3.29 -54.10
N PHE C 173 4.32 2.69 -54.15
CA PHE C 173 4.18 1.26 -53.90
C PHE C 173 4.73 0.47 -55.08
N LYS C 174 5.95 -0.02 -54.94
CA LYS C 174 6.71 -0.62 -56.03
C LYS C 174 6.26 -2.04 -56.37
N HIS C 175 5.91 -2.85 -55.37
CA HIS C 175 5.57 -4.26 -55.61
C HIS C 175 4.05 -4.40 -55.57
N ARG C 176 3.42 -4.08 -56.68
CA ARG C 176 1.98 -4.17 -56.88
C ARG C 176 1.72 -5.43 -57.70
N LEU C 177 0.91 -6.34 -57.16
CA LEU C 177 0.54 -7.58 -57.85
C LEU C 177 -0.98 -7.72 -57.84
N TRP C 178 -1.59 -7.76 -59.02
CA TRP C 178 -2.99 -8.09 -59.15
C TRP C 178 -3.15 -9.56 -59.50
N VAL C 179 -4.14 -10.21 -58.86
CA VAL C 179 -4.51 -11.59 -59.13
C VAL C 179 -5.97 -11.66 -59.53
N TYR C 180 -6.25 -12.35 -60.62
CA TYR C 180 -7.61 -12.51 -61.12
C TYR C 180 -8.39 -13.45 -60.20
N SER C 181 -9.57 -13.00 -59.74
CA SER C 181 -10.38 -13.82 -58.85
C SER C 181 -10.86 -15.08 -59.53
N GLY C 182 -11.26 -14.97 -60.80
CA GLY C 182 -11.69 -16.14 -61.56
C GLY C 182 -12.99 -15.96 -62.32
N ARG C 183 -13.96 -15.25 -61.75
CA ARG C 183 -15.23 -15.05 -62.44
C ARG C 183 -15.55 -13.59 -62.70
N ARG C 184 -15.59 -12.74 -61.66
CA ARG C 184 -16.22 -11.43 -61.77
C ARG C 184 -15.40 -10.35 -61.09
N GLY C 185 -14.10 -10.57 -60.96
CA GLY C 185 -13.28 -9.57 -60.31
C GLY C 185 -11.84 -10.04 -60.21
N VAL C 186 -11.03 -9.22 -59.56
CA VAL C 186 -9.62 -9.51 -59.33
C VAL C 186 -9.24 -9.06 -57.93
N HIS C 187 -8.03 -9.41 -57.52
CA HIS C 187 -7.50 -9.03 -56.22
C HIS C 187 -6.09 -8.48 -56.41
N CYS C 188 -5.69 -7.54 -55.55
CA CYS C 188 -4.36 -6.96 -55.61
C CYS C 188 -3.53 -7.46 -54.44
N TRP C 189 -2.21 -7.29 -54.55
CA TRP C 189 -1.29 -7.81 -53.53
C TRP C 189 -0.05 -6.92 -53.57
N VAL C 190 -0.06 -5.84 -52.80
CA VAL C 190 1.04 -4.85 -52.82
C VAL C 190 1.98 -5.20 -51.67
N CYS C 191 3.10 -5.86 -52.01
CA CYS C 191 3.87 -6.62 -51.04
C CYS C 191 5.14 -5.92 -50.57
N ASP C 192 5.12 -4.60 -50.41
CA ASP C 192 6.25 -3.92 -49.80
C ASP C 192 6.29 -4.22 -48.30
N GLU C 193 7.50 -4.22 -47.73
CA GLU C 193 7.67 -4.55 -46.33
C GLU C 193 7.01 -3.51 -45.42
N SER C 194 7.27 -2.22 -45.69
CA SER C 194 6.63 -1.17 -44.91
C SER C 194 5.12 -1.22 -45.04
N VAL C 195 4.63 -1.65 -46.21
CA VAL C 195 3.19 -1.89 -46.36
C VAL C 195 2.75 -3.04 -45.45
N ARG C 196 3.56 -4.09 -45.39
CA ARG C 196 3.25 -5.25 -44.55
C ARG C 196 3.22 -4.89 -43.08
N LYS C 197 3.94 -3.84 -42.67
CA LYS C 197 3.96 -3.42 -41.28
C LYS C 197 3.08 -2.20 -41.02
N LEU C 198 2.19 -1.85 -41.95
CA LEU C 198 1.28 -0.74 -41.73
C LEU C 198 0.26 -1.07 -40.64
N SER C 199 -0.26 -0.04 -40.00
CA SER C 199 -1.28 -0.21 -38.97
C SER C 199 -2.68 -0.06 -39.54
N SER C 200 -3.67 -0.52 -38.77
CA SER C 200 -5.06 -0.45 -39.19
C SER C 200 -5.49 0.99 -39.48
N ALA C 201 -5.08 1.94 -38.64
CA ALA C 201 -5.40 3.33 -38.90
C ALA C 201 -4.77 3.81 -40.20
N VAL C 202 -3.54 3.38 -40.48
CA VAL C 202 -2.88 3.76 -41.72
C VAL C 202 -3.67 3.24 -42.92
N ARG C 203 -4.04 1.95 -42.89
CA ARG C 203 -4.76 1.39 -44.03
C ARG C 203 -6.12 2.04 -44.20
N SER C 204 -6.83 2.29 -43.09
CA SER C 204 -8.10 2.99 -43.18
C SER C 204 -7.91 4.36 -43.82
N GLY C 205 -7.11 5.22 -43.20
CA GLY C 205 -6.88 6.54 -43.75
C GLY C 205 -6.53 6.49 -45.24
N ILE C 206 -5.79 5.46 -45.65
CA ILE C 206 -5.49 5.30 -47.07
C ILE C 206 -6.75 4.98 -47.87
N VAL C 207 -7.61 4.08 -47.34
CA VAL C 207 -8.77 3.68 -48.14
C VAL C 207 -9.79 4.80 -48.27
N GLU C 208 -10.02 5.59 -47.22
CA GLU C 208 -10.80 6.82 -47.41
C GLU C 208 -10.06 7.84 -48.25
N TYR C 209 -8.72 7.83 -48.24
CA TYR C 209 -7.98 8.70 -49.15
C TYR C 209 -8.24 8.34 -50.61
N LEU C 210 -8.45 7.06 -50.89
CA LEU C 210 -8.70 6.58 -52.24
C LEU C 210 -10.17 6.39 -52.55
N SER C 211 -11.07 6.77 -51.64
CA SER C 211 -12.50 6.61 -51.84
C SER C 211 -13.07 7.90 -52.40
N LEU C 212 -13.77 7.81 -53.52
CA LEU C 212 -14.40 8.98 -54.13
C LEU C 212 -15.87 8.73 -54.38
N VAL C 213 -16.24 7.48 -54.63
CA VAL C 213 -17.63 7.10 -54.89
C VAL C 213 -18.30 6.87 -53.54
N LYS C 214 -19.43 7.55 -53.32
CA LYS C 214 -20.19 7.41 -52.09
C LYS C 214 -21.47 6.62 -52.40
N GLY C 215 -21.34 5.30 -52.34
CA GLY C 215 -22.47 4.42 -52.58
C GLY C 215 -23.50 4.47 -51.47
N GLY C 216 -24.64 5.09 -51.75
CA GLY C 216 -25.71 5.20 -50.78
C GLY C 216 -26.82 4.19 -51.04
N GLN C 217 -28.02 4.54 -50.59
CA GLN C 217 -29.19 3.70 -50.83
C GLN C 217 -29.70 3.88 -52.26
N ASP C 218 -28.85 3.54 -53.23
CA ASP C 218 -29.15 3.71 -54.65
C ASP C 218 -29.48 5.16 -54.98
N VAL C 219 -28.69 6.07 -54.41
CA VAL C 219 -28.84 7.49 -54.67
C VAL C 219 -28.46 7.76 -56.12
N LYS C 220 -29.20 8.68 -56.76
CA LYS C 220 -28.94 9.00 -58.17
C LYS C 220 -27.54 9.55 -58.35
N LYS C 221 -27.12 10.46 -57.48
CA LYS C 221 -25.80 11.07 -57.56
C LYS C 221 -24.91 10.48 -56.48
N LYS C 222 -23.76 9.93 -56.88
CA LYS C 222 -22.82 9.32 -55.95
C LYS C 222 -21.40 9.85 -56.09
N VAL C 223 -21.19 10.92 -56.86
CA VAL C 223 -19.88 11.53 -57.01
C VAL C 223 -20.09 13.04 -57.11
N HIS C 224 -19.45 13.81 -56.23
CA HIS C 224 -19.48 15.26 -56.27
C HIS C 224 -18.10 15.81 -55.98
N LEU C 225 -17.76 16.93 -56.63
CA LEU C 225 -16.45 17.53 -56.52
C LEU C 225 -16.58 19.01 -56.15
N SER C 226 -15.42 19.64 -55.94
CA SER C 226 -15.31 21.06 -55.70
C SER C 226 -14.64 21.74 -56.89
N GLU C 227 -14.43 23.05 -56.77
CA GLU C 227 -13.78 23.80 -57.85
C GLU C 227 -12.32 23.38 -58.00
N LYS C 228 -11.61 23.22 -56.89
CA LYS C 228 -10.22 22.79 -56.94
C LYS C 228 -10.14 21.29 -57.21
N ILE C 229 -9.28 20.91 -58.14
CA ILE C 229 -9.16 19.52 -58.58
C ILE C 229 -7.84 18.96 -58.08
N HIS C 230 -7.90 17.78 -57.46
CA HIS C 230 -6.71 17.12 -56.97
C HIS C 230 -5.99 16.43 -58.14
N PRO C 231 -4.66 16.49 -58.18
CA PRO C 231 -3.92 15.74 -59.22
C PRO C 231 -4.28 14.26 -59.29
N PHE C 232 -4.61 13.66 -58.15
CA PHE C 232 -5.11 12.28 -58.14
C PHE C 232 -6.28 12.11 -59.11
N ILE C 233 -7.35 12.87 -58.90
CA ILE C 233 -8.54 12.74 -59.74
C ILE C 233 -8.23 13.17 -61.17
N ARG C 234 -7.39 14.20 -61.34
CA ARG C 234 -7.05 14.66 -62.67
C ARG C 234 -6.38 13.54 -63.48
N LYS C 235 -5.36 12.90 -62.90
CA LYS C 235 -4.67 11.81 -63.58
C LYS C 235 -5.60 10.63 -63.81
N SER C 236 -6.45 10.31 -62.83
CA SER C 236 -7.40 9.21 -63.01
C SER C 236 -8.29 9.46 -64.22
N ILE C 237 -8.85 10.66 -64.32
CA ILE C 237 -9.75 10.95 -65.42
C ILE C 237 -8.97 10.97 -66.75
N ASN C 238 -7.74 11.50 -66.73
CA ASN C 238 -6.92 11.48 -67.92
C ASN C 238 -6.72 10.06 -68.44
N ILE C 239 -6.55 9.11 -67.53
CA ILE C 239 -6.51 7.71 -67.93
C ILE C 239 -7.87 7.29 -68.50
N ILE C 240 -8.96 7.69 -67.83
CA ILE C 240 -10.28 7.18 -68.18
C ILE C 240 -10.69 7.60 -69.58
N LYS C 241 -10.34 8.83 -69.98
CA LYS C 241 -10.86 9.38 -71.24
C LYS C 241 -10.45 8.54 -72.44
N LYS C 242 -9.41 7.72 -72.29
CA LYS C 242 -9.03 6.79 -73.36
C LYS C 242 -10.06 5.67 -73.54
N TYR C 243 -11.02 5.54 -72.62
CA TYR C 243 -11.93 4.41 -72.61
C TYR C 243 -13.41 4.78 -72.63
N PHE C 244 -13.76 6.04 -72.33
CA PHE C 244 -15.17 6.40 -72.22
C PHE C 244 -15.89 6.22 -73.55
N GLU C 245 -15.33 6.78 -74.62
CA GLU C 245 -15.94 6.66 -75.93
C GLU C 245 -16.03 5.20 -76.38
N GLU C 246 -14.97 4.43 -76.15
CA GLU C 246 -14.95 3.04 -76.58
C GLU C 246 -15.99 2.20 -75.83
N TYR C 247 -16.15 2.42 -74.53
CA TYR C 247 -16.95 1.54 -73.69
C TYR C 247 -18.36 2.06 -73.46
N ALA C 248 -18.49 3.25 -72.87
CA ALA C 248 -19.81 3.73 -72.45
C ALA C 248 -20.68 4.04 -73.65
N LEU C 249 -20.08 4.49 -74.75
CA LEU C 249 -20.82 5.00 -75.88
C LEU C 249 -20.81 4.06 -77.09
N VAL C 250 -19.94 3.05 -77.10
CA VAL C 250 -19.85 2.13 -78.22
C VAL C 250 -20.10 0.70 -77.72
N ASN C 251 -19.32 0.28 -76.72
CA ASN C 251 -19.52 -1.04 -76.13
C ASN C 251 -20.84 -1.13 -75.39
N GLN C 252 -21.21 -0.07 -74.66
CA GLN C 252 -22.47 -0.03 -73.94
C GLN C 252 -23.53 0.82 -74.63
N ASP C 253 -23.14 1.90 -75.30
CA ASP C 253 -24.06 2.78 -76.01
C ASP C 253 -25.16 3.28 -75.08
N ILE C 254 -24.74 3.96 -74.02
CA ILE C 254 -25.63 4.32 -72.92
C ILE C 254 -26.69 5.34 -73.30
N LEU C 255 -26.66 5.86 -74.52
CA LEU C 255 -27.64 6.84 -74.95
C LEU C 255 -28.45 6.33 -76.13
N GLU C 256 -28.90 5.08 -76.05
CA GLU C 256 -29.70 4.48 -77.12
C GLU C 256 -31.20 4.62 -76.92
N ASN C 257 -31.66 4.63 -75.67
CA ASN C 257 -33.10 4.70 -75.39
C ASN C 257 -33.36 5.74 -74.32
N LYS C 258 -34.63 6.15 -74.22
CA LYS C 258 -35.04 7.10 -73.20
C LYS C 258 -34.72 6.57 -71.81
N GLU C 259 -35.01 5.30 -71.56
CA GLU C 259 -34.61 4.68 -70.30
C GLU C 259 -33.08 4.65 -70.17
N SER C 260 -32.38 4.43 -71.28
CA SER C 260 -30.93 4.33 -71.23
C SER C 260 -30.29 5.62 -70.75
N TRP C 261 -30.76 6.76 -71.25
CA TRP C 261 -30.19 8.04 -70.85
C TRP C 261 -30.95 8.73 -69.72
N ASP C 262 -32.05 8.14 -69.23
CA ASP C 262 -32.73 8.72 -68.09
C ASP C 262 -31.88 8.59 -66.82
N LYS C 263 -31.06 7.55 -66.74
CA LYS C 263 -30.14 7.42 -65.62
C LYS C 263 -29.16 8.59 -65.59
N ILE C 264 -28.65 9.00 -66.75
CA ILE C 264 -27.76 10.16 -66.80
C ILE C 264 -28.54 11.45 -66.52
N LEU C 265 -29.76 11.55 -67.07
CA LEU C 265 -30.58 12.74 -66.81
C LEU C 265 -30.87 12.89 -65.32
N ALA C 266 -30.96 11.79 -64.59
CA ALA C 266 -31.16 11.86 -63.15
C ALA C 266 -30.03 12.59 -62.44
N LEU C 267 -28.81 12.51 -62.97
CA LEU C 267 -27.68 13.27 -62.45
C LEU C 267 -27.65 14.68 -63.02
N VAL C 268 -28.00 14.83 -64.28
CA VAL C 268 -28.00 16.15 -64.93
C VAL C 268 -29.08 17.02 -64.30
N PRO C 269 -28.83 18.31 -64.07
CA PRO C 269 -29.87 19.19 -63.52
C PRO C 269 -31.09 19.26 -64.44
N GLU C 270 -32.27 19.44 -63.83
CA GLU C 270 -33.52 19.36 -64.56
C GLU C 270 -33.63 20.45 -65.64
N THR C 271 -32.98 21.59 -65.43
CA THR C 271 -33.04 22.66 -66.44
C THR C 271 -32.40 22.23 -67.75
N ILE C 272 -31.55 21.20 -67.73
CA ILE C 272 -30.92 20.69 -68.93
C ILE C 272 -31.66 19.50 -69.52
N HIS C 273 -32.65 18.95 -68.81
CA HIS C 273 -33.31 17.73 -69.24
C HIS C 273 -34.03 17.91 -70.57
N ASP C 274 -34.75 19.02 -70.74
CA ASP C 274 -35.50 19.22 -71.97
C ASP C 274 -34.58 19.35 -73.18
N GLU C 275 -33.50 20.14 -73.04
CA GLU C 275 -32.58 20.31 -74.15
C GLU C 275 -31.87 19.00 -74.47
N LEU C 276 -31.48 18.24 -73.44
CA LEU C 276 -30.87 16.94 -73.70
C LEU C 276 -31.85 16.00 -74.40
N GLN C 277 -33.11 16.02 -73.99
CA GLN C 277 -34.11 15.15 -74.61
C GLN C 277 -34.30 15.49 -76.07
N GLN C 278 -34.42 16.79 -76.39
CA GLN C 278 -34.61 17.16 -77.78
C GLN C 278 -33.36 16.87 -78.61
N SER C 279 -32.17 17.07 -78.04
CA SER C 279 -30.94 16.77 -78.76
C SER C 279 -30.82 15.27 -79.03
N PHE C 280 -31.22 14.44 -78.06
CA PHE C 280 -31.12 13.00 -78.23
C PHE C 280 -32.17 12.47 -79.20
N GLN C 281 -33.38 13.05 -79.19
CA GLN C 281 -34.38 12.67 -80.18
C GLN C 281 -33.94 13.07 -81.59
N LYS C 282 -33.38 14.27 -81.74
CA LYS C 282 -32.91 14.67 -83.07
C LYS C 282 -31.63 13.96 -83.49
N SER C 283 -30.97 13.26 -82.57
CA SER C 283 -29.80 12.46 -82.89
C SER C 283 -30.21 10.99 -83.02
N HIS C 284 -29.22 10.15 -83.38
CA HIS C 284 -29.49 8.75 -83.62
C HIS C 284 -28.46 7.81 -83.00
N ASN C 285 -27.45 8.31 -82.30
CA ASN C 285 -26.41 7.44 -81.75
C ASN C 285 -25.87 8.04 -80.47
N SER C 286 -25.28 7.18 -79.65
CA SER C 286 -24.76 7.62 -78.35
C SER C 286 -23.62 8.60 -78.51
N LEU C 287 -22.80 8.44 -79.56
CA LEU C 287 -21.70 9.37 -79.78
C LEU C 287 -22.21 10.77 -80.06
N GLN C 288 -23.18 10.89 -80.98
CA GLN C 288 -23.76 12.20 -81.29
C GLN C 288 -24.47 12.79 -80.08
N ARG C 289 -25.23 11.96 -79.35
CA ARG C 289 -25.94 12.46 -78.19
C ARG C 289 -24.96 12.90 -77.10
N TRP C 290 -23.85 12.20 -76.94
CA TRP C 290 -22.86 12.57 -75.93
C TRP C 290 -22.12 13.84 -76.32
N GLU C 291 -21.83 14.04 -77.61
CA GLU C 291 -21.19 15.28 -78.00
C GLU C 291 -22.14 16.47 -77.86
N HIS C 292 -23.43 16.28 -78.15
CA HIS C 292 -24.41 17.31 -77.85
C HIS C 292 -24.48 17.59 -76.36
N LEU C 293 -24.45 16.54 -75.54
CA LEU C 293 -24.41 16.69 -74.10
C LEU C 293 -23.17 17.47 -73.67
N LYS C 294 -22.03 17.21 -74.30
CA LYS C 294 -20.82 17.94 -73.98
C LYS C 294 -20.96 19.42 -74.30
N LYS C 295 -21.54 19.73 -75.46
CA LYS C 295 -21.75 21.13 -75.81
C LYS C 295 -22.64 21.82 -74.79
N VAL C 296 -23.77 21.20 -74.45
CA VAL C 296 -24.71 21.82 -73.52
C VAL C 296 -24.09 21.93 -72.14
N ALA C 297 -23.32 20.93 -71.72
CA ALA C 297 -22.65 20.99 -70.42
C ALA C 297 -21.62 22.10 -70.39
N SER C 298 -20.89 22.30 -71.49
CA SER C 298 -19.95 23.41 -71.56
C SER C 298 -20.66 24.74 -71.46
N ARG C 299 -21.82 24.88 -72.13
CA ARG C 299 -22.60 26.10 -72.00
C ARG C 299 -23.05 26.30 -70.55
N TYR C 300 -23.48 25.23 -69.89
CA TYR C 300 -23.90 25.34 -68.50
C TYR C 300 -22.75 25.74 -67.59
N GLN C 301 -21.56 25.19 -67.83
CA GLN C 301 -20.39 25.56 -67.04
C GLN C 301 -20.04 27.03 -67.25
N ASN C 302 -20.11 27.51 -68.49
CA ASN C 302 -19.84 28.91 -68.77
C ASN C 302 -20.87 29.81 -68.07
N ASN C 303 -22.14 29.41 -68.10
CA ASN C 303 -23.18 30.21 -67.45
C ASN C 303 -22.99 30.23 -65.93
N ILE C 304 -22.66 29.09 -65.33
CA ILE C 304 -22.50 28.98 -63.89
C ILE C 304 -21.02 29.05 -63.52
N GLY C 310 -16.88 25.03 -63.31
CA GLY C 310 -17.85 24.89 -62.24
C GLY C 310 -17.94 23.51 -61.65
N PRO C 311 -19.15 22.96 -61.59
CA PRO C 311 -19.32 21.60 -61.03
C PRO C 311 -18.66 20.49 -61.85
N TRP C 312 -18.35 20.74 -63.13
CA TRP C 312 -17.74 19.74 -64.00
C TRP C 312 -18.64 18.51 -64.20
N LEU C 313 -19.84 18.77 -64.71
CA LEU C 313 -20.84 17.72 -64.87
C LEU C 313 -20.31 16.53 -65.66
N GLU C 314 -19.69 16.80 -66.80
CA GLU C 314 -19.12 15.75 -67.63
C GLU C 314 -18.17 14.89 -66.82
N TRP C 315 -17.62 15.47 -65.77
CA TRP C 315 -16.55 14.88 -64.97
C TRP C 315 -17.11 14.00 -63.87
N GLU C 316 -18.09 14.49 -63.08
CA GLU C 316 -18.61 13.58 -62.05
C GLU C 316 -19.45 12.47 -62.65
N ILE C 317 -20.15 12.70 -63.78
CA ILE C 317 -20.94 11.60 -64.33
C ILE C 317 -20.03 10.44 -64.72
N MET C 318 -18.92 10.74 -65.40
CA MET C 318 -17.98 9.70 -65.79
C MET C 318 -17.28 9.08 -64.58
N LEU C 319 -17.02 9.87 -63.54
CA LEU C 319 -16.49 9.30 -62.30
C LEU C 319 -17.46 8.30 -61.69
N GLN C 320 -18.75 8.64 -61.63
CA GLN C 320 -19.73 7.73 -61.08
C GLN C 320 -19.94 6.50 -61.95
N TYR C 321 -19.71 6.62 -63.25
CA TYR C 321 -19.91 5.48 -64.15
C TYR C 321 -18.69 4.57 -64.27
N CYS C 322 -17.49 5.07 -63.98
CA CYS C 322 -16.28 4.30 -64.23
C CYS C 322 -15.37 4.12 -63.02
N PHE C 323 -15.34 5.06 -62.08
CA PHE C 323 -14.37 5.02 -60.99
C PHE C 323 -14.59 3.77 -60.14
N PRO C 324 -13.52 3.12 -59.68
CA PRO C 324 -13.69 1.88 -58.91
C PRO C 324 -14.47 2.12 -57.63
N ARG C 325 -15.31 1.15 -57.29
CA ARG C 325 -16.16 1.18 -56.10
C ARG C 325 -15.65 0.10 -55.17
N LEU C 326 -14.95 0.51 -54.12
CA LEU C 326 -14.20 -0.41 -53.28
C LEU C 326 -15.02 -0.86 -52.08
N ASP C 327 -14.56 -1.94 -51.44
CA ASP C 327 -15.12 -2.44 -50.21
C ASP C 327 -14.17 -2.15 -49.06
N ILE C 328 -14.68 -1.52 -48.00
CA ILE C 328 -13.83 -1.04 -46.92
C ILE C 328 -13.30 -2.20 -46.08
N ASN C 329 -14.14 -3.19 -45.80
CA ASN C 329 -13.83 -4.20 -44.78
C ASN C 329 -12.61 -5.04 -45.19
N VAL C 330 -12.56 -5.48 -46.44
CA VAL C 330 -11.49 -6.38 -46.87
C VAL C 330 -10.13 -5.72 -46.73
N SER C 331 -10.06 -4.41 -46.90
CA SER C 331 -8.80 -3.70 -46.75
C SER C 331 -8.52 -3.30 -45.30
N LYS C 332 -9.56 -2.95 -44.54
CA LYS C 332 -9.30 -2.43 -43.19
C LYS C 332 -9.03 -3.56 -42.20
N GLY C 333 -9.58 -4.76 -42.45
CA GLY C 333 -9.35 -5.88 -41.56
C GLY C 333 -7.90 -6.28 -41.44
N ILE C 334 -7.38 -6.35 -40.22
CA ILE C 334 -5.99 -6.75 -39.99
C ILE C 334 -5.90 -8.26 -40.01
N ASN C 335 -7.05 -8.93 -39.99
CA ASN C 335 -7.11 -10.39 -40.05
C ASN C 335 -8.22 -10.86 -40.98
N HIS C 336 -8.39 -10.21 -42.12
CA HIS C 336 -9.41 -10.60 -43.07
C HIS C 336 -8.90 -11.72 -43.97
N LEU C 337 -9.82 -12.37 -44.66
CA LEU C 337 -9.53 -13.57 -45.43
C LEU C 337 -9.93 -13.38 -46.89
N LEU C 338 -9.06 -13.83 -47.80
CA LEU C 338 -9.30 -13.64 -49.23
C LEU C 338 -8.64 -14.75 -50.02
N LYS C 339 -9.15 -14.95 -51.24
CA LYS C 339 -8.72 -16.07 -52.06
C LYS C 339 -7.25 -15.96 -52.45
N SER C 340 -6.54 -17.09 -52.38
CA SER C 340 -5.15 -17.15 -52.77
C SER C 340 -5.00 -17.23 -54.28
N PRO C 341 -3.83 -16.86 -54.81
CA PRO C 341 -3.59 -17.05 -56.24
C PRO C 341 -3.38 -18.50 -56.59
N PHE C 342 -3.47 -18.78 -57.90
CA PHE C 342 -3.23 -20.10 -58.49
C PHE C 342 -4.25 -21.14 -58.04
N SER C 343 -5.36 -20.70 -57.46
CA SER C 343 -6.44 -21.59 -57.06
C SER C 343 -7.38 -21.81 -58.25
N VAL C 344 -8.54 -22.39 -58.00
CA VAL C 344 -9.54 -22.65 -59.04
C VAL C 344 -10.87 -22.08 -58.56
N HIS C 345 -11.66 -21.57 -59.51
CA HIS C 345 -12.96 -21.02 -59.17
C HIS C 345 -13.98 -22.16 -59.06
N PRO C 346 -14.70 -22.29 -57.95
CA PRO C 346 -15.70 -23.36 -57.84
C PRO C 346 -16.77 -23.31 -58.91
N LYS C 347 -17.13 -22.12 -59.39
CA LYS C 347 -18.21 -22.00 -60.37
C LYS C 347 -17.69 -22.09 -61.80
N THR C 348 -16.71 -21.25 -62.14
CA THR C 348 -16.23 -21.18 -63.51
C THR C 348 -14.99 -22.03 -63.77
N GLY C 349 -14.22 -22.35 -62.75
CA GLY C 349 -13.04 -23.18 -62.90
C GLY C 349 -11.79 -22.47 -63.36
N ARG C 350 -11.86 -21.15 -63.57
CA ARG C 350 -10.67 -20.42 -64.02
C ARG C 350 -9.64 -20.37 -62.91
N ILE C 351 -8.37 -20.35 -63.30
CA ILE C 351 -7.27 -20.36 -62.34
C ILE C 351 -6.96 -18.93 -61.92
N SER C 352 -6.84 -18.72 -60.61
CA SER C 352 -6.58 -17.40 -60.03
C SER C 352 -5.11 -17.05 -60.27
N VAL C 353 -4.82 -16.61 -61.48
CA VAL C 353 -3.45 -16.28 -61.88
C VAL C 353 -3.20 -14.79 -61.69
N PRO C 354 -1.99 -14.38 -61.37
CA PRO C 354 -1.63 -12.97 -61.40
C PRO C 354 -2.04 -12.26 -62.69
N ILE C 355 -1.97 -10.95 -62.66
CA ILE C 355 -2.25 -10.12 -63.82
C ILE C 355 -0.95 -9.52 -64.33
N ASP C 356 -0.69 -9.70 -65.62
CA ASP C 356 0.52 -9.17 -66.24
C ASP C 356 0.40 -7.64 -66.30
N LEU C 357 1.30 -6.94 -65.61
CA LEU C 357 1.26 -5.50 -65.59
C LEU C 357 1.48 -4.89 -66.97
N GLN C 358 2.24 -5.57 -67.84
CA GLN C 358 2.47 -5.07 -69.19
C GLN C 358 1.28 -5.31 -70.12
N LYS C 359 0.52 -6.38 -69.89
CA LYS C 359 -0.62 -6.74 -70.75
C LYS C 359 -1.88 -6.59 -69.91
N VAL C 360 -2.48 -5.40 -69.95
CA VAL C 360 -3.71 -5.10 -69.21
C VAL C 360 -4.82 -4.66 -70.16
N ASP C 361 -4.50 -3.80 -71.12
CA ASP C 361 -5.49 -3.27 -72.03
C ASP C 361 -6.12 -4.35 -72.90
N GLN C 362 -5.38 -5.43 -73.19
CA GLN C 362 -5.88 -6.53 -74.01
C GLN C 362 -6.07 -7.81 -73.22
N PHE C 363 -5.96 -7.75 -71.89
CA PHE C 363 -6.16 -8.95 -71.07
C PHE C 363 -7.63 -9.37 -71.13
N ASP C 364 -7.86 -10.68 -71.14
CA ASP C 364 -9.20 -11.23 -71.25
C ASP C 364 -9.39 -12.32 -70.19
N PRO C 365 -10.55 -12.37 -69.55
CA PRO C 365 -10.78 -13.43 -68.55
C PRO C 365 -11.18 -14.77 -69.17
N PHE C 366 -11.68 -14.77 -70.40
CA PHE C 366 -12.13 -16.01 -71.03
C PHE C 366 -10.98 -16.81 -71.61
N THR C 367 -9.79 -16.24 -71.73
CA THR C 367 -8.60 -17.00 -72.09
C THR C 367 -7.84 -17.50 -70.87
N VAL C 368 -8.31 -17.18 -69.67
CA VAL C 368 -7.69 -17.70 -68.44
C VAL C 368 -7.84 -19.21 -68.42
N PRO C 369 -6.79 -19.97 -68.11
CA PRO C 369 -6.90 -21.43 -68.16
C PRO C 369 -7.93 -21.96 -67.17
N THR C 370 -8.64 -23.01 -67.59
CA THR C 370 -9.60 -23.70 -66.76
C THR C 370 -9.06 -25.09 -66.42
N ILE C 371 -9.44 -25.58 -65.24
CA ILE C 371 -8.84 -26.81 -64.71
C ILE C 371 -9.12 -27.98 -65.65
N SER C 372 -10.28 -27.98 -66.32
CA SER C 372 -10.59 -29.04 -67.28
C SER C 372 -9.59 -29.03 -68.44
N PHE C 373 -9.39 -27.87 -69.06
CA PHE C 373 -8.48 -27.77 -70.19
C PHE C 373 -7.06 -28.13 -69.78
N ILE C 374 -6.63 -27.66 -68.60
CA ILE C 374 -5.23 -27.88 -68.23
C ILE C 374 -5.02 -29.33 -67.80
N CYS C 375 -6.05 -29.99 -67.27
CA CYS C 375 -5.96 -31.42 -67.02
C CYS C 375 -5.91 -32.20 -68.33
N ARG C 376 -6.68 -31.78 -69.31
CA ARG C 376 -6.62 -32.42 -70.63
C ARG C 376 -5.24 -32.25 -71.26
N GLU C 377 -4.62 -31.08 -71.05
CA GLU C 377 -3.25 -30.89 -71.51
C GLU C 377 -2.29 -31.86 -70.83
N LEU C 378 -2.45 -32.03 -69.52
CA LEU C 378 -1.61 -33.00 -68.80
C LEU C 378 -1.93 -34.43 -69.22
N ASP C 379 -3.22 -34.74 -69.41
CA ASP C 379 -3.60 -36.07 -69.84
C ASP C 379 -3.13 -36.37 -71.27
N ALA C 380 -2.85 -35.33 -72.07
CA ALA C 380 -2.32 -35.50 -73.42
C ALA C 380 -0.80 -35.54 -73.46
N ILE C 381 -0.17 -35.89 -72.36
CA ILE C 381 1.30 -35.94 -72.29
C ILE C 381 1.76 -37.37 -72.06
N ARG C 400 12.24 -30.73 -60.37
CA ARG C 400 12.29 -30.87 -61.82
C ARG C 400 10.88 -30.87 -62.41
N THR C 401 9.88 -30.88 -61.55
CA THR C 401 8.48 -30.90 -61.99
C THR C 401 8.13 -29.54 -62.56
N ARG C 402 8.31 -29.38 -63.87
CA ARG C 402 8.05 -28.12 -64.56
C ARG C 402 7.00 -28.32 -65.65
N ASP C 403 6.05 -29.23 -65.43
CA ASP C 403 5.06 -29.57 -66.44
C ASP C 403 4.12 -28.41 -66.75
N TYR C 404 4.11 -27.36 -65.93
CA TYR C 404 3.32 -26.18 -66.25
C TYR C 404 3.76 -25.55 -67.57
N LYS C 405 5.02 -25.75 -67.96
CA LYS C 405 5.50 -25.21 -69.23
C LYS C 405 4.74 -25.83 -70.41
N LYS C 406 4.49 -27.13 -70.36
CA LYS C 406 3.65 -27.78 -71.35
C LYS C 406 2.17 -27.44 -71.18
N THR C 407 1.81 -26.79 -70.06
CA THR C 407 0.45 -26.41 -69.75
C THR C 407 0.23 -24.94 -70.12
N SER C 408 -1.04 -24.57 -70.31
CA SER C 408 -1.39 -23.19 -70.64
C SER C 408 -1.13 -22.21 -69.50
N LEU C 409 -0.85 -22.68 -68.29
CA LEU C 409 -0.49 -21.79 -67.20
C LEU C 409 0.84 -21.08 -67.44
N ALA C 410 1.64 -21.57 -68.38
CA ALA C 410 3.05 -21.19 -68.49
C ALA C 410 3.29 -19.68 -68.59
N PRO C 411 2.60 -18.92 -69.46
CA PRO C 411 2.88 -17.47 -69.50
C PRO C 411 2.61 -16.77 -68.18
N TYR C 412 1.50 -17.13 -67.51
CA TYR C 412 1.18 -16.52 -66.23
C TYR C 412 2.16 -16.96 -65.16
N VAL C 413 2.66 -18.20 -65.24
CA VAL C 413 3.71 -18.61 -64.32
C VAL C 413 4.93 -17.73 -64.50
N LYS C 414 5.39 -17.57 -65.75
CA LYS C 414 6.54 -16.69 -65.99
C LYS C 414 6.29 -15.28 -65.48
N VAL C 415 5.03 -14.82 -65.54
CA VAL C 415 4.67 -13.56 -64.89
C VAL C 415 4.95 -13.63 -63.40
N PHE C 416 4.63 -14.76 -62.78
CA PHE C 416 4.86 -14.91 -61.34
C PHE C 416 6.35 -14.94 -61.00
N GLU C 417 7.17 -15.65 -61.78
CA GLU C 417 8.62 -15.57 -61.53
C GLU C 417 9.15 -14.17 -61.80
N HIS C 418 8.59 -13.44 -62.76
CA HIS C 418 9.03 -12.06 -62.97
C HIS C 418 8.71 -11.20 -61.75
N PHE C 419 7.51 -11.34 -61.20
CA PHE C 419 7.15 -10.58 -60.00
C PHE C 419 8.07 -10.93 -58.85
N LEU C 420 8.32 -12.23 -58.63
CA LEU C 420 9.16 -12.61 -57.51
C LEU C 420 10.63 -12.27 -57.76
N GLU C 421 11.06 -12.17 -59.02
CA GLU C 421 12.38 -11.62 -59.30
C GLU C 421 12.46 -10.16 -58.89
N ASN C 422 11.41 -9.39 -59.16
CA ASN C 422 11.38 -8.02 -58.65
C ASN C 422 11.46 -7.99 -57.14
N LEU C 423 10.69 -8.86 -56.46
CA LEU C 423 10.73 -8.91 -55.00
C LEU C 423 12.12 -9.26 -54.49
N ASP C 424 12.76 -10.27 -55.10
CA ASP C 424 14.10 -10.66 -54.66
C ASP C 424 15.11 -9.55 -54.90
N LYS C 425 15.02 -8.87 -56.04
CA LYS C 425 15.94 -7.78 -56.32
C LYS C 425 15.79 -6.67 -55.29
N SER C 426 14.55 -6.29 -54.97
CA SER C 426 14.35 -5.22 -53.99
C SER C 426 14.81 -5.66 -52.60
N ARG C 427 14.52 -6.89 -52.21
CA ARG C 427 14.97 -7.37 -50.92
C ARG C 427 16.48 -7.33 -50.82
N LYS C 428 17.17 -7.90 -51.82
CA LYS C 428 18.62 -7.94 -51.79
C LYS C 428 19.20 -6.53 -51.78
N GLY C 429 18.66 -5.64 -52.61
CA GLY C 429 19.13 -4.27 -52.63
C GLY C 429 18.95 -3.56 -51.30
N GLU C 430 17.70 -3.29 -50.92
CA GLU C 430 17.44 -2.58 -49.68
C GLU C 430 17.84 -3.35 -48.43
N LEU C 431 18.42 -4.54 -48.55
CA LEU C 431 19.09 -5.18 -47.42
C LEU C 431 20.59 -4.92 -47.44
N LEU C 432 21.22 -5.02 -48.62
CA LEU C 432 22.67 -4.80 -48.71
C LEU C 432 23.05 -3.33 -48.60
N LYS C 433 22.19 -2.41 -49.04
CA LYS C 433 22.50 -0.99 -48.95
C LYS C 433 21.64 -0.32 -47.88
N TYR D 22 20.27 20.21 -21.35
CA TYR D 22 19.43 21.34 -21.71
C TYR D 22 19.93 22.01 -22.99
N PRO D 23 19.67 21.39 -24.14
CA PRO D 23 20.24 21.89 -25.39
C PRO D 23 19.45 22.98 -26.09
N HIS D 24 18.18 23.19 -25.74
CA HIS D 24 17.41 24.24 -26.39
C HIS D 24 16.28 24.68 -25.47
N CYS D 25 15.74 25.87 -25.76
CA CYS D 25 14.88 26.56 -24.80
C CYS D 25 13.55 25.83 -24.60
N LEU D 26 12.95 25.31 -25.66
CA LEU D 26 11.59 24.79 -25.55
C LEU D 26 11.58 23.44 -24.83
N GLN D 27 12.21 22.43 -25.43
CA GLN D 27 12.41 21.11 -24.83
C GLN D 27 11.10 20.33 -24.71
N PHE D 28 11.15 19.04 -25.03
CA PHE D 28 10.07 18.11 -24.71
C PHE D 28 10.45 17.34 -23.45
N TYR D 29 9.51 17.29 -22.50
CA TYR D 29 9.78 16.79 -21.16
C TYR D 29 9.53 15.28 -21.14
N LEU D 30 10.59 14.51 -21.45
CA LEU D 30 10.48 13.06 -21.40
C LEU D 30 11.74 12.41 -20.82
N GLN D 31 12.63 13.19 -20.21
CA GLN D 31 13.79 12.65 -19.49
C GLN D 31 13.84 13.29 -18.11
N PRO D 32 13.39 12.60 -17.07
CA PRO D 32 13.39 13.16 -15.72
C PRO D 32 14.81 13.50 -15.27
N PRO D 33 14.97 14.57 -14.49
CA PRO D 33 16.30 14.90 -13.98
C PRO D 33 16.73 13.95 -12.88
N SER D 34 18.04 13.86 -12.68
CA SER D 34 18.63 13.00 -11.66
C SER D 34 19.61 13.75 -10.76
N GLU D 35 19.41 15.05 -10.59
CA GLU D 35 20.33 15.87 -9.81
C GLU D 35 19.90 15.87 -8.33
N ASN D 36 20.58 16.69 -7.52
CA ASN D 36 20.27 16.84 -6.11
C ASN D 36 20.08 18.32 -5.81
N ILE D 37 18.94 18.65 -5.20
CA ILE D 37 18.59 20.04 -4.92
C ILE D 37 18.09 20.14 -3.49
N SER D 38 18.19 21.34 -2.92
CA SER D 38 17.75 21.56 -1.55
C SER D 38 16.22 21.67 -1.48
N LEU D 39 15.70 21.52 -0.25
CA LEU D 39 14.26 21.60 -0.06
C LEU D 39 13.73 22.99 -0.39
N ILE D 40 14.49 24.04 -0.04
CA ILE D 40 14.05 25.40 -0.31
C ILE D 40 13.96 25.65 -1.81
N GLU D 41 14.97 25.20 -2.56
CA GLU D 41 14.89 25.32 -4.01
C GLU D 41 13.74 24.48 -4.57
N PHE D 42 13.50 23.33 -3.95
CA PHE D 42 12.43 22.43 -4.40
C PHE D 42 11.08 23.12 -4.29
N GLU D 43 10.78 23.66 -3.11
CA GLU D 43 9.54 24.41 -2.92
C GLU D 43 9.49 25.67 -3.78
N ASN D 44 10.61 26.37 -3.96
CA ASN D 44 10.60 27.57 -4.78
C ASN D 44 10.20 27.23 -6.21
N LEU D 45 10.77 26.17 -6.77
CA LEU D 45 10.40 25.74 -8.12
C LEU D 45 8.94 25.32 -8.19
N ALA D 46 8.49 24.52 -7.22
CA ALA D 46 7.10 24.06 -7.24
C ALA D 46 6.14 25.25 -7.23
N ILE D 47 6.33 26.17 -6.30
CA ILE D 47 5.42 27.31 -6.17
C ILE D 47 5.51 28.21 -7.39
N ASP D 48 6.72 28.46 -7.90
CA ASP D 48 6.87 29.35 -9.04
C ASP D 48 6.16 28.79 -10.27
N ARG D 49 6.31 27.49 -10.53
CA ARG D 49 5.65 26.94 -11.72
C ARG D 49 4.15 26.84 -11.53
N VAL D 50 3.69 26.59 -10.30
CA VAL D 50 2.25 26.64 -10.05
C VAL D 50 1.71 28.04 -10.35
N LYS D 51 2.43 29.07 -9.90
CA LYS D 51 2.03 30.44 -10.19
C LYS D 51 1.99 30.71 -11.68
N LEU D 52 3.01 30.23 -12.40
CA LEU D 52 3.05 30.43 -13.84
C LEU D 52 1.87 29.79 -14.54
N LEU D 53 1.55 28.55 -14.18
CA LEU D 53 0.44 27.87 -14.85
C LEU D 53 -0.90 28.49 -14.49
N LYS D 54 -1.08 28.91 -13.24
CA LYS D 54 -2.32 29.58 -12.87
C LYS D 54 -2.48 30.90 -13.60
N SER D 55 -1.38 31.65 -13.74
CA SER D 55 -1.42 32.88 -14.52
C SER D 55 -1.77 32.61 -15.98
N VAL D 56 -1.20 31.54 -16.54
CA VAL D 56 -1.54 31.18 -17.93
C VAL D 56 -3.02 30.89 -18.04
N GLU D 57 -3.57 30.11 -17.11
CA GLU D 57 -5.00 29.82 -17.13
C GLU D 57 -5.83 31.09 -17.10
N ASN D 58 -5.55 31.95 -16.11
CA ASN D 58 -6.40 33.13 -15.93
C ASN D 58 -6.28 34.09 -17.11
N LEU D 59 -5.06 34.30 -17.61
CA LEU D 59 -4.87 35.19 -18.75
C LEU D 59 -5.52 34.65 -20.01
N GLY D 60 -5.39 33.35 -20.25
CA GLY D 60 -6.04 32.75 -21.40
C GLY D 60 -7.56 32.83 -21.32
N VAL D 61 -8.10 32.73 -20.09
CA VAL D 61 -9.54 32.89 -19.92
C VAL D 61 -9.95 34.32 -20.21
N SER D 62 -9.24 35.29 -19.64
CA SER D 62 -9.62 36.69 -19.80
C SER D 62 -9.47 37.20 -21.23
N TYR D 63 -8.39 36.83 -21.92
CA TYR D 63 -8.06 37.40 -23.21
C TYR D 63 -8.12 36.33 -24.29
N VAL D 64 -7.96 36.77 -25.54
CA VAL D 64 -7.81 35.84 -26.66
C VAL D 64 -6.36 35.41 -26.74
N LYS D 65 -6.14 34.16 -27.13
CA LYS D 65 -4.81 33.54 -27.04
C LYS D 65 -3.79 34.16 -27.98
N GLY D 66 -4.21 34.99 -28.94
CA GLY D 66 -3.28 35.48 -29.94
C GLY D 66 -2.94 36.96 -29.88
N THR D 67 -3.57 37.71 -28.98
CA THR D 67 -3.39 39.16 -28.97
C THR D 67 -2.05 39.55 -28.38
N GLU D 68 -1.53 40.69 -28.86
CA GLU D 68 -0.26 41.20 -28.36
C GLU D 68 -0.31 41.52 -26.88
N GLN D 69 -1.47 41.92 -26.38
CA GLN D 69 -1.61 42.14 -24.94
C GLN D 69 -1.36 40.85 -24.17
N TYR D 70 -1.99 39.75 -24.61
CA TYR D 70 -1.70 38.43 -24.05
C TYR D 70 -0.21 38.11 -24.12
N GLN D 71 0.38 38.28 -25.30
CA GLN D 71 1.78 37.91 -25.48
C GLN D 71 2.68 38.69 -24.54
N SER D 72 2.54 40.02 -24.52
CA SER D 72 3.39 40.87 -23.69
C SER D 72 3.17 40.61 -22.20
N LYS D 73 1.91 40.45 -21.79
CA LYS D 73 1.64 40.23 -20.37
C LYS D 73 2.25 38.90 -19.90
N LEU D 74 2.11 37.84 -20.71
CA LEU D 74 2.68 36.57 -20.29
C LEU D 74 4.21 36.58 -20.41
N GLU D 75 4.75 37.39 -21.34
CA GLU D 75 6.20 37.58 -21.36
C GLU D 75 6.68 38.24 -20.08
N SER D 76 5.96 39.25 -19.60
CA SER D 76 6.33 39.90 -18.35
C SER D 76 6.21 38.93 -17.17
N GLU D 77 5.18 38.09 -17.19
CA GLU D 77 5.06 37.04 -16.17
C GLU D 77 6.27 36.11 -16.19
N LEU D 78 6.69 35.69 -17.39
CA LEU D 78 7.87 34.84 -17.51
C LEU D 78 9.11 35.55 -17.00
N ARG D 79 9.28 36.83 -17.35
CA ARG D 79 10.48 37.56 -16.92
C ARG D 79 10.51 37.70 -15.40
N LYS D 80 9.37 37.97 -14.78
CA LYS D 80 9.35 38.06 -13.33
C LYS D 80 9.48 36.68 -12.68
N LEU D 81 9.22 35.61 -13.42
CA LEU D 81 9.42 34.25 -12.91
C LEU D 81 10.55 33.49 -13.60
N LYS D 82 11.23 34.12 -14.56
CA LYS D 82 12.47 33.62 -15.19
C LYS D 82 12.38 32.12 -15.53
N PHE D 83 11.47 31.81 -16.45
CA PHE D 83 11.26 30.43 -16.87
C PHE D 83 11.70 30.11 -18.29
N SER D 84 11.90 31.10 -19.16
CA SER D 84 12.32 30.83 -20.53
C SER D 84 12.87 32.10 -21.16
N TYR D 85 13.82 31.93 -22.09
CA TYR D 85 14.44 33.03 -22.82
C TYR D 85 15.38 32.43 -23.85
N ARG D 86 15.74 33.22 -24.87
CA ARG D 86 16.69 32.79 -25.87
C ARG D 86 18.06 32.53 -25.23
N GLU D 87 18.81 31.61 -25.82
CA GLU D 87 20.06 31.15 -25.23
C GLU D 87 21.05 32.29 -25.04
N ASN D 88 21.65 32.34 -23.86
CA ASN D 88 22.78 33.23 -23.57
C ASN D 88 23.55 32.60 -22.41
N LEU D 89 24.43 33.37 -21.79
CA LEU D 89 25.15 32.87 -20.62
C LEU D 89 24.20 32.56 -19.47
N GLU D 90 23.21 33.43 -19.25
CA GLU D 90 22.28 33.23 -18.15
C GLU D 90 21.35 32.06 -18.40
N ASP D 91 20.93 31.85 -19.64
CA ASP D 91 19.90 30.86 -19.94
C ASP D 91 20.37 29.43 -19.69
N GLU D 92 21.65 29.15 -19.95
CA GLU D 92 22.12 27.76 -19.98
C GLU D 92 21.93 27.06 -18.64
N TYR D 93 22.32 27.71 -17.54
CA TYR D 93 22.31 27.01 -16.26
C TYR D 93 20.95 27.03 -15.57
N GLU D 94 20.48 28.23 -15.19
CA GLU D 94 19.39 28.33 -14.23
C GLU D 94 17.98 28.14 -14.81
N PRO D 95 17.56 28.92 -15.82
CA PRO D 95 16.12 28.95 -16.15
C PRO D 95 15.58 27.65 -16.72
N ARG D 96 16.29 27.05 -17.67
CA ARG D 96 15.80 25.84 -18.32
C ARG D 96 15.80 24.67 -17.34
N ARG D 97 16.81 24.59 -16.48
CA ARG D 97 16.80 23.61 -15.40
C ARG D 97 15.62 23.82 -14.46
N ARG D 98 15.34 25.09 -14.13
CA ARG D 98 14.17 25.38 -13.31
C ARG D 98 12.91 24.85 -13.98
N ASP D 99 12.76 25.14 -15.28
CA ASP D 99 11.63 24.63 -16.04
C ASP D 99 11.53 23.12 -15.93
N HIS D 100 12.67 22.43 -16.10
CA HIS D 100 12.68 20.97 -16.10
C HIS D 100 12.16 20.40 -14.78
N ILE D 101 12.85 20.73 -13.68
CA ILE D 101 12.46 20.15 -12.38
C ILE D 101 11.07 20.63 -11.96
N SER D 102 10.72 21.88 -12.24
CA SER D 102 9.40 22.36 -11.88
C SER D 102 8.31 21.61 -12.64
N HIS D 103 8.52 21.36 -13.93
CA HIS D 103 7.53 20.60 -14.68
C HIS D 103 7.39 19.18 -14.15
N PHE D 104 8.50 18.55 -13.78
CA PHE D 104 8.37 17.17 -13.30
C PHE D 104 7.74 17.10 -11.90
N ILE D 105 8.04 18.07 -11.04
CA ILE D 105 7.35 18.06 -9.75
C ILE D 105 5.86 18.36 -9.94
N LEU D 106 5.50 19.16 -10.94
CA LEU D 106 4.07 19.30 -11.23
C LEU D 106 3.50 18.00 -11.79
N ARG D 107 4.30 17.23 -12.52
CA ARG D 107 3.82 15.91 -12.94
C ARG D 107 3.46 15.07 -11.73
N LEU D 108 4.33 15.07 -10.72
CA LEU D 108 4.01 14.34 -9.49
C LEU D 108 2.77 14.91 -8.81
N ALA D 109 2.63 16.24 -8.79
CA ALA D 109 1.49 16.86 -8.12
C ALA D 109 0.18 16.58 -8.85
N TYR D 110 0.22 16.55 -10.19
CA TYR D 110 -0.97 16.58 -11.01
C TYR D 110 -1.40 15.20 -11.50
N CYS D 111 -0.52 14.21 -11.47
CA CYS D 111 -0.91 12.89 -11.97
C CYS D 111 -1.93 12.20 -11.07
N GLN D 112 -2.42 12.85 -10.02
CA GLN D 112 -3.35 12.19 -9.12
C GLN D 112 -4.69 11.88 -9.80
N SER D 113 -5.24 12.85 -10.53
CA SER D 113 -6.62 12.74 -11.01
C SER D 113 -6.72 13.05 -12.50
N GLU D 114 -7.75 12.48 -13.12
CA GLU D 114 -8.01 12.75 -14.53
C GLU D 114 -8.36 14.23 -14.75
N GLU D 115 -9.14 14.81 -13.85
CA GLU D 115 -9.49 16.23 -13.98
C GLU D 115 -8.25 17.11 -13.89
N LEU D 116 -7.38 16.85 -12.91
CA LEU D 116 -6.14 17.62 -12.80
C LEU D 116 -5.25 17.39 -14.01
N ARG D 117 -5.24 16.17 -14.56
CA ARG D 117 -4.45 15.91 -15.75
C ARG D 117 -4.97 16.73 -16.93
N ARG D 118 -6.29 16.79 -17.10
CA ARG D 118 -6.86 17.59 -18.18
C ARG D 118 -6.54 19.07 -18.00
N TRP D 119 -6.67 19.56 -16.77
CA TRP D 119 -6.32 20.95 -16.48
C TRP D 119 -4.86 21.24 -16.82
N PHE D 120 -3.96 20.40 -16.33
CA PHE D 120 -2.54 20.56 -16.58
C PHE D 120 -2.25 20.53 -18.08
N ILE D 121 -2.90 19.62 -18.81
CA ILE D 121 -2.67 19.51 -20.24
C ILE D 121 -3.11 20.77 -20.96
N GLN D 122 -4.28 21.31 -20.61
CA GLN D 122 -4.73 22.56 -21.20
C GLN D 122 -3.70 23.67 -21.00
N GLN D 123 -3.27 23.86 -19.75
CA GLN D 123 -2.35 24.97 -19.49
C GLN D 123 -0.98 24.75 -20.12
N GLU D 124 -0.51 23.50 -20.17
CA GLU D 124 0.80 23.28 -20.76
C GLU D 124 0.76 23.41 -22.28
N MET D 125 -0.35 23.05 -22.91
CA MET D 125 -0.49 23.33 -24.34
C MET D 125 -0.50 24.82 -24.61
N ASP D 126 -1.21 25.59 -23.78
CA ASP D 126 -1.15 27.04 -23.93
C ASP D 126 0.29 27.54 -23.79
N LEU D 127 0.99 27.06 -22.77
CA LEU D 127 2.37 27.46 -22.53
C LEU D 127 3.28 27.10 -23.70
N LEU D 128 3.17 25.87 -24.20
CA LEU D 128 4.06 25.40 -25.24
C LEU D 128 3.77 26.09 -26.57
N ARG D 129 2.49 26.34 -26.88
CA ARG D 129 2.18 27.09 -28.08
C ARG D 129 2.71 28.52 -28.00
N PHE D 130 2.57 29.17 -26.84
CA PHE D 130 3.15 30.50 -26.69
C PHE D 130 4.66 30.47 -26.84
N ARG D 131 5.33 29.48 -26.23
CA ARG D 131 6.78 29.38 -26.33
C ARG D 131 7.22 29.14 -27.77
N PHE D 132 6.48 28.31 -28.50
CA PHE D 132 6.80 28.08 -29.91
C PHE D 132 6.63 29.36 -30.71
N SER D 133 5.59 30.15 -30.40
CA SER D 133 5.44 31.45 -31.04
C SER D 133 6.60 32.37 -30.69
N ILE D 134 7.19 32.20 -29.50
CA ILE D 134 8.36 33.00 -29.13
C ILE D 134 9.56 32.67 -30.02
N LEU D 135 9.77 31.39 -30.31
CA LEU D 135 11.01 30.97 -30.97
C LEU D 135 11.05 31.54 -32.38
N PRO D 136 12.15 32.18 -32.77
CA PRO D 136 12.26 32.69 -34.15
C PRO D 136 12.36 31.56 -35.16
N LYS D 137 12.01 31.89 -36.41
CA LYS D 137 11.88 30.89 -37.46
C LYS D 137 13.23 30.22 -37.76
N ASP D 138 14.33 30.91 -37.51
CA ASP D 138 15.63 30.33 -37.81
C ASP D 138 15.92 29.12 -36.91
N LYS D 139 15.51 29.19 -35.64
CA LYS D 139 15.86 28.14 -34.69
C LYS D 139 14.85 27.00 -34.63
N ILE D 140 13.71 27.09 -35.34
CA ILE D 140 12.75 25.99 -35.26
C ILE D 140 13.31 24.74 -35.93
N GLN D 141 14.15 24.91 -36.95
CA GLN D 141 14.78 23.76 -37.58
C GLN D 141 15.62 22.97 -36.59
N ASP D 142 16.51 23.66 -35.88
CA ASP D 142 17.36 22.95 -34.91
C ASP D 142 16.54 22.49 -33.70
N PHE D 143 15.42 23.15 -33.41
CA PHE D 143 14.55 22.62 -32.36
C PHE D 143 13.94 21.29 -32.75
N LEU D 144 13.42 21.18 -33.98
CA LEU D 144 12.90 19.90 -34.46
C LEU D 144 14.00 18.86 -34.52
N LYS D 145 15.21 19.25 -34.89
CA LYS D 145 16.32 18.30 -34.88
C LYS D 145 16.63 17.82 -33.47
N ASP D 146 16.64 18.72 -32.48
CA ASP D 146 16.83 18.35 -31.09
C ASP D 146 15.66 17.55 -30.54
N SER D 147 14.50 17.61 -31.19
CA SER D 147 13.31 16.92 -30.67
C SER D 147 13.37 15.42 -30.87
N GLN D 148 14.38 14.92 -31.59
CA GLN D 148 14.72 13.52 -31.77
C GLN D 148 13.75 12.78 -32.70
N LEU D 149 12.61 13.38 -33.05
CA LEU D 149 11.71 12.78 -34.03
C LEU D 149 11.85 13.55 -35.34
N GLN D 150 12.06 12.80 -36.42
CA GLN D 150 12.55 13.39 -37.65
C GLN D 150 11.49 14.17 -38.41
N PHE D 151 11.88 15.32 -38.93
CA PHE D 151 11.08 16.11 -39.86
C PHE D 151 12.04 16.86 -40.77
N GLU D 152 11.79 16.81 -42.08
CA GLU D 152 12.69 17.38 -43.07
C GLU D 152 12.00 18.56 -43.75
N ALA D 153 12.59 19.75 -43.61
CA ALA D 153 12.11 20.91 -44.35
C ALA D 153 12.50 20.80 -45.82
N ILE D 154 11.63 21.26 -46.70
CA ILE D 154 11.88 21.16 -48.13
C ILE D 154 12.63 22.40 -48.60
N SER D 155 13.35 22.26 -49.71
CA SER D 155 14.10 23.37 -50.27
C SER D 155 13.16 24.33 -51.00
N ASP D 156 13.69 25.52 -51.29
CA ASP D 156 12.90 26.53 -52.01
C ASP D 156 12.54 26.04 -53.41
N GLU D 157 13.47 25.35 -54.08
CA GLU D 157 13.17 24.82 -55.40
C GLU D 157 12.06 23.77 -55.35
N GLU D 158 12.10 22.89 -54.34
CA GLU D 158 11.01 21.91 -54.18
C GLU D 158 9.70 22.61 -53.89
N LYS D 159 9.72 23.64 -53.05
CA LYS D 159 8.50 24.39 -52.75
C LYS D 159 7.92 25.02 -54.02
N THR D 160 8.78 25.65 -54.82
CA THR D 160 8.31 26.27 -56.05
C THR D 160 7.77 25.23 -57.03
N LEU D 161 8.44 24.07 -57.13
CA LEU D 161 8.00 23.04 -58.06
C LEU D 161 6.66 22.43 -57.65
N ARG D 162 6.46 22.20 -56.36
CA ARG D 162 5.27 21.52 -55.87
C ARG D 162 4.23 22.48 -55.30
N GLU D 163 4.39 23.79 -55.52
CA GLU D 163 3.40 24.75 -55.04
C GLU D 163 2.02 24.48 -55.62
N GLN D 164 1.95 24.19 -56.92
CA GLN D 164 0.65 23.95 -57.53
C GLN D 164 -0.02 22.70 -56.97
N GLU D 165 0.75 21.63 -56.78
CA GLU D 165 0.20 20.43 -56.16
C GLU D 165 -0.28 20.70 -54.74
N ILE D 166 0.53 21.42 -53.96
CA ILE D 166 0.17 21.71 -52.58
C ILE D 166 -1.10 22.55 -52.51
N VAL D 167 -1.22 23.55 -53.38
CA VAL D 167 -2.40 24.41 -53.37
C VAL D 167 -3.62 23.62 -53.82
N ALA D 168 -3.48 22.79 -54.86
CA ALA D 168 -4.61 22.02 -55.36
C ALA D 168 -5.11 21.03 -54.31
N SER D 169 -4.19 20.38 -53.58
CA SER D 169 -4.58 19.40 -52.58
C SER D 169 -4.75 19.99 -51.20
N SER D 170 -4.59 21.30 -51.05
CA SER D 170 -4.63 21.94 -49.73
C SER D 170 -6.06 22.04 -49.22
N PRO D 171 -6.22 22.29 -47.90
CA PRO D 171 -7.55 22.59 -47.37
C PRO D 171 -8.08 23.93 -47.86
N SER D 172 -9.20 24.38 -47.30
CA SER D 172 -9.96 25.53 -47.77
C SER D 172 -9.18 26.85 -47.73
N LEU D 173 -7.90 26.87 -47.38
CA LEU D 173 -7.07 28.07 -47.47
C LEU D 173 -7.25 28.75 -48.83
N SER D 174 -7.73 29.98 -48.80
CA SER D 174 -8.12 30.67 -50.03
C SER D 174 -6.90 31.05 -50.87
N GLY D 175 -7.06 30.96 -52.19
CA GLY D 175 -6.06 31.44 -53.11
C GLY D 175 -4.92 30.46 -53.33
N LEU D 176 -4.06 30.82 -54.28
CA LEU D 176 -2.86 30.06 -54.62
C LEU D 176 -1.66 30.51 -53.82
N LYS D 177 -1.81 31.53 -52.96
CA LYS D 177 -0.69 32.13 -52.24
C LYS D 177 -0.02 31.15 -51.29
N LEU D 178 1.19 30.71 -51.64
CA LEU D 178 2.01 29.90 -50.75
C LEU D 178 3.13 30.80 -50.23
N GLY D 179 2.86 31.46 -49.11
CA GLY D 179 3.72 32.49 -48.60
C GLY D 179 4.99 31.95 -47.95
N PHE D 180 5.51 32.75 -47.03
CA PHE D 180 6.78 32.46 -46.37
C PHE D 180 6.69 31.30 -45.38
N GLU D 181 5.50 30.78 -45.10
CA GLU D 181 5.35 29.68 -44.17
C GLU D 181 6.16 28.47 -44.62
N SER D 182 6.90 27.88 -43.69
CA SER D 182 7.78 26.76 -44.02
C SER D 182 6.97 25.50 -44.29
N ILE D 183 7.49 24.65 -45.16
CA ILE D 183 6.86 23.39 -45.53
C ILE D 183 7.86 22.27 -45.26
N TYR D 184 7.42 21.21 -44.59
CA TYR D 184 8.28 20.12 -44.16
C TYR D 184 7.88 18.83 -44.86
N LYS D 185 8.77 17.84 -44.82
CA LYS D 185 8.51 16.50 -45.32
C LYS D 185 8.35 15.53 -44.16
N ILE D 186 7.24 14.79 -44.17
CA ILE D 186 6.85 13.98 -43.02
C ILE D 186 6.44 12.58 -43.50
N PRO D 187 6.79 11.52 -42.75
CA PRO D 187 6.20 10.21 -43.04
C PRO D 187 4.68 10.26 -42.93
N PHE D 188 4.01 9.54 -43.82
CA PHE D 188 2.56 9.63 -43.91
C PHE D 188 1.88 9.13 -42.63
N ALA D 189 2.51 8.17 -41.93
CA ALA D 189 1.90 7.63 -40.73
C ALA D 189 1.84 8.62 -39.58
N ASP D 190 2.61 9.71 -39.66
CA ASP D 190 2.61 10.70 -38.59
C ASP D 190 1.42 11.65 -38.65
N ALA D 191 0.78 11.80 -39.82
CA ALA D 191 -0.31 12.74 -39.98
C ALA D 191 -1.59 12.03 -40.41
N LEU D 192 -1.96 10.96 -39.70
CA LEU D 192 -3.07 10.11 -40.12
C LEU D 192 -4.37 10.90 -40.26
N ASP D 193 -4.76 11.60 -39.19
CA ASP D 193 -6.02 12.35 -39.23
C ASP D 193 -5.94 13.50 -40.21
N LEU D 194 -4.73 13.98 -40.49
CA LEU D 194 -4.57 15.09 -41.43
C LEU D 194 -4.80 14.62 -42.87
N PHE D 195 -4.10 13.58 -43.29
CA PHE D 195 -4.23 13.15 -44.68
C PHE D 195 -5.50 12.35 -44.94
N ARG D 196 -6.08 11.73 -43.90
CA ARG D 196 -7.23 10.87 -44.12
C ARG D 196 -8.45 11.64 -44.60
N GLY D 197 -8.42 12.97 -44.52
CA GLY D 197 -9.45 13.80 -45.11
C GLY D 197 -9.14 14.25 -46.51
N ARG D 198 -8.06 13.76 -47.11
CA ARG D 198 -7.64 14.13 -48.46
C ARG D 198 -7.46 15.64 -48.60
N LYS D 199 -6.87 16.25 -47.57
CA LYS D 199 -6.59 17.68 -47.57
C LYS D 199 -5.09 17.97 -47.56
N VAL D 200 -4.30 17.14 -48.24
CA VAL D 200 -2.86 17.33 -48.34
C VAL D 200 -2.34 16.50 -49.50
N TYR D 201 -1.20 16.90 -50.04
CA TYR D 201 -0.56 16.16 -51.12
C TYR D 201 0.35 15.08 -50.56
N LEU D 202 0.41 13.95 -51.25
CA LEU D 202 1.26 12.83 -50.87
C LEU D 202 2.23 12.53 -52.00
N GLU D 203 3.50 12.36 -51.65
CA GLU D 203 4.55 12.07 -52.63
C GLU D 203 5.43 10.96 -52.08
N ASP D 204 5.30 9.76 -52.64
CA ASP D 204 6.09 8.60 -52.25
C ASP D 204 6.00 8.35 -50.74
N GLY D 205 4.78 8.47 -50.20
CA GLY D 205 4.58 8.29 -48.78
C GLY D 205 5.09 9.42 -47.91
N PHE D 206 5.23 10.62 -48.46
CA PHE D 206 5.69 11.78 -47.72
C PHE D 206 4.74 12.95 -47.94
N ALA D 207 4.45 13.69 -46.87
CA ALA D 207 3.51 14.79 -46.89
C ALA D 207 4.24 16.13 -46.82
N TYR D 208 3.50 17.19 -47.14
CA TYR D 208 4.03 18.56 -47.15
C TYR D 208 2.98 19.48 -46.55
N VAL D 209 3.36 20.22 -45.51
CA VAL D 209 2.39 20.78 -44.57
C VAL D 209 2.78 22.19 -44.14
N PRO D 210 1.83 23.08 -43.91
CA PRO D 210 2.15 24.42 -43.39
C PRO D 210 2.34 24.43 -41.87
N LEU D 211 2.81 25.58 -41.37
CA LEU D 211 3.29 25.68 -40.00
C LEU D 211 2.20 25.45 -38.97
N LYS D 212 0.98 25.96 -39.24
CA LYS D 212 -0.10 25.78 -38.28
C LYS D 212 -0.42 24.31 -38.07
N ASP D 213 -0.50 23.56 -39.16
CA ASP D 213 -0.74 22.13 -39.04
C ASP D 213 0.47 21.40 -38.45
N ILE D 214 1.68 21.90 -38.71
CA ILE D 214 2.87 21.33 -38.07
C ILE D 214 2.74 21.43 -36.55
N VAL D 215 2.42 22.62 -36.04
CA VAL D 215 2.34 22.80 -34.60
C VAL D 215 1.16 22.02 -34.04
N ALA D 216 0.06 21.91 -34.80
CA ALA D 216 -1.05 21.07 -34.36
C ALA D 216 -0.61 19.62 -34.19
N ILE D 217 0.13 19.11 -35.17
CA ILE D 217 0.59 17.72 -35.11
C ILE D 217 1.49 17.52 -33.90
N ILE D 218 2.44 18.44 -33.69
CA ILE D 218 3.38 18.26 -32.60
C ILE D 218 2.67 18.37 -31.25
N LEU D 219 1.66 19.24 -31.14
CA LEU D 219 0.95 19.34 -29.87
C LEU D 219 0.09 18.10 -29.62
N ASN D 220 -0.50 17.52 -30.67
CA ASN D 220 -1.24 16.28 -30.47
C ASN D 220 -0.32 15.14 -30.03
N GLU D 221 0.83 15.01 -30.68
CA GLU D 221 1.78 13.98 -30.25
C GLU D 221 2.25 14.23 -28.82
N PHE D 222 2.49 15.50 -28.48
CA PHE D 222 2.97 15.83 -27.14
C PHE D 222 1.91 15.53 -26.10
N ARG D 223 0.63 15.79 -26.42
CA ARG D 223 -0.44 15.46 -25.49
C ARG D 223 -0.57 13.94 -25.32
N ALA D 224 -0.35 13.18 -26.39
CA ALA D 224 -0.38 11.72 -26.25
C ALA D 224 0.71 11.24 -25.32
N LYS D 225 1.95 11.72 -25.54
CA LYS D 225 3.06 11.30 -24.70
C LYS D 225 2.85 11.73 -23.25
N LEU D 226 2.36 12.95 -23.04
CA LEU D 226 2.07 13.41 -21.68
C LEU D 226 0.97 12.60 -21.02
N SER D 227 -0.07 12.22 -21.76
CA SER D 227 -1.11 11.39 -21.18
C SER D 227 -0.54 10.06 -20.71
N LYS D 228 0.26 9.41 -21.56
CA LYS D 228 0.86 8.14 -21.17
C LYS D 228 1.79 8.30 -19.98
N ALA D 229 2.64 9.33 -20.01
CA ALA D 229 3.59 9.55 -18.93
C ALA D 229 2.89 9.87 -17.61
N LEU D 230 1.83 10.68 -17.66
CA LEU D 230 1.09 11.02 -16.45
C LEU D 230 0.37 9.79 -15.89
N ALA D 231 -0.16 8.94 -16.77
CA ALA D 231 -0.74 7.69 -16.27
C ALA D 231 0.33 6.83 -15.59
N LEU D 232 1.51 6.74 -16.19
CA LEU D 232 2.59 5.95 -15.59
C LEU D 232 3.00 6.51 -14.24
N THR D 233 3.12 7.84 -14.14
CA THR D 233 3.46 8.46 -12.85
C THR D 233 2.36 8.26 -11.83
N ALA D 234 1.10 8.26 -12.28
CA ALA D 234 0.00 7.90 -11.39
C ALA D 234 0.16 6.49 -10.86
N ARG D 235 0.72 5.59 -11.69
CA ARG D 235 1.06 4.27 -11.19
C ARG D 235 2.24 4.31 -10.22
N SER D 236 3.05 5.37 -10.28
CA SER D 236 4.24 5.46 -9.45
C SER D 236 4.05 6.32 -8.21
N LEU D 237 2.87 6.91 -8.03
CA LEU D 237 2.65 7.78 -6.88
C LEU D 237 2.79 7.06 -5.54
N PRO D 238 2.18 5.88 -5.32
CA PRO D 238 2.21 5.30 -3.96
C PRO D 238 3.61 5.07 -3.40
N ALA D 239 4.60 4.77 -4.25
CA ALA D 239 5.95 4.56 -3.75
C ALA D 239 6.60 5.87 -3.35
N VAL D 240 6.38 6.93 -4.14
CA VAL D 240 7.10 8.19 -3.91
C VAL D 240 6.44 9.08 -2.87
N GLN D 241 5.26 8.71 -2.36
CA GLN D 241 4.59 9.54 -1.38
C GLN D 241 4.94 9.18 0.07
N SER D 242 5.82 8.18 0.27
CA SER D 242 6.20 7.79 1.62
C SER D 242 6.94 8.90 2.36
N ASP D 243 7.58 9.82 1.64
CA ASP D 243 8.29 10.91 2.27
C ASP D 243 7.32 11.83 3.02
N GLU D 244 7.77 12.35 4.16
CA GLU D 244 6.93 13.21 4.99
C GLU D 244 7.12 14.70 4.72
N ARG D 245 8.25 15.10 4.14
CA ARG D 245 8.49 16.51 3.87
C ARG D 245 7.95 16.97 2.52
N LEU D 246 7.37 16.06 1.73
CA LEU D 246 6.82 16.41 0.43
C LEU D 246 5.35 16.05 0.28
N GLN D 247 4.81 15.20 1.15
CA GLN D 247 3.38 14.90 1.11
C GLN D 247 2.49 16.12 1.30
N PRO D 248 2.66 16.97 2.33
CA PRO D 248 1.69 18.06 2.51
C PRO D 248 1.78 19.13 1.45
N LEU D 249 2.92 19.24 0.76
CA LEU D 249 2.98 20.13 -0.39
C LEU D 249 2.35 19.45 -1.61
N LEU D 250 2.90 18.30 -2.01
CA LEU D 250 2.50 17.65 -3.26
C LEU D 250 1.03 17.24 -3.25
N ASN D 251 0.39 17.18 -2.08
CA ASN D 251 -1.06 17.02 -2.07
C ASN D 251 -1.76 18.29 -2.54
N HIS D 252 -1.15 19.45 -2.32
CA HIS D 252 -1.88 20.71 -2.50
C HIS D 252 -1.05 21.81 -3.14
N LEU D 253 -0.32 21.55 -4.23
CA LEU D 253 0.25 22.67 -4.98
C LEU D 253 -0.82 23.47 -5.71
N SER D 254 -1.78 22.79 -6.32
CA SER D 254 -2.78 23.48 -7.11
C SER D 254 -4.10 23.64 -6.36
N HIS D 255 -4.53 22.59 -5.66
CA HIS D 255 -5.84 22.58 -5.02
C HIS D 255 -6.04 23.80 -4.13
N SER D 256 -5.16 24.01 -3.16
CA SER D 256 -5.44 24.97 -2.11
C SER D 256 -4.21 25.80 -1.75
N TYR D 257 -3.44 26.23 -2.74
CA TYR D 257 -2.30 27.10 -2.52
C TYR D 257 -2.50 28.43 -3.25
N THR D 258 -2.37 29.52 -2.52
CA THR D 258 -2.45 30.85 -3.10
C THR D 258 -1.14 31.19 -3.82
N GLY D 259 -1.27 31.78 -5.01
CA GLY D 259 -0.10 32.20 -5.76
C GLY D 259 0.51 33.48 -5.23
N GLN D 260 1.07 33.42 -4.03
CA GLN D 260 1.74 34.54 -3.38
C GLN D 260 0.78 35.73 -3.23
N ASP D 261 -0.32 35.45 -2.51
CA ASP D 261 -1.36 36.46 -2.31
C ASP D 261 -0.82 37.69 -1.60
N TYR D 262 0.07 37.50 -0.62
CA TYR D 262 0.92 38.56 -0.08
C TYR D 262 0.18 39.56 0.79
N SER D 263 -1.15 39.43 0.90
CA SER D 263 -1.93 40.32 1.77
C SER D 263 -1.92 39.77 3.20
N THR D 264 -0.72 39.52 3.69
CA THR D 264 -0.50 38.89 4.99
C THR D 264 -0.76 39.88 6.12
N GLN D 265 -1.02 39.36 7.31
CA GLN D 265 -1.23 40.19 8.48
C GLN D 265 0.04 40.98 8.80
N GLY D 266 -0.14 42.23 9.22
CA GLY D 266 0.98 43.09 9.57
C GLY D 266 1.08 44.30 8.67
N ASN D 267 -0.05 44.73 8.10
CA ASN D 267 -0.07 45.86 7.19
C ASN D 267 -0.32 47.14 8.00
N VAL D 268 -0.21 48.28 7.31
CA VAL D 268 -0.38 49.58 7.94
C VAL D 268 -1.35 50.42 7.11
N GLY D 269 -1.98 51.40 7.75
CA GLY D 269 -2.91 52.28 7.09
C GLY D 269 -3.75 53.09 8.05
N LYS D 270 -4.41 54.12 7.55
CA LYS D 270 -5.26 54.98 8.36
C LYS D 270 -6.71 54.83 7.90
N ILE D 271 -7.52 54.17 8.73
CA ILE D 271 -8.92 53.90 8.43
C ILE D 271 -9.79 54.54 9.50
N SER D 272 -10.76 55.35 9.07
CA SER D 272 -11.71 55.97 9.99
C SER D 272 -12.92 55.05 10.12
N LEU D 273 -13.36 54.83 11.37
CA LEU D 273 -14.41 53.85 11.61
C LEU D 273 -15.73 54.26 10.98
N ASP D 274 -16.05 55.55 10.99
CA ASP D 274 -17.32 56.01 10.42
C ASP D 274 -17.38 55.74 8.92
N GLN D 275 -16.25 55.85 8.24
CA GLN D 275 -16.15 55.68 6.79
C GLN D 275 -16.35 54.24 6.33
N ILE D 276 -16.69 53.30 7.21
CA ILE D 276 -16.73 51.89 6.81
C ILE D 276 -17.85 51.63 5.82
N ASP D 277 -18.96 52.34 5.94
CA ASP D 277 -20.07 52.13 5.01
C ASP D 277 -19.70 52.58 3.59
N LEU D 278 -19.17 53.81 3.47
CA LEU D 278 -18.77 54.28 2.15
C LEU D 278 -17.64 53.45 1.57
N LEU D 279 -16.70 53.03 2.42
CA LEU D 279 -15.63 52.14 1.95
C LEU D 279 -16.17 50.78 1.52
N SER D 280 -17.22 50.28 2.16
CA SER D 280 -17.83 49.03 1.73
C SER D 280 -18.52 49.18 0.38
N THR D 281 -19.21 50.31 0.18
CA THR D 281 -19.94 50.46 -1.07
C THR D 281 -19.04 50.91 -2.22
N LYS D 282 -17.81 51.35 -1.92
CA LYS D 282 -16.91 51.79 -2.99
C LYS D 282 -15.70 50.88 -3.22
N SER D 283 -15.32 50.03 -2.25
CA SER D 283 -14.06 49.32 -2.34
C SER D 283 -14.14 47.88 -1.85
N PHE D 284 -15.32 47.30 -1.75
CA PHE D 284 -15.34 45.93 -1.24
C PHE D 284 -15.70 44.95 -2.36
N PRO D 285 -15.03 43.81 -2.43
CA PRO D 285 -15.42 42.79 -3.40
C PRO D 285 -16.81 42.29 -3.09
N PRO D 286 -17.56 41.85 -4.11
CA PRO D 286 -19.00 41.57 -3.91
C PRO D 286 -19.32 40.74 -2.68
N CYS D 287 -18.53 39.70 -2.40
CA CYS D 287 -18.77 38.88 -1.22
C CYS D 287 -18.70 39.71 0.05
N MET D 288 -17.64 40.49 0.19
CA MET D 288 -17.45 41.24 1.43
C MET D 288 -18.43 42.41 1.52
N ARG D 289 -18.74 43.02 0.38
CA ARG D 289 -19.75 44.07 0.33
C ARG D 289 -21.09 43.56 0.83
N GLN D 290 -21.56 42.43 0.31
CA GLN D 290 -22.85 41.90 0.74
C GLN D 290 -22.78 41.40 2.18
N LEU D 291 -21.62 40.88 2.62
CA LEU D 291 -21.49 40.48 4.01
C LEU D 291 -21.61 41.69 4.94
N HIS D 292 -20.97 42.80 4.57
CA HIS D 292 -21.07 44.01 5.39
C HIS D 292 -22.49 44.56 5.40
N LYS D 293 -23.17 44.52 4.25
CA LYS D 293 -24.57 44.95 4.23
C LYS D 293 -25.43 44.06 5.10
N ALA D 294 -25.20 42.75 5.07
CA ALA D 294 -25.95 41.84 5.93
C ALA D 294 -25.69 42.14 7.39
N LEU D 295 -24.44 42.45 7.74
CA LEU D 295 -24.14 42.85 9.11
C LEU D 295 -24.89 44.12 9.49
N ARG D 296 -24.89 45.11 8.61
CA ARG D 296 -25.57 46.37 8.91
C ARG D 296 -27.07 46.17 9.06
N GLU D 297 -27.67 45.32 8.23
CA GLU D 297 -29.10 45.09 8.25
C GLU D 297 -29.54 44.03 9.25
N ASN D 298 -28.60 43.35 9.89
CA ASN D 298 -28.92 42.29 10.84
C ASN D 298 -28.21 42.40 12.18
N HIS D 299 -27.05 43.06 12.24
CA HIS D 299 -26.30 43.25 13.48
C HIS D 299 -25.92 41.90 14.11
N HIS D 300 -25.72 40.88 13.29
CA HIS D 300 -25.40 39.54 13.77
C HIS D 300 -24.96 38.69 12.59
N LEU D 301 -23.97 37.84 12.80
CA LEU D 301 -23.47 36.94 11.76
C LEU D 301 -23.26 35.56 12.34
N ARG D 302 -23.30 34.56 11.46
CA ARG D 302 -22.89 33.23 11.84
C ARG D 302 -21.37 33.15 11.98
N HIS D 303 -20.88 31.99 12.40
CA HIS D 303 -19.46 31.86 12.72
C HIS D 303 -18.57 32.17 11.52
N GLY D 304 -18.88 31.56 10.38
CA GLY D 304 -18.03 31.71 9.21
C GLY D 304 -17.94 33.14 8.72
N GLY D 305 -19.10 33.77 8.50
CA GLY D 305 -19.10 35.15 8.06
C GLY D 305 -18.50 36.10 9.07
N ARG D 306 -18.78 35.86 10.36
CA ARG D 306 -18.23 36.70 11.41
C ARG D 306 -16.71 36.67 11.38
N MET D 307 -16.13 35.47 11.39
CA MET D 307 -14.68 35.34 11.38
C MET D 307 -14.10 35.91 10.10
N GLN D 308 -14.72 35.63 8.95
CA GLN D 308 -14.23 36.13 7.67
C GLN D 308 -14.15 37.64 7.67
N TYR D 309 -15.24 38.32 8.03
CA TYR D 309 -15.25 39.77 7.99
C TYR D 309 -14.33 40.36 9.07
N GLY D 310 -14.27 39.73 10.24
CA GLY D 310 -13.41 40.23 11.29
C GLY D 310 -11.94 40.21 10.89
N LEU D 311 -11.49 39.09 10.33
CA LEU D 311 -10.09 39.03 9.92
C LEU D 311 -9.84 39.86 8.66
N PHE D 312 -10.86 40.07 7.83
CA PHE D 312 -10.68 41.00 6.72
C PHE D 312 -10.44 42.42 7.23
N LEU D 313 -11.26 42.85 8.20
CA LEU D 313 -11.07 44.17 8.82
C LEU D 313 -9.72 44.25 9.52
N LYS D 314 -9.26 43.15 10.11
CA LYS D 314 -7.91 43.12 10.65
C LYS D 314 -6.88 43.35 9.55
N GLY D 315 -7.08 42.73 8.40
CA GLY D 315 -6.11 42.84 7.32
C GLY D 315 -6.04 44.23 6.72
N ILE D 316 -7.19 44.89 6.54
CA ILE D 316 -7.23 46.15 5.82
C ILE D 316 -6.43 47.26 6.50
N GLY D 317 -6.02 47.08 7.75
CA GLY D 317 -5.29 48.07 8.48
C GLY D 317 -5.96 48.60 9.72
N LEU D 318 -7.18 48.15 10.01
CA LEU D 318 -7.88 48.59 11.22
C LEU D 318 -7.15 48.08 12.46
N THR D 319 -7.03 48.95 13.46
CA THR D 319 -6.31 48.58 14.67
C THR D 319 -7.22 47.80 15.62
N LEU D 320 -6.62 47.24 16.66
CA LEU D 320 -7.34 46.37 17.57
C LEU D 320 -8.45 47.12 18.30
N GLU D 321 -8.15 48.32 18.81
CA GLU D 321 -9.16 49.08 19.54
C GLU D 321 -10.29 49.52 18.61
N GLN D 322 -9.95 49.91 17.37
CA GLN D 322 -10.98 50.26 16.41
C GLN D 322 -11.89 49.08 16.11
N ALA D 323 -11.30 47.90 15.91
CA ALA D 323 -12.11 46.72 15.62
C ALA D 323 -13.01 46.36 16.79
N LEU D 324 -12.46 46.38 18.01
CA LEU D 324 -13.26 46.05 19.18
C LEU D 324 -14.40 47.03 19.36
N GLN D 325 -14.12 48.33 19.20
CA GLN D 325 -15.16 49.35 19.35
C GLN D 325 -16.21 49.21 18.27
N PHE D 326 -15.79 48.93 17.03
CA PHE D 326 -16.74 48.72 15.94
C PHE D 326 -17.68 47.57 16.24
N TRP D 327 -17.13 46.41 16.60
CA TRP D 327 -17.99 45.26 16.85
C TRP D 327 -18.88 45.48 18.06
N LYS D 328 -18.34 46.08 19.13
CA LYS D 328 -19.17 46.35 20.30
C LYS D 328 -20.32 47.29 19.96
N GLN D 329 -20.03 48.36 19.20
CA GLN D 329 -21.06 49.29 18.79
C GLN D 329 -22.11 48.62 17.93
N GLU D 330 -21.70 47.70 17.04
CA GLU D 330 -22.68 47.03 16.20
C GLU D 330 -23.53 46.05 16.99
N PHE D 331 -22.96 45.40 18.00
CA PHE D 331 -23.76 44.56 18.89
C PHE D 331 -24.60 45.37 19.88
N ILE D 332 -24.35 46.67 20.03
CA ILE D 332 -25.30 47.50 20.77
C ILE D 332 -26.68 47.42 20.10
N LYS D 333 -26.71 47.50 18.78
CA LYS D 333 -27.94 47.27 18.04
C LYS D 333 -28.31 45.80 17.94
N GLY D 334 -27.44 44.90 18.43
CA GLY D 334 -27.76 43.49 18.49
C GLY D 334 -28.57 43.06 19.68
N LYS D 335 -28.68 43.92 20.70
CA LYS D 335 -29.52 43.76 21.88
C LYS D 335 -29.04 42.68 22.85
N MET D 336 -27.75 42.35 22.86
CA MET D 336 -27.22 41.52 23.95
C MET D 336 -26.38 42.37 24.90
N ASP D 337 -26.13 41.80 26.07
CA ASP D 337 -25.48 42.54 27.15
C ASP D 337 -24.03 42.86 26.76
N PRO D 338 -23.57 44.10 26.97
CA PRO D 338 -22.17 44.42 26.65
C PRO D 338 -21.14 43.57 27.39
N ASP D 339 -21.39 43.23 28.65
CA ASP D 339 -20.44 42.36 29.35
C ASP D 339 -20.44 40.96 28.75
N LYS D 340 -21.61 40.49 28.29
CA LYS D 340 -21.65 39.23 27.56
C LYS D 340 -20.84 39.32 26.28
N PHE D 341 -20.95 40.45 25.55
CA PHE D 341 -20.06 40.68 24.41
C PHE D 341 -18.61 40.56 24.82
N ASP D 342 -18.20 41.28 25.87
CA ASP D 342 -16.81 41.22 26.31
C ASP D 342 -16.39 39.78 26.52
N LYS D 343 -17.02 39.10 27.47
CA LYS D 343 -16.58 37.75 27.86
C LYS D 343 -16.61 36.79 26.68
N GLY D 344 -17.68 36.81 25.89
CA GLY D 344 -17.80 35.85 24.80
C GLY D 344 -16.83 36.12 23.66
N TYR D 345 -16.83 37.34 23.13
CA TYR D 345 -16.17 37.60 21.86
C TYR D 345 -14.82 38.30 22.01
N SER D 346 -14.69 39.28 22.92
CA SER D 346 -13.48 40.08 22.97
C SER D 346 -12.25 39.21 23.09
N TYR D 347 -12.37 38.09 23.82
CA TYR D 347 -11.31 37.10 23.86
C TYR D 347 -10.98 36.60 22.46
N ASN D 348 -12.01 36.28 21.66
CA ASN D 348 -11.79 35.73 20.33
C ASN D 348 -11.15 36.76 19.41
N ILE D 349 -11.61 38.00 19.46
CA ILE D 349 -11.02 39.04 18.62
C ILE D 349 -9.57 39.30 19.01
N ARG D 350 -9.27 39.36 20.32
CA ARG D 350 -7.89 39.55 20.74
C ARG D 350 -7.02 38.37 20.34
N HIS D 351 -7.54 37.15 20.46
CA HIS D 351 -6.79 35.99 20.00
C HIS D 351 -6.51 36.05 18.50
N SER D 352 -7.49 36.49 17.72
CA SER D 352 -7.28 36.61 16.28
C SER D 352 -6.22 37.67 15.97
N PHE D 353 -6.18 38.75 16.77
CA PHE D 353 -5.19 39.79 16.54
C PHE D 353 -3.82 39.45 17.11
N GLY D 354 -3.73 38.47 18.01
CA GLY D 354 -2.50 38.26 18.75
C GLY D 354 -1.74 36.96 18.53
N LYS D 355 -1.91 36.03 19.46
CA LYS D 355 -1.04 34.87 19.60
C LYS D 355 -1.33 33.78 18.58
N GLU D 356 -0.81 32.57 18.83
CA GLU D 356 -0.83 31.50 17.85
C GLU D 356 -2.23 30.90 17.75
N GLY D 357 -2.33 29.75 17.10
CA GLY D 357 -3.55 29.41 16.39
C GLY D 357 -3.47 29.84 14.94
N LYS D 358 -2.25 30.06 14.47
CA LYS D 358 -1.94 30.76 13.23
C LYS D 358 -2.37 29.92 12.02
N ARG D 359 -2.46 30.62 10.87
CA ARG D 359 -2.97 30.12 9.59
C ARG D 359 -4.47 29.91 9.58
N THR D 360 -5.14 30.14 10.70
CA THR D 360 -6.59 30.08 10.69
C THR D 360 -7.24 31.33 11.28
N ASP D 361 -6.60 31.96 12.25
CA ASP D 361 -7.10 33.18 12.86
C ASP D 361 -6.13 34.33 12.76
N TYR D 362 -4.85 34.05 12.50
CA TYR D 362 -3.81 35.05 12.35
C TYR D 362 -3.73 35.62 10.94
N THR D 363 -4.55 35.13 10.00
CA THR D 363 -4.34 35.46 8.60
C THR D 363 -5.60 36.04 7.98
N PRO D 364 -5.45 36.89 6.96
CA PRO D 364 -6.60 37.31 6.17
C PRO D 364 -6.92 36.32 5.06
N PHE D 365 -8.20 35.98 4.91
CA PHE D 365 -8.61 34.93 4.00
C PHE D 365 -8.28 35.29 2.56
N SER D 366 -7.81 34.26 1.82
CA SER D 366 -7.47 34.41 0.39
C SER D 366 -8.68 33.92 -0.37
N CYS D 367 -8.89 34.42 -1.57
CA CYS D 367 -10.07 34.10 -2.41
C CYS D 367 -10.23 32.63 -2.75
N LEU D 368 -9.14 31.96 -3.06
CA LEU D 368 -9.20 30.55 -3.42
C LEU D 368 -9.74 29.81 -2.19
N LYS D 369 -9.29 30.18 -0.98
CA LYS D 369 -9.84 29.57 0.26
C LYS D 369 -11.30 29.89 0.40
N ILE D 370 -11.68 31.13 0.17
CA ILE D 370 -13.07 31.56 0.41
C ILE D 370 -13.95 30.67 -0.49
N ILE D 371 -13.55 30.41 -1.73
CA ILE D 371 -14.36 29.64 -2.73
C ILE D 371 -14.35 28.14 -2.40
N LEU D 372 -13.23 27.57 -1.95
CA LEU D 372 -13.10 26.10 -1.75
C LEU D 372 -13.48 25.62 -0.34
N SER D 373 -13.63 26.51 0.65
CA SER D 373 -13.88 26.09 2.06
C SER D 373 -15.20 26.60 2.62
N ASN D 374 -15.97 25.71 3.25
CA ASN D 374 -17.18 26.05 3.98
C ASN D 374 -18.17 26.80 3.10
N PRO D 375 -18.82 26.13 2.15
CA PRO D 375 -19.87 26.79 1.37
C PRO D 375 -21.01 27.25 2.26
N PRO D 376 -21.55 28.44 2.01
CA PRO D 376 -22.62 28.96 2.87
C PRO D 376 -23.88 28.12 2.79
N SER D 377 -24.64 28.15 3.88
CA SER D 377 -25.91 27.45 4.00
C SER D 377 -27.01 28.49 4.21
N GLN D 378 -28.22 28.00 4.49
CA GLN D 378 -29.31 28.91 4.84
C GLN D 378 -28.95 29.72 6.08
N GLY D 379 -29.14 31.04 5.99
CA GLY D 379 -28.73 31.92 7.05
C GLY D 379 -27.28 32.35 7.01
N ASP D 380 -26.52 31.93 6.01
CA ASP D 380 -25.13 32.31 5.86
C ASP D 380 -24.99 33.26 4.67
N TYR D 381 -24.04 34.20 4.78
CA TYR D 381 -23.79 35.16 3.72
C TYR D 381 -22.32 35.23 3.34
N HIS D 382 -21.47 34.41 3.92
CA HIS D 382 -20.06 34.36 3.53
C HIS D 382 -19.95 33.56 2.23
N GLY D 383 -18.72 33.28 1.81
CA GLY D 383 -18.51 32.56 0.57
C GLY D 383 -18.62 33.48 -0.63
N CYS D 384 -17.82 33.21 -1.66
CA CYS D 384 -17.89 34.02 -2.86
C CYS D 384 -19.26 33.82 -3.51
N PRO D 385 -20.02 34.89 -3.75
CA PRO D 385 -21.36 34.71 -4.30
C PRO D 385 -21.35 34.05 -5.66
N PHE D 386 -20.33 34.34 -6.48
CA PHE D 386 -20.29 33.82 -7.84
C PHE D 386 -20.30 32.30 -7.84
N ARG D 387 -19.67 31.67 -6.84
CA ARG D 387 -19.64 30.22 -6.77
C ARG D 387 -20.70 29.65 -5.82
N HIS D 388 -21.23 30.46 -4.91
CA HIS D 388 -22.10 29.93 -3.86
C HIS D 388 -23.53 30.45 -3.95
N SER D 389 -23.89 31.07 -5.06
CA SER D 389 -25.27 31.46 -5.29
C SER D 389 -25.58 31.33 -6.78
N ASP D 390 -26.85 31.01 -7.07
CA ASP D 390 -27.29 30.69 -8.41
C ASP D 390 -27.37 31.92 -9.31
N PRO D 391 -27.33 31.72 -10.64
CA PRO D 391 -27.23 32.87 -11.56
C PRO D 391 -28.35 33.89 -11.44
N GLU D 392 -29.57 33.48 -11.10
CA GLU D 392 -30.65 34.47 -10.97
C GLU D 392 -30.37 35.43 -9.81
N LEU D 393 -29.94 34.90 -8.67
CA LEU D 393 -29.57 35.79 -7.56
C LEU D 393 -28.31 36.59 -7.86
N LEU D 394 -27.38 36.04 -8.64
CA LEU D 394 -26.26 36.87 -9.09
C LEU D 394 -26.76 38.05 -9.92
N LYS D 395 -27.71 37.79 -10.82
CA LYS D 395 -28.26 38.87 -11.65
C LYS D 395 -28.98 39.91 -10.79
N GLN D 396 -29.75 39.46 -9.80
CA GLN D 396 -30.42 40.39 -8.90
C GLN D 396 -29.42 41.25 -8.15
N LYS D 397 -28.36 40.63 -7.63
CA LYS D 397 -27.34 41.39 -6.92
C LYS D 397 -26.64 42.39 -7.83
N LEU D 398 -26.34 41.97 -9.07
CA LEU D 398 -25.69 42.87 -10.02
C LEU D 398 -26.59 44.05 -10.37
N GLN D 399 -27.89 43.80 -10.55
CA GLN D 399 -28.83 44.89 -10.75
C GLN D 399 -28.83 45.84 -9.56
N SER D 400 -28.84 45.27 -8.35
CA SER D 400 -28.80 46.11 -7.14
C SER D 400 -27.53 46.93 -7.07
N TYR D 401 -26.42 46.44 -7.62
CA TYR D 401 -25.17 47.18 -7.63
C TYR D 401 -25.00 48.07 -8.85
N LYS D 402 -25.98 48.12 -9.75
CA LYS D 402 -25.99 49.03 -10.89
C LYS D 402 -24.78 48.83 -11.80
N ILE D 403 -24.76 47.69 -12.48
CA ILE D 403 -23.80 47.41 -13.54
C ILE D 403 -24.56 47.27 -14.85
N SER D 404 -23.89 47.63 -15.95
CA SER D 404 -24.53 47.60 -17.26
C SER D 404 -24.98 46.18 -17.60
N PRO D 405 -26.12 46.03 -18.29
CA PRO D 405 -26.60 44.68 -18.63
C PRO D 405 -25.63 43.87 -19.46
N GLY D 406 -24.90 44.51 -20.38
CA GLY D 406 -23.89 43.78 -21.13
C GLY D 406 -22.76 43.28 -20.24
N GLY D 407 -22.27 44.12 -19.34
CA GLY D 407 -21.27 43.69 -18.39
C GLY D 407 -21.73 42.53 -17.55
N ILE D 408 -22.99 42.59 -17.07
CA ILE D 408 -23.56 41.49 -16.34
C ILE D 408 -23.63 40.24 -17.22
N SER D 409 -23.86 40.44 -18.52
CA SER D 409 -23.91 39.32 -19.45
C SER D 409 -22.57 38.58 -19.49
N GLN D 410 -21.46 39.31 -19.70
CA GLN D 410 -20.21 38.56 -19.71
C GLN D 410 -19.83 38.08 -18.31
N ILE D 411 -20.33 38.73 -17.25
CA ILE D 411 -20.12 38.20 -15.90
C ILE D 411 -20.73 36.82 -15.78
N LEU D 412 -21.99 36.67 -16.24
CA LEU D 412 -22.64 35.37 -16.19
C LEU D 412 -21.98 34.36 -17.13
N ASP D 413 -21.48 34.83 -18.29
CA ASP D 413 -20.75 33.93 -19.17
C ASP D 413 -19.50 33.38 -18.49
N LEU D 414 -18.76 34.25 -17.80
CA LEU D 414 -17.59 33.81 -17.04
C LEU D 414 -17.98 32.87 -15.91
N VAL D 415 -19.11 33.14 -15.24
CA VAL D 415 -19.58 32.24 -14.20
C VAL D 415 -19.88 30.87 -14.77
N LYS D 416 -20.49 30.82 -15.96
CA LYS D 416 -20.69 29.53 -16.63
C LYS D 416 -19.35 28.84 -16.90
N GLY D 417 -18.31 29.61 -17.18
CA GLY D 417 -16.97 29.09 -17.34
C GLY D 417 -16.22 28.86 -16.06
N THR D 418 -16.91 28.91 -14.92
CA THR D 418 -16.36 28.65 -13.57
C THR D 418 -15.06 29.43 -13.31
N HIS D 419 -14.86 30.57 -13.98
CA HIS D 419 -13.73 31.46 -13.67
C HIS D 419 -14.19 32.59 -12.76
N TYR D 420 -14.40 32.23 -11.49
CA TYR D 420 -14.98 33.15 -10.53
C TYR D 420 -14.07 34.33 -10.26
N GLN D 421 -12.76 34.09 -10.16
CA GLN D 421 -11.81 35.17 -9.91
C GLN D 421 -11.81 36.18 -11.04
N VAL D 422 -11.86 35.69 -12.28
CA VAL D 422 -11.90 36.60 -13.42
C VAL D 422 -13.22 37.35 -13.45
N ALA D 423 -14.32 36.70 -13.05
CA ALA D 423 -15.58 37.40 -12.95
C ALA D 423 -15.51 38.53 -11.92
N CYS D 424 -14.90 38.27 -10.78
CA CYS D 424 -14.70 39.31 -9.77
C CYS D 424 -13.82 40.44 -10.31
N GLN D 425 -12.79 40.08 -11.07
CA GLN D 425 -11.96 41.07 -11.73
C GLN D 425 -12.80 41.99 -12.61
N LYS D 426 -13.59 41.40 -13.50
CA LYS D 426 -14.40 42.18 -14.43
C LYS D 426 -15.39 43.06 -13.69
N TYR D 427 -16.00 42.52 -12.62
CA TYR D 427 -16.82 43.36 -11.75
C TYR D 427 -16.02 44.54 -11.21
N PHE D 428 -14.75 44.32 -10.87
CA PHE D 428 -13.93 45.40 -10.35
C PHE D 428 -13.75 46.50 -11.39
N GLU D 429 -13.37 46.14 -12.62
CA GLU D 429 -13.21 47.18 -13.62
C GLU D 429 -14.53 47.88 -13.92
N MET D 430 -15.63 47.13 -13.94
CA MET D 430 -16.92 47.74 -14.22
C MET D 430 -17.31 48.74 -13.13
N ILE D 431 -17.17 48.36 -11.86
CA ILE D 431 -17.55 49.24 -10.77
C ILE D 431 -16.61 50.44 -10.68
N HIS D 432 -15.35 50.28 -11.07
CA HIS D 432 -14.41 51.40 -11.08
C HIS D 432 -14.42 52.17 -12.39
N ASN D 433 -15.25 51.77 -13.36
CA ASN D 433 -15.34 52.45 -14.66
C ASN D 433 -13.98 52.49 -15.35
N VAL D 434 -13.24 51.39 -15.30
CA VAL D 434 -11.94 51.28 -15.94
C VAL D 434 -11.93 50.05 -16.84
N ASP D 435 -10.85 49.89 -17.60
CA ASP D 435 -10.74 48.82 -18.58
C ASP D 435 -10.06 47.58 -18.01
N ASP D 436 -8.84 47.74 -17.48
CA ASP D 436 -8.08 46.62 -16.93
C ASP D 436 -7.54 47.01 -15.57
N CYS D 437 -7.74 46.13 -14.58
CA CYS D 437 -7.24 46.40 -13.23
C CYS D 437 -5.72 46.31 -13.14
N GLY D 438 -5.06 45.63 -14.08
CA GLY D 438 -3.62 45.53 -14.06
C GLY D 438 -3.05 44.40 -13.24
N PHE D 439 -3.84 43.38 -12.92
CA PHE D 439 -3.38 42.25 -12.12
C PHE D 439 -4.39 41.13 -12.26
N SER D 440 -4.23 40.09 -11.45
CA SER D 440 -5.21 39.00 -11.33
C SER D 440 -5.48 38.80 -9.85
N LEU D 441 -6.71 39.07 -9.43
CA LEU D 441 -7.00 39.10 -7.99
C LEU D 441 -7.11 37.70 -7.42
N ASN D 442 -6.59 37.55 -6.21
CA ASN D 442 -6.75 36.32 -5.44
C ASN D 442 -7.08 36.56 -3.98
N HIS D 443 -7.05 37.80 -3.51
CA HIS D 443 -7.26 38.11 -2.11
C HIS D 443 -8.17 39.33 -1.99
N PRO D 444 -9.22 39.27 -1.16
CA PRO D 444 -10.07 40.45 -0.96
C PRO D 444 -9.30 41.65 -0.43
N ASN D 445 -8.25 41.43 0.37
CA ASN D 445 -7.45 42.55 0.82
C ASN D 445 -6.66 43.17 -0.32
N GLN D 446 -6.24 42.34 -1.29
CA GLN D 446 -5.64 42.89 -2.50
C GLN D 446 -6.66 43.70 -3.29
N PHE D 447 -7.90 43.20 -3.37
CA PHE D 447 -8.99 43.95 -3.99
C PHE D 447 -9.12 45.34 -3.35
N PHE D 448 -9.20 45.36 -2.02
CA PHE D 448 -9.37 46.63 -1.30
C PHE D 448 -8.16 47.53 -1.48
N CYS D 449 -6.95 46.97 -1.44
CA CYS D 449 -5.74 47.77 -1.62
C CYS D 449 -5.70 48.42 -2.99
N GLU D 450 -6.07 47.67 -4.03
CA GLU D 450 -6.10 48.24 -5.37
C GLU D 450 -7.19 49.30 -5.49
N SER D 451 -8.35 49.06 -4.86
CA SER D 451 -9.41 50.07 -4.90
C SER D 451 -8.97 51.36 -4.23
N GLN D 452 -8.26 51.25 -3.10
CA GLN D 452 -7.67 52.44 -2.49
C GLN D 452 -6.61 53.06 -3.38
N ARG D 453 -5.86 52.24 -4.12
CA ARG D 453 -4.90 52.76 -5.07
C ARG D 453 -5.58 53.59 -6.14
N ILE D 454 -6.81 53.24 -6.51
CA ILE D 454 -7.61 54.11 -7.38
C ILE D 454 -8.00 55.41 -6.68
N LEU D 455 -7.99 55.43 -5.35
CA LEU D 455 -8.42 56.59 -4.56
C LEU D 455 -9.85 56.99 -4.91
N HIS E 5 -15.70 -45.27 64.27
CA HIS E 5 -14.99 -45.10 63.01
C HIS E 5 -15.79 -44.29 62.02
N VAL E 6 -15.67 -44.61 60.74
CA VAL E 6 -16.36 -43.92 59.66
C VAL E 6 -17.24 -44.93 58.93
N GLN E 7 -18.54 -44.66 58.90
CA GLN E 7 -19.52 -45.55 58.26
C GLN E 7 -20.15 -44.82 57.09
N LEU E 8 -19.83 -45.26 55.87
CA LEU E 8 -20.29 -44.62 54.65
C LEU E 8 -21.09 -45.61 53.82
N SER E 9 -22.21 -45.14 53.26
CA SER E 9 -23.07 -45.94 52.39
C SER E 9 -22.73 -45.59 50.94
N LEU E 10 -22.05 -46.51 50.26
CA LEU E 10 -21.67 -46.29 48.87
C LEU E 10 -22.76 -46.80 47.95
N PRO E 11 -23.34 -45.97 47.08
CA PRO E 11 -24.40 -46.45 46.19
C PRO E 11 -23.86 -47.39 45.14
N VAL E 12 -24.76 -48.24 44.63
CA VAL E 12 -24.43 -49.16 43.55
C VAL E 12 -24.81 -48.50 42.23
N LEU E 13 -23.90 -48.56 41.26
CA LEU E 13 -24.11 -47.95 39.95
C LEU E 13 -24.27 -49.03 38.90
N GLN E 14 -24.47 -48.59 37.66
CA GLN E 14 -24.72 -49.49 36.54
C GLN E 14 -23.58 -49.38 35.53
N VAL E 15 -23.25 -50.50 34.91
CA VAL E 15 -22.00 -50.60 34.16
C VAL E 15 -22.01 -49.76 32.89
N ARG E 16 -23.12 -49.78 32.15
CA ARG E 16 -23.16 -49.03 30.90
C ARG E 16 -23.66 -47.60 31.06
N ASP E 17 -23.89 -47.15 32.30
CA ASP E 17 -24.32 -45.79 32.56
C ASP E 17 -23.23 -44.91 33.15
N VAL E 18 -22.07 -45.47 33.48
CA VAL E 18 -21.03 -44.69 34.11
C VAL E 18 -20.24 -43.93 33.05
N LEU E 19 -19.86 -42.69 33.37
CA LEU E 19 -19.13 -41.83 32.46
C LEU E 19 -17.66 -41.66 32.81
N VAL E 20 -17.26 -41.93 34.05
CA VAL E 20 -15.86 -41.88 34.48
C VAL E 20 -15.51 -43.27 34.98
N ARG E 21 -14.85 -44.06 34.14
CA ARG E 21 -14.56 -45.46 34.43
C ARG E 21 -13.17 -45.67 35.02
N GLY E 22 -12.36 -44.63 35.13
CA GLY E 22 -11.01 -44.79 35.63
C GLY E 22 -10.51 -43.56 36.36
N PHE E 23 -9.99 -43.79 37.56
CA PHE E 23 -9.45 -42.72 38.39
C PHE E 23 -8.18 -42.11 37.83
N GLY E 24 -7.46 -42.82 36.96
CA GLY E 24 -6.20 -42.32 36.44
C GLY E 24 -5.48 -43.33 35.58
N ASP E 25 -4.15 -43.41 35.71
CA ASP E 25 -3.37 -44.29 34.85
C ASP E 25 -2.31 -45.13 35.55
N SER E 26 -1.95 -44.85 36.80
CA SER E 26 -0.88 -45.58 37.46
C SER E 26 -1.36 -46.07 38.83
N VAL E 27 -0.56 -46.97 39.41
CA VAL E 27 -0.96 -47.64 40.64
C VAL E 27 -0.94 -46.69 41.83
N GLU E 28 0.05 -45.81 41.90
CA GLU E 28 0.19 -44.95 43.08
C GLU E 28 -0.86 -43.86 43.13
N GLU E 29 -1.28 -43.34 41.98
CA GLU E 29 -2.27 -42.26 41.99
C GLU E 29 -3.68 -42.77 42.24
N ALA E 30 -4.04 -43.96 41.74
CA ALA E 30 -5.39 -44.46 41.96
C ALA E 30 -5.64 -44.73 43.44
N LEU E 31 -4.67 -45.29 44.14
CA LEU E 31 -4.86 -45.57 45.57
C LEU E 31 -5.01 -44.28 46.37
N SER E 32 -4.49 -43.17 45.86
CA SER E 32 -4.65 -41.89 46.55
C SER E 32 -5.85 -41.11 46.00
N GLU E 33 -6.03 -41.09 44.68
CA GLU E 33 -7.12 -40.33 44.09
C GLU E 33 -8.47 -40.89 44.52
N ALA E 34 -8.60 -42.22 44.54
CA ALA E 34 -9.85 -42.84 44.96
C ALA E 34 -10.17 -42.52 46.41
N ARG E 35 -9.15 -42.56 47.28
CA ARG E 35 -9.37 -42.27 48.69
C ARG E 35 -9.82 -40.83 48.89
N GLU E 36 -9.37 -39.92 48.01
CA GLU E 36 -9.89 -38.56 48.01
C GLU E 36 -11.40 -38.57 47.77
N HIS E 37 -11.86 -39.41 46.85
CA HIS E 37 -13.29 -39.51 46.59
C HIS E 37 -14.04 -40.05 47.81
N LEU E 38 -13.41 -40.90 48.61
CA LEU E 38 -14.03 -41.37 49.84
C LEU E 38 -14.27 -40.22 50.80
N LYS E 39 -13.27 -39.37 51.00
CA LYS E 39 -13.42 -38.25 51.93
C LYS E 39 -14.38 -37.20 51.37
N ASN E 40 -14.50 -37.10 50.05
CA ASN E 40 -15.40 -36.13 49.44
C ASN E 40 -16.82 -36.66 49.28
N GLY E 41 -17.06 -37.94 49.56
CA GLY E 41 -18.39 -38.50 49.42
C GLY E 41 -18.94 -38.49 48.02
N THR E 42 -18.09 -38.76 47.03
CA THR E 42 -18.49 -38.75 45.62
C THR E 42 -18.09 -40.02 44.90
N CYS E 43 -18.03 -41.15 45.60
CA CYS E 43 -17.60 -42.42 45.04
C CYS E 43 -18.72 -43.45 45.14
N GLY E 44 -18.94 -44.19 44.06
CA GLY E 44 -19.89 -45.28 44.04
C GLY E 44 -19.20 -46.62 43.89
N LEU E 45 -20.03 -47.66 43.71
CA LEU E 45 -19.55 -49.02 43.50
C LEU E 45 -20.38 -49.69 42.43
N VAL E 46 -19.76 -50.65 41.73
CA VAL E 46 -20.45 -51.49 40.76
C VAL E 46 -20.26 -52.94 41.19
N GLU E 47 -21.37 -53.62 41.46
CA GLU E 47 -21.30 -55.00 41.90
C GLU E 47 -20.78 -55.91 40.79
N LEU E 48 -19.95 -56.87 41.16
CA LEU E 48 -19.21 -57.69 40.20
C LEU E 48 -20.07 -58.85 39.74
N GLU E 49 -20.13 -59.04 38.42
CA GLU E 49 -20.76 -60.19 37.80
C GLU E 49 -19.87 -60.68 36.66
N LYS E 50 -20.42 -61.58 35.85
CA LYS E 50 -19.70 -62.05 34.66
C LYS E 50 -19.90 -61.06 33.52
N GLY E 51 -18.80 -60.72 32.85
CA GLY E 51 -18.85 -59.80 31.73
C GLY E 51 -18.92 -58.34 32.09
N VAL E 52 -18.55 -57.97 33.32
CA VAL E 52 -18.59 -56.56 33.71
C VAL E 52 -17.20 -55.94 33.59
N LEU E 53 -16.15 -56.76 33.74
CA LEU E 53 -14.78 -56.23 33.69
C LEU E 53 -14.43 -55.58 32.36
N PRO E 54 -14.79 -56.12 31.18
CA PRO E 54 -14.33 -55.50 29.93
C PRO E 54 -14.93 -54.13 29.65
N GLN E 55 -15.89 -53.67 30.46
CA GLN E 55 -16.51 -52.36 30.28
C GLN E 55 -15.99 -51.32 31.26
N LEU E 56 -14.93 -51.64 32.00
CA LEU E 56 -14.30 -50.69 32.90
C LEU E 56 -12.81 -50.61 32.62
N GLU E 57 -12.21 -49.50 33.02
CA GLU E 57 -10.87 -49.14 32.56
C GLU E 57 -9.82 -49.48 33.61
N GLN E 58 -8.80 -50.24 33.18
CA GLN E 58 -7.62 -50.41 34.00
C GLN E 58 -6.91 -49.06 34.15
N PRO E 59 -6.39 -48.72 35.34
CA PRO E 59 -6.39 -49.46 36.62
C PRO E 59 -7.76 -49.57 37.29
N TYR E 60 -7.95 -50.65 38.04
CA TYR E 60 -9.18 -50.90 38.77
C TYR E 60 -8.97 -50.69 40.26
N VAL E 61 -10.04 -50.29 40.94
CA VAL E 61 -10.03 -50.09 42.38
C VAL E 61 -11.09 -51.03 42.99
N PHE E 62 -10.67 -51.87 43.92
CA PHE E 62 -11.54 -52.85 44.54
C PHE E 62 -11.62 -52.63 46.04
N ILE E 63 -12.75 -53.04 46.62
CA ILE E 63 -13.01 -52.94 48.05
C ILE E 63 -12.98 -54.34 48.65
N LYS E 64 -12.17 -54.53 49.69
CA LYS E 64 -11.92 -55.84 50.26
C LYS E 64 -12.42 -55.91 51.69
N ARG E 65 -13.05 -57.03 52.04
CA ARG E 65 -13.49 -57.29 53.41
C ARG E 65 -12.27 -57.62 54.25
N SER E 66 -11.85 -56.68 55.09
CA SER E 66 -10.71 -56.90 55.96
C SER E 66 -11.03 -57.79 57.16
N ASP E 67 -12.30 -57.92 57.51
CA ASP E 67 -12.71 -58.75 58.64
C ASP E 67 -14.16 -59.17 58.51
N LYS E 76 -19.52 -52.44 58.52
CA LYS E 76 -18.84 -53.34 57.59
C LYS E 76 -17.43 -52.84 57.31
N VAL E 77 -16.48 -53.31 58.10
CA VAL E 77 -15.09 -52.86 57.96
C VAL E 77 -14.51 -53.40 56.66
N VAL E 78 -13.93 -52.50 55.86
CA VAL E 78 -13.39 -52.85 54.55
C VAL E 78 -12.02 -52.21 54.39
N GLU E 79 -11.34 -52.60 53.31
CA GLU E 79 -10.04 -52.03 52.96
C GLU E 79 -9.98 -51.86 51.44
N LEU E 80 -8.93 -51.17 50.99
CA LEU E 80 -8.78 -50.81 49.58
C LEU E 80 -7.61 -51.57 48.97
N VAL E 81 -7.88 -52.27 47.87
CA VAL E 81 -6.86 -53.00 47.12
C VAL E 81 -7.09 -52.77 45.63
N ALA E 82 -6.03 -52.55 44.88
CA ALA E 82 -6.09 -52.32 43.45
C ALA E 82 -5.37 -53.45 42.73
N GLU E 83 -6.01 -54.00 41.70
CA GLU E 83 -5.48 -55.12 40.94
C GLU E 83 -5.11 -54.67 39.53
N MET E 84 -3.99 -55.21 39.04
CA MET E 84 -3.55 -54.97 37.67
C MET E 84 -3.81 -56.16 36.75
N ASP E 85 -3.29 -57.34 37.12
CA ASP E 85 -3.43 -58.53 36.29
C ASP E 85 -4.80 -59.19 36.39
N GLY E 86 -5.48 -59.07 37.52
CA GLY E 86 -6.78 -59.69 37.68
C GLY E 86 -6.77 -61.19 37.84
N ILE E 87 -5.79 -61.74 38.55
CA ILE E 87 -5.70 -63.19 38.70
C ILE E 87 -6.49 -63.66 39.92
N GLN E 88 -6.11 -63.19 41.11
CA GLN E 88 -6.66 -63.71 42.36
C GLN E 88 -7.13 -62.59 43.27
N TYR E 89 -7.78 -61.57 42.71
CA TYR E 89 -8.38 -60.51 43.51
C TYR E 89 -9.89 -60.44 43.33
N GLY E 90 -10.37 -60.35 42.09
CA GLY E 90 -11.81 -60.28 41.86
C GLY E 90 -12.53 -61.57 42.19
N ARG E 91 -11.92 -62.70 41.84
CA ARG E 91 -12.54 -64.01 42.03
C ARG E 91 -12.19 -64.54 43.43
N SER E 92 -13.12 -64.37 44.37
CA SER E 92 -12.94 -64.82 45.74
C SER E 92 -14.25 -64.61 46.48
N GLY E 93 -14.27 -65.06 47.73
CA GLY E 93 -15.39 -64.80 48.63
C GLY E 93 -15.28 -63.49 49.37
N ILE E 94 -14.28 -62.67 49.03
CA ILE E 94 -14.05 -61.40 49.71
C ILE E 94 -14.46 -60.19 48.86
N THR E 95 -14.49 -60.32 47.54
CA THR E 95 -14.82 -59.18 46.68
C THR E 95 -16.27 -58.76 46.87
N LEU E 96 -16.51 -57.45 46.82
CA LEU E 96 -17.85 -56.88 46.80
C LEU E 96 -18.16 -56.16 45.50
N GLY E 97 -17.24 -55.34 45.00
CA GLY E 97 -17.49 -54.59 43.79
C GLY E 97 -16.28 -53.76 43.40
N VAL E 98 -16.49 -52.90 42.41
CA VAL E 98 -15.46 -52.02 41.88
C VAL E 98 -15.88 -50.58 42.17
N LEU E 99 -14.99 -49.81 42.80
CA LEU E 99 -15.30 -48.45 43.19
C LEU E 99 -15.04 -47.50 42.03
N VAL E 100 -16.03 -46.66 41.72
CA VAL E 100 -15.94 -45.69 40.63
C VAL E 100 -16.49 -44.35 41.12
N PRO E 101 -16.07 -43.26 40.47
CA PRO E 101 -16.57 -41.94 40.87
C PRO E 101 -18.05 -41.79 40.59
N HIS E 102 -18.70 -40.90 41.35
CA HIS E 102 -20.10 -40.58 41.17
C HIS E 102 -20.23 -39.34 40.30
N VAL E 103 -21.07 -39.42 39.27
CA VAL E 103 -21.19 -38.36 38.28
C VAL E 103 -22.62 -37.84 38.23
N GLY E 104 -23.41 -38.15 39.26
CA GLY E 104 -24.77 -37.67 39.35
C GLY E 104 -25.82 -38.49 38.63
N GLU E 105 -25.42 -39.55 37.93
CA GLU E 105 -26.42 -40.43 37.35
C GLU E 105 -27.13 -41.22 38.46
N THR E 106 -28.35 -41.65 38.16
CA THR E 106 -29.22 -42.22 39.18
C THR E 106 -28.72 -43.60 39.57
N PRO E 107 -28.37 -43.84 40.84
CA PRO E 107 -27.99 -45.21 41.26
C PRO E 107 -29.22 -46.09 41.44
N ILE E 108 -29.01 -47.31 41.91
CA ILE E 108 -30.08 -48.26 42.18
C ILE E 108 -30.36 -48.36 43.68
N ALA E 109 -29.32 -48.61 44.47
CA ALA E 109 -29.46 -48.73 45.92
C ALA E 109 -28.18 -48.21 46.56
N TYR E 110 -28.03 -48.48 47.86
CA TYR E 110 -26.86 -48.06 48.63
C TYR E 110 -26.33 -49.23 49.43
N ARG E 111 -25.00 -49.36 49.44
CA ARG E 111 -24.32 -50.38 50.23
C ARG E 111 -23.45 -49.67 51.28
N ASN E 112 -23.61 -50.07 52.53
CA ASN E 112 -22.93 -49.41 53.65
C ASN E 112 -21.72 -50.22 54.08
N VAL E 113 -20.57 -49.55 54.17
CA VAL E 113 -19.31 -50.15 54.61
C VAL E 113 -18.64 -49.20 55.59
N LEU E 114 -17.58 -49.70 56.23
CA LEU E 114 -16.81 -48.96 57.21
C LEU E 114 -15.36 -48.88 56.76
N LEU E 115 -14.78 -47.69 56.82
CA LEU E 115 -13.41 -47.45 56.41
C LEU E 115 -12.50 -47.45 57.63
N ARG E 116 -11.40 -48.20 57.55
CA ARG E 116 -10.45 -48.28 58.65
C ARG E 116 -9.40 -47.18 58.54
N LYS E 117 -9.22 -46.44 59.63
CA LYS E 117 -8.21 -45.38 59.67
C LYS E 117 -7.02 -45.79 60.53
ZN ZN F . 29.49 43.43 26.62
ZN ZN G . -1.03 7.22 24.71
ZN ZN H . -20.31 -7.39 -69.74
FE1 SF4 I . -12.51 36.15 -4.28
FE2 SF4 I . -15.11 35.70 -4.99
FE3 SF4 I . -13.95 38.10 -5.55
FE4 SF4 I . -14.55 37.43 -2.96
S1 SF4 I . -16.01 37.76 -4.67
S2 SF4 I . -12.60 38.36 -3.73
S3 SF4 I . -14.14 35.19 -3.00
S4 SF4 I . -13.35 36.07 -6.40
#